data_7PHL
#
_entry.id   7PHL
#
_cell.length_a   1.00
_cell.length_b   1.00
_cell.length_c   1.00
_cell.angle_alpha   90.00
_cell.angle_beta   90.00
_cell.angle_gamma   90.00
#
_symmetry.space_group_name_H-M   'P 1'
#
loop_
_entity.id
_entity.type
_entity.pdbx_description
1 polymer 'Potassium voltage-gated channel, Shaw-related subfamily, member 1'
2 non-polymer 1,2-DIACYL-SN-GLYCERO-3-PHOSHOCHOLINE
3 non-polymer 'ZINC ION'
4 non-polymer 'POTASSIUM ION'
#
_entity_poly.entity_id   1
_entity_poly.type   'polypeptide(L)'
_entity_poly.pdbx_seq_one_letter_code
;MGQGDESERIVINVGGTRHQTHRSTLRTLPGTRLAWLAEPDAHSHFDYDPRADEFFFDRHPGVFAHILNYYRTGKLHCPA
DVCGPLYEEELAFWGIDETDVEPCCWMTYRQHRDAEEALDSFGGAPLDNSADDADADGPGDSGDGEDELEMTKRLALSDS
PDGRPGGFWRRWQPRIWALFEDPYSSRYARYVAFASLFFILVSITTFCLETHERFNPIVNKTEIENVRNGTQVRYYREAE
TEAFLTYIEGVCVVWFTFEFLMRVIFCPNKVEFIKNSLNIIDFVAILPFYLEVGLSGLSSKAAKDVLGFLRVVRFVRILR
IFKLTRHFVGLRVLGHTLRASTNEFLLLIIFLALGVLIFATMIYYAERIGAQPNDPSASEHTHFKNIPIGFWWAVVTMTT
LGYGDMYPQTWSGMLVGALCALAGVLTIAMPVPVIVNNFGMYYSLAMAKQKLPKKKKKHIPRPPQLGSPNYCKSVVNSPH
HSTQSDTCPLAQEEILEINRAGRKPLRGMSIAENLYFQ
;
_entity_poly.pdbx_strand_id   A,C,B,D
#
loop_
_chem_comp.id
_chem_comp.type
_chem_comp.name
_chem_comp.formula
K non-polymer 'POTASSIUM ION' 'K 1'
PCF non-polymer 1,2-DIACYL-SN-GLYCERO-3-PHOSHOCHOLINE 'C40 H80 N O8 P'
ZN non-polymer 'ZINC ION' 'Zn 2'
#
# COMPACT_ATOMS: atom_id res chain seq x y z
N SER A 7 43.50 38.11 -5.67
CA SER A 7 42.40 38.61 -6.48
C SER A 7 41.38 37.51 -6.75
N GLU A 8 40.13 37.92 -6.96
CA GLU A 8 39.02 37.03 -7.29
C GLU A 8 38.98 35.80 -6.38
N ARG A 9 39.42 35.98 -5.14
CA ARG A 9 39.40 34.95 -4.11
C ARG A 9 38.67 35.54 -2.91
N ILE A 10 37.45 35.09 -2.67
CA ILE A 10 36.64 35.65 -1.60
C ILE A 10 36.26 34.54 -0.64
N VAL A 11 36.37 34.82 0.66
CA VAL A 11 36.12 33.84 1.72
C VAL A 11 34.87 34.25 2.46
N ILE A 12 33.84 33.42 2.37
CA ILE A 12 32.57 33.67 3.07
C ILE A 12 32.61 32.86 4.36
N ASN A 13 32.41 33.52 5.48
CA ASN A 13 32.36 32.86 6.78
C ASN A 13 30.91 32.77 7.20
N VAL A 14 30.34 31.58 7.13
CA VAL A 14 28.95 31.37 7.49
C VAL A 14 28.93 30.53 8.75
N GLY A 15 28.49 31.13 9.85
CA GLY A 15 28.39 30.40 11.10
C GLY A 15 29.67 29.72 11.52
N GLY A 16 30.81 30.34 11.27
CA GLY A 16 32.09 29.79 11.68
C GLY A 16 32.71 28.78 10.75
N THR A 17 32.12 28.56 9.58
CA THR A 17 32.66 27.66 8.57
C THR A 17 33.07 28.50 7.38
N ARG A 18 34.35 28.45 7.01
CA ARG A 18 34.86 29.29 5.94
C ARG A 18 34.62 28.64 4.59
N HIS A 19 33.82 29.30 3.77
CA HIS A 19 33.56 28.87 2.40
C HIS A 19 34.36 29.77 1.48
N GLN A 20 35.10 29.17 0.57
CA GLN A 20 35.96 29.89 -0.35
C GLN A 20 35.45 29.68 -1.77
N THR A 21 35.46 30.75 -2.56
CA THR A 21 35.04 30.67 -3.95
C THR A 21 35.52 31.92 -4.69
N HIS A 22 35.47 31.84 -6.01
CA HIS A 22 35.90 32.95 -6.85
C HIS A 22 34.82 34.00 -6.96
N ARG A 23 35.24 35.26 -7.11
CA ARG A 23 34.26 36.35 -7.24
C ARG A 23 33.36 36.16 -8.46
N SER A 24 33.83 35.47 -9.49
CA SER A 24 33.02 35.26 -10.67
C SER A 24 31.81 34.40 -10.37
N THR A 25 32.01 33.33 -9.61
CA THR A 25 30.91 32.43 -9.28
C THR A 25 29.81 33.16 -8.52
N LEU A 26 30.18 34.02 -7.57
CA LEU A 26 29.19 34.85 -6.91
C LEU A 26 28.55 35.83 -7.88
N ARG A 27 29.35 36.39 -8.78
CA ARG A 27 28.85 37.40 -9.71
C ARG A 27 27.91 36.83 -10.77
N THR A 28 27.82 35.51 -10.92
CA THR A 28 26.95 34.94 -11.93
C THR A 28 25.50 35.36 -11.72
N LEU A 29 24.91 34.96 -10.60
CA LEU A 29 23.51 35.26 -10.32
C LEU A 29 23.36 36.68 -9.77
N PRO A 30 22.86 37.62 -10.56
CA PRO A 30 22.82 39.01 -10.11
C PRO A 30 21.61 39.29 -9.22
N GLY A 31 21.65 40.45 -8.58
CA GLY A 31 20.57 40.89 -7.73
C GLY A 31 20.50 40.24 -6.36
N THR A 32 21.11 39.07 -6.19
CA THR A 32 21.09 38.38 -4.92
C THR A 32 22.14 38.97 -3.98
N ARG A 33 22.02 38.67 -2.69
CA ARG A 33 22.91 39.24 -1.69
C ARG A 33 24.38 38.91 -1.97
N LEU A 34 24.67 37.64 -2.31
CA LEU A 34 26.04 37.26 -2.61
C LEU A 34 26.58 38.04 -3.81
N ALA A 35 25.72 38.31 -4.79
CA ALA A 35 26.14 39.15 -5.91
C ALA A 35 26.63 40.51 -5.41
N TRP A 36 25.85 41.14 -4.54
CA TRP A 36 26.29 42.40 -3.94
C TRP A 36 27.60 42.23 -3.20
N LEU A 37 27.81 41.07 -2.58
CA LEU A 37 29.09 40.76 -1.96
C LEU A 37 30.24 40.83 -2.97
N ALA A 38 30.04 40.24 -4.14
CA ALA A 38 31.09 40.24 -5.15
C ALA A 38 31.53 41.63 -5.59
N GLU A 39 30.72 42.66 -5.35
CA GLU A 39 31.06 44.00 -5.83
C GLU A 39 32.26 44.58 -5.09
N PRO A 40 32.91 45.58 -5.70
CA PRO A 40 34.10 46.19 -5.07
C PRO A 40 33.86 46.95 -3.77
N ASP A 41 32.66 47.50 -3.56
CA ASP A 41 32.38 48.27 -2.36
C ASP A 41 31.65 47.45 -1.29
N ALA A 42 31.82 46.13 -1.33
CA ALA A 42 31.18 45.24 -0.36
C ALA A 42 31.74 45.46 1.04
N HIS A 43 33.05 45.70 1.14
CA HIS A 43 33.70 45.87 2.44
C HIS A 43 32.96 46.89 3.30
N SER A 44 32.63 48.05 2.73
CA SER A 44 31.95 49.09 3.50
C SER A 44 30.55 48.64 3.92
N HIS A 45 29.82 48.01 3.00
CA HIS A 45 28.42 47.65 3.24
C HIS A 45 28.24 46.46 4.18
N PHE A 46 29.09 45.44 4.08
CA PHE A 46 28.91 44.22 4.85
C PHE A 46 29.81 44.17 6.08
N ASP A 47 29.63 43.11 6.86
CA ASP A 47 30.38 42.81 8.08
C ASP A 47 31.68 42.12 7.66
N TYR A 48 32.68 42.92 7.33
CA TYR A 48 33.96 42.43 6.85
C TYR A 48 35.08 42.93 7.75
N ASP A 49 35.89 41.99 8.23
CA ASP A 49 37.02 42.37 9.05
C ASP A 49 38.32 42.17 8.29
N PRO A 50 39.18 43.20 8.25
CA PRO A 50 40.39 43.13 7.44
C PRO A 50 41.44 42.16 7.96
N ARG A 51 41.31 41.70 9.21
CA ARG A 51 42.30 40.79 9.78
C ARG A 51 42.32 39.45 9.06
N ALA A 52 41.15 38.90 8.73
CA ALA A 52 41.08 37.59 8.09
C ALA A 52 40.53 37.65 6.67
N ASP A 53 40.13 38.83 6.20
CA ASP A 53 39.63 39.03 4.84
C ASP A 53 38.45 38.10 4.55
N GLU A 54 37.62 37.87 5.55
CA GLU A 54 36.45 37.01 5.44
C GLU A 54 35.20 37.78 5.81
N PHE A 55 34.14 37.63 5.02
CA PHE A 55 32.85 38.18 5.38
C PHE A 55 32.12 37.19 6.29
N PHE A 56 31.47 37.72 7.33
CA PHE A 56 30.85 36.88 8.34
C PHE A 56 29.34 36.99 8.24
N PHE A 57 28.68 35.85 8.05
CA PHE A 57 27.24 35.74 8.07
C PHE A 57 26.83 34.75 9.14
N ASP A 58 25.85 35.13 9.95
CA ASP A 58 25.44 34.33 11.10
C ASP A 58 24.29 33.40 10.73
N ARG A 59 24.58 32.47 9.83
CA ARG A 59 23.56 31.57 9.30
C ARG A 59 24.04 30.13 9.37
N HIS A 60 23.11 29.21 9.17
CA HIS A 60 23.41 27.80 9.09
C HIS A 60 24.39 27.55 7.95
N PRO A 61 25.53 26.90 8.20
CA PRO A 61 26.50 26.66 7.11
C PRO A 61 26.16 25.45 6.26
N GLY A 62 25.56 24.44 6.89
CA GLY A 62 25.23 23.20 6.21
C GLY A 62 24.33 23.36 5.00
N VAL A 63 23.56 24.45 4.94
CA VAL A 63 22.69 24.71 3.80
C VAL A 63 23.31 25.79 2.91
N PHE A 64 24.12 26.68 3.49
CA PHE A 64 24.85 27.60 2.64
C PHE A 64 25.75 26.87 1.68
N ALA A 65 26.22 25.67 2.04
CA ALA A 65 26.89 24.82 1.07
C ALA A 65 26.05 24.65 -0.19
N HIS A 66 24.78 24.29 -0.04
CA HIS A 66 23.91 24.04 -1.19
C HIS A 66 23.56 25.31 -1.94
N ILE A 67 23.39 26.42 -1.22
CA ILE A 67 23.13 27.70 -1.89
C ILE A 67 24.32 28.09 -2.78
N LEU A 68 25.52 28.02 -2.22
CA LEU A 68 26.70 28.32 -3.02
C LEU A 68 26.87 27.32 -4.14
N ASN A 69 26.41 26.09 -3.95
CA ASN A 69 26.43 25.13 -5.04
C ASN A 69 25.53 25.57 -6.19
N TYR A 70 24.35 26.12 -5.86
CA TYR A 70 23.51 26.71 -6.91
C TYR A 70 24.27 27.79 -7.66
N TYR A 71 24.99 28.63 -6.94
CA TYR A 71 25.82 29.63 -7.63
C TYR A 71 26.86 28.96 -8.53
N ARG A 72 27.44 27.86 -8.08
CA ARG A 72 28.55 27.24 -8.81
C ARG A 72 28.08 26.52 -10.07
N THR A 73 27.19 25.54 -9.92
CA THR A 73 26.79 24.72 -11.07
C THR A 73 25.73 25.40 -11.91
N GLY A 74 24.69 25.93 -11.28
CA GLY A 74 23.60 26.58 -12.00
C GLY A 74 22.24 25.96 -11.78
N LYS A 75 22.11 24.92 -10.96
CA LYS A 75 20.83 24.29 -10.67
C LYS A 75 20.64 24.24 -9.17
N LEU A 76 19.50 24.71 -8.69
CA LEU A 76 19.23 24.75 -7.27
C LEU A 76 18.52 23.47 -6.85
N HIS A 77 19.06 22.80 -5.83
CA HIS A 77 18.47 21.59 -5.31
C HIS A 77 18.16 21.75 -3.84
N CYS A 78 17.29 20.88 -3.34
CA CYS A 78 16.93 20.83 -1.92
C CYS A 78 17.81 19.82 -1.19
N PRO A 79 18.56 20.23 -0.17
CA PRO A 79 19.33 19.28 0.63
C PRO A 79 18.41 18.35 1.40
N ALA A 80 18.53 17.07 1.14
CA ALA A 80 17.59 16.10 1.70
C ALA A 80 17.80 15.87 3.17
N ASP A 81 18.66 16.60 3.87
CA ASP A 81 18.90 16.39 5.29
C ASP A 81 18.32 17.50 6.15
N VAL A 82 17.52 18.40 5.57
CA VAL A 82 16.86 19.46 6.30
C VAL A 82 15.41 19.53 5.86
N CYS A 83 14.53 19.85 6.80
CA CYS A 83 13.12 20.05 6.52
C CYS A 83 12.92 21.15 5.50
N GLY A 84 11.87 20.99 4.69
CA GLY A 84 11.55 21.94 3.66
C GLY A 84 11.46 23.38 4.15
N PRO A 85 10.76 23.62 5.28
CA PRO A 85 10.67 24.99 5.79
C PRO A 85 11.99 25.60 6.21
N LEU A 86 12.91 24.81 6.77
CA LEU A 86 14.23 25.35 7.12
C LEU A 86 14.97 25.86 5.90
N TYR A 87 15.00 25.03 4.85
CA TYR A 87 15.67 25.43 3.62
C TYR A 87 14.96 26.61 2.98
N GLU A 88 13.62 26.59 3.02
CA GLU A 88 12.84 27.71 2.54
C GLU A 88 13.28 29.02 3.18
N GLU A 89 13.38 29.02 4.52
CA GLU A 89 13.76 30.25 5.20
C GLU A 89 15.19 30.66 4.89
N GLU A 90 16.08 29.68 4.72
CA GLU A 90 17.48 30.02 4.43
C GLU A 90 17.61 30.65 3.05
N LEU A 91 17.06 30.01 2.02
CA LEU A 91 17.14 30.61 0.69
C LEU A 91 16.35 31.91 0.61
N ALA A 92 15.27 32.04 1.38
CA ALA A 92 14.59 33.32 1.45
C ALA A 92 15.51 34.41 1.97
N PHE A 93 16.31 34.09 2.99
CA PHE A 93 17.26 35.07 3.50
C PHE A 93 18.31 35.42 2.46
N TRP A 94 18.85 34.41 1.78
CA TRP A 94 19.91 34.63 0.81
C TRP A 94 19.45 35.31 -0.47
N GLY A 95 18.14 35.42 -0.69
CA GLY A 95 17.61 36.06 -1.88
C GLY A 95 17.27 35.14 -3.03
N ILE A 96 17.53 33.85 -2.90
CA ILE A 96 17.20 32.91 -3.96
C ILE A 96 15.70 32.77 -4.08
N ASP A 97 15.19 32.79 -5.31
CA ASP A 97 13.78 32.53 -5.55
C ASP A 97 13.47 31.06 -5.33
N GLU A 98 12.35 30.77 -4.67
CA GLU A 98 12.01 29.39 -4.34
C GLU A 98 11.48 28.61 -5.53
N THR A 99 11.09 29.29 -6.61
CA THR A 99 10.56 28.62 -7.78
C THR A 99 11.65 28.22 -8.77
N ASP A 100 12.89 28.11 -8.30
CA ASP A 100 14.01 27.70 -9.14
C ASP A 100 14.43 26.26 -8.90
N VAL A 101 13.98 25.63 -7.81
CA VAL A 101 14.45 24.30 -7.49
C VAL A 101 14.11 23.34 -8.61
N GLU A 102 14.98 22.37 -8.82
CA GLU A 102 14.82 21.38 -9.87
C GLU A 102 13.60 20.50 -9.60
N PRO A 103 12.93 20.01 -10.66
CA PRO A 103 11.78 19.13 -10.45
C PRO A 103 12.10 17.88 -9.65
N CYS A 104 13.36 17.47 -9.56
CA CYS A 104 13.72 16.33 -8.74
C CYS A 104 13.47 16.59 -7.26
N CYS A 105 13.46 17.86 -6.85
CA CYS A 105 13.34 18.26 -5.46
C CYS A 105 12.05 18.98 -5.14
N TRP A 106 11.34 19.46 -6.16
CA TRP A 106 10.15 20.27 -5.95
C TRP A 106 9.09 19.56 -5.12
N MET A 107 8.82 18.29 -5.40
CA MET A 107 7.73 17.63 -4.68
C MET A 107 8.07 17.38 -3.22
N THR A 108 9.33 17.04 -2.91
CA THR A 108 9.69 16.88 -1.50
C THR A 108 9.74 18.22 -0.79
N TYR A 109 10.20 19.25 -1.48
CA TYR A 109 10.32 20.59 -0.91
C TYR A 109 8.95 21.17 -0.61
N ARG A 110 8.18 21.47 -1.66
CA ARG A 110 6.84 22.02 -1.52
C ARG A 110 5.87 20.93 -1.09
N GLN A 111 6.07 20.40 0.11
CA GLN A 111 5.18 19.37 0.66
C GLN A 111 4.51 19.84 1.94
N HIS A 112 5.29 20.26 2.93
CA HIS A 112 4.68 20.78 4.15
C HIS A 112 3.87 22.03 3.86
N ARG A 113 4.33 22.87 2.94
CA ARG A 113 3.59 24.10 2.70
C ARG A 113 2.32 23.83 1.93
N ASP A 114 2.29 22.77 1.12
CA ASP A 114 1.06 22.37 0.48
C ASP A 114 0.07 21.82 1.51
N ALA A 115 0.52 20.88 2.35
CA ALA A 115 -0.34 20.35 3.39
C ALA A 115 -0.85 21.45 4.31
N GLU A 116 0.02 22.36 4.74
CA GLU A 116 -0.39 23.45 5.60
C GLU A 116 -1.41 24.36 4.92
N GLU A 117 -1.17 24.71 3.65
CA GLU A 117 -2.10 25.58 2.94
C GLU A 117 -3.45 24.91 2.78
N ALA A 118 -3.47 23.59 2.56
CA ALA A 118 -4.75 22.90 2.39
C ALA A 118 -5.48 22.78 3.71
N LEU A 119 -4.76 22.57 4.81
CA LEU A 119 -5.41 22.47 6.11
C LEU A 119 -5.85 23.82 6.65
N ASP A 120 -5.51 24.91 5.98
CA ASP A 120 -5.97 26.24 6.39
C ASP A 120 -6.76 26.89 5.27
N ARG A 170 -27.99 43.34 22.47
CA ARG A 170 -26.60 43.05 22.16
C ARG A 170 -25.85 42.53 23.38
N ARG A 171 -26.36 42.87 24.56
CA ARG A 171 -25.72 42.45 25.80
C ARG A 171 -25.83 40.94 26.01
N TRP A 172 -26.99 40.37 25.70
CA TRP A 172 -27.22 38.94 25.83
C TRP A 172 -26.91 38.17 24.55
N GLN A 173 -26.40 38.85 23.52
CA GLN A 173 -26.03 38.15 22.29
C GLN A 173 -24.92 37.13 22.46
N PRO A 174 -23.89 37.34 23.29
CA PRO A 174 -22.95 36.23 23.52
C PRO A 174 -23.62 35.01 24.11
N ARG A 175 -24.60 35.21 24.98
CA ARG A 175 -25.29 34.07 25.58
C ARG A 175 -26.26 33.41 24.60
N ILE A 176 -26.89 34.21 23.74
CA ILE A 176 -27.69 33.64 22.65
C ILE A 176 -26.81 32.78 21.76
N TRP A 177 -25.72 33.34 21.25
CA TRP A 177 -24.85 32.63 20.34
C TRP A 177 -24.12 31.47 21.00
N ALA A 178 -24.08 31.42 22.35
CA ALA A 178 -23.41 30.33 23.03
C ALA A 178 -24.06 28.97 22.78
N LEU A 179 -25.24 28.92 22.15
CA LEU A 179 -25.89 27.66 21.85
C LEU A 179 -25.40 27.07 20.54
N PHE A 180 -24.63 27.82 19.76
CA PHE A 180 -24.06 27.35 18.51
C PHE A 180 -22.55 27.20 18.56
N GLU A 181 -21.90 27.73 19.59
CA GLU A 181 -20.46 27.58 19.71
C GLU A 181 -20.10 26.13 20.01
N ASP A 182 -18.80 25.88 20.17
CA ASP A 182 -18.34 24.53 20.41
C ASP A 182 -18.96 23.99 21.70
N PRO A 183 -19.22 22.68 21.77
CA PRO A 183 -19.82 22.13 23.01
C PRO A 183 -18.92 22.31 24.21
N TYR A 184 -17.63 21.99 24.08
CA TYR A 184 -16.67 22.13 25.17
C TYR A 184 -16.44 23.58 25.59
N SER A 185 -16.92 24.56 24.81
CA SER A 185 -16.69 25.96 25.15
C SER A 185 -17.52 26.43 26.33
N SER A 186 -18.46 25.62 26.82
CA SER A 186 -19.29 25.97 27.96
C SER A 186 -19.97 24.69 28.44
N ARG A 187 -20.88 24.83 29.40
CA ARG A 187 -21.69 23.71 29.88
C ARG A 187 -23.04 23.67 29.19
N TYR A 188 -23.73 24.81 29.15
CA TYR A 188 -24.94 24.94 28.33
C TYR A 188 -24.69 24.52 26.89
N ALA A 189 -23.53 24.88 26.35
CA ALA A 189 -23.21 24.51 24.97
C ALA A 189 -23.17 22.99 24.82
N ARG A 190 -22.47 22.31 25.73
CA ARG A 190 -22.37 20.85 25.64
C ARG A 190 -23.74 20.20 25.85
N TYR A 191 -24.55 20.76 26.74
CA TYR A 191 -25.89 20.23 26.97
C TYR A 191 -26.75 20.35 25.71
N VAL A 192 -26.77 21.55 25.12
CA VAL A 192 -27.55 21.76 23.90
C VAL A 192 -27.03 20.86 22.77
N ALA A 193 -25.72 20.64 22.72
CA ALA A 193 -25.17 19.76 21.70
C ALA A 193 -25.65 18.33 21.89
N PHE A 194 -25.61 17.82 23.12
CA PHE A 194 -26.15 16.49 23.40
C PHE A 194 -27.62 16.41 23.03
N ALA A 195 -28.39 17.46 23.33
CA ALA A 195 -29.82 17.42 23.05
C ALA A 195 -30.07 17.38 21.54
N SER A 196 -29.36 18.21 20.79
CA SER A 196 -29.50 18.18 19.33
C SER A 196 -29.03 16.85 18.76
N LEU A 197 -28.04 16.22 19.38
CA LEU A 197 -27.63 14.88 18.95
C LEU A 197 -28.76 13.89 19.14
N PHE A 198 -29.35 13.88 20.34
CA PHE A 198 -30.49 13.00 20.60
C PHE A 198 -31.60 13.22 19.59
N PHE A 199 -31.90 14.48 19.28
CA PHE A 199 -33.06 14.74 18.43
C PHE A 199 -32.77 14.43 16.96
N ILE A 200 -31.55 14.67 16.50
CA ILE A 200 -31.19 14.25 15.14
C ILE A 200 -31.26 12.74 15.01
N LEU A 201 -30.75 12.02 16.00
CA LEU A 201 -30.82 10.56 15.95
C LEU A 201 -32.27 10.07 15.95
N VAL A 202 -33.12 10.72 16.75
CA VAL A 202 -34.53 10.33 16.78
C VAL A 202 -35.19 10.58 15.43
N SER A 203 -34.89 11.70 14.80
CA SER A 203 -35.43 11.98 13.48
C SER A 203 -35.01 10.92 12.47
N ILE A 204 -33.71 10.58 12.46
CA ILE A 204 -33.22 9.60 11.51
C ILE A 204 -33.88 8.24 11.73
N THR A 205 -34.01 7.82 13.00
CA THR A 205 -34.65 6.54 13.27
C THR A 205 -36.12 6.56 12.87
N THR A 206 -36.83 7.66 13.11
CA THR A 206 -38.21 7.77 12.67
C THR A 206 -38.31 7.61 11.16
N PHE A 207 -37.42 8.27 10.41
CA PHE A 207 -37.38 8.13 8.96
C PHE A 207 -37.21 6.68 8.55
N CYS A 208 -36.15 6.04 9.06
CA CYS A 208 -35.84 4.67 8.66
C CYS A 208 -36.94 3.69 9.05
N LEU A 209 -37.65 3.94 10.15
CA LEU A 209 -38.76 3.06 10.52
C LEU A 209 -40.02 3.38 9.75
N GLU A 210 -40.17 4.64 9.32
CA GLU A 210 -41.32 5.04 8.52
C GLU A 210 -41.31 4.33 7.18
N THR A 211 -40.12 4.07 6.64
CA THR A 211 -40.06 3.36 5.37
C THR A 211 -40.30 1.86 5.49
N HIS A 212 -40.50 1.35 6.70
CA HIS A 212 -40.65 -0.08 6.93
C HIS A 212 -42.08 -0.55 6.67
N GLU A 213 -42.23 -1.86 6.52
CA GLU A 213 -43.54 -2.47 6.30
C GLU A 213 -44.33 -2.63 7.59
N ARG A 214 -43.67 -3.11 8.65
CA ARG A 214 -44.34 -3.34 9.92
C ARG A 214 -45.08 -2.11 10.43
N PHE A 215 -44.58 -0.92 10.10
CA PHE A 215 -45.18 0.34 10.55
C PHE A 215 -46.04 0.98 9.47
N ASN A 216 -46.31 0.29 8.37
CA ASN A 216 -47.15 0.80 7.29
C ASN A 216 -48.20 -0.23 6.88
N PRO A 217 -49.13 -0.56 7.76
CA PRO A 217 -50.23 -1.43 7.34
C PRO A 217 -51.21 -0.67 6.46
N ILE A 218 -51.91 -1.42 5.62
CA ILE A 218 -52.90 -0.85 4.71
C ILE A 218 -54.27 -1.08 5.30
N VAL A 219 -55.00 0.01 5.55
CA VAL A 219 -56.30 -0.07 6.17
C VAL A 219 -57.37 -0.28 5.09
N ASN A 220 -58.51 -0.82 5.50
CA ASN A 220 -59.62 -1.09 4.60
C ASN A 220 -60.48 0.17 4.43
N LYS A 221 -59.87 1.21 3.88
CA LYS A 221 -60.51 2.50 3.69
C LYS A 221 -60.73 2.75 2.21
N THR A 222 -61.96 3.05 1.83
CA THR A 222 -62.30 3.35 0.44
C THR A 222 -63.09 4.65 0.35
N TYR A 236 -60.05 4.09 -3.27
CA TYR A 236 -58.60 3.88 -3.25
C TYR A 236 -58.15 3.32 -1.92
N ARG A 237 -57.23 2.36 -1.95
CA ARG A 237 -56.70 1.72 -0.75
C ARG A 237 -55.18 1.76 -0.81
N GLU A 238 -54.57 2.42 0.17
CA GLU A 238 -53.12 2.51 0.25
C GLU A 238 -52.69 2.35 1.70
N ALA A 239 -51.45 1.92 1.88
CA ALA A 239 -50.87 1.82 3.21
C ALA A 239 -50.73 3.20 3.85
N GLU A 240 -50.99 3.27 5.14
CA GLU A 240 -50.84 4.50 5.91
C GLU A 240 -49.86 4.28 7.05
N THR A 241 -49.16 5.34 7.42
CA THR A 241 -48.17 5.30 8.48
C THR A 241 -48.85 5.52 9.83
N GLU A 242 -48.29 4.89 10.86
CA GLU A 242 -48.86 5.01 12.19
C GLU A 242 -48.78 6.44 12.71
N ALA A 243 -49.71 6.78 13.60
CA ALA A 243 -49.75 8.13 14.17
C ALA A 243 -48.54 8.42 15.04
N PHE A 244 -48.00 7.40 15.73
CA PHE A 244 -46.88 7.64 16.64
C PHE A 244 -45.67 8.21 15.90
N LEU A 245 -45.42 7.73 14.69
CA LEU A 245 -44.33 8.29 13.90
C LEU A 245 -44.58 9.75 13.58
N THR A 246 -45.80 10.11 13.19
CA THR A 246 -46.12 11.50 12.90
C THR A 246 -45.95 12.37 14.13
N TYR A 247 -46.33 11.86 15.30
CA TYR A 247 -46.18 12.63 16.53
C TYR A 247 -44.71 12.86 16.86
N ILE A 248 -43.88 11.82 16.74
CA ILE A 248 -42.46 11.99 17.00
C ILE A 248 -41.84 12.97 16.01
N GLU A 249 -42.26 12.90 14.74
CA GLU A 249 -41.78 13.85 13.76
C GLU A 249 -42.19 15.28 14.13
N GLY A 250 -43.42 15.46 14.58
CA GLY A 250 -43.84 16.77 15.04
C GLY A 250 -43.01 17.30 16.18
N VAL A 251 -42.71 16.45 17.16
CA VAL A 251 -41.86 16.86 18.28
C VAL A 251 -40.49 17.30 17.79
N CYS A 252 -39.87 16.49 16.93
CA CYS A 252 -38.55 16.85 16.41
C CYS A 252 -38.59 18.13 15.61
N VAL A 253 -39.66 18.35 14.86
CA VAL A 253 -39.80 19.59 14.10
C VAL A 253 -39.95 20.79 15.02
N VAL A 254 -40.70 20.63 16.11
CA VAL A 254 -40.83 21.72 17.08
C VAL A 254 -39.46 22.08 17.63
N TRP A 255 -38.67 21.07 18.01
CA TRP A 255 -37.35 21.34 18.58
C TRP A 255 -36.43 21.99 17.57
N PHE A 256 -36.40 21.48 16.35
CA PHE A 256 -35.53 22.04 15.32
C PHE A 256 -35.94 23.46 14.96
N THR A 257 -37.24 23.73 14.93
CA THR A 257 -37.69 25.09 14.65
C THR A 257 -37.32 26.04 15.78
N PHE A 258 -37.36 25.56 17.03
CA PHE A 258 -36.91 26.39 18.14
C PHE A 258 -35.42 26.71 18.02
N GLU A 259 -34.61 25.69 17.73
CA GLU A 259 -33.18 25.92 17.52
C GLU A 259 -32.94 26.90 16.36
N PHE A 260 -33.64 26.71 15.26
CA PHE A 260 -33.43 27.55 14.08
C PHE A 260 -33.84 28.99 14.35
N LEU A 261 -34.93 29.19 15.09
CA LEU A 261 -35.34 30.55 15.44
C LEU A 261 -34.35 31.20 16.39
N MET A 262 -33.88 30.47 17.41
CA MET A 262 -32.88 31.01 18.30
C MET A 262 -31.60 31.37 17.56
N ARG A 263 -31.25 30.60 16.53
CA ARG A 263 -30.05 30.89 15.76
C ARG A 263 -30.28 31.99 14.74
N VAL A 264 -31.52 32.23 14.35
CA VAL A 264 -31.84 33.37 13.48
C VAL A 264 -31.84 34.67 14.28
N ILE A 265 -32.17 34.60 15.58
CA ILE A 265 -32.15 35.79 16.44
C ILE A 265 -30.85 36.56 16.26
N PHE A 266 -29.72 35.85 16.26
CA PHE A 266 -28.41 36.47 16.09
C PHE A 266 -27.79 35.86 14.84
N CYS A 267 -27.66 36.66 13.78
CA CYS A 267 -27.13 36.21 12.50
C CYS A 267 -26.18 37.25 11.93
N PRO A 268 -24.98 37.37 12.49
CA PRO A 268 -24.00 38.30 11.92
C PRO A 268 -23.55 37.82 10.55
N ASN A 269 -23.29 38.79 9.67
CA ASN A 269 -22.87 38.53 8.29
C ASN A 269 -23.85 37.59 7.60
N LYS A 270 -25.13 38.02 7.61
CA LYS A 270 -26.23 37.19 7.14
C LYS A 270 -26.01 36.63 5.74
N VAL A 271 -25.18 37.28 4.93
CA VAL A 271 -24.87 36.74 3.61
C VAL A 271 -24.14 35.41 3.73
N GLU A 272 -23.13 35.36 4.60
CA GLU A 272 -22.42 34.09 4.81
C GLU A 272 -23.25 33.10 5.59
N PHE A 273 -24.17 33.59 6.44
CA PHE A 273 -25.10 32.70 7.13
C PHE A 273 -26.01 31.99 6.13
N ILE A 274 -26.46 32.71 5.10
CA ILE A 274 -27.27 32.05 4.07
C ILE A 274 -26.39 31.20 3.17
N LYS A 275 -25.13 31.62 2.96
CA LYS A 275 -24.22 30.81 2.17
C LYS A 275 -23.75 29.58 2.93
N ASN A 276 -23.88 29.57 4.25
CA ASN A 276 -23.50 28.44 5.08
C ASN A 276 -24.36 27.25 4.70
N SER A 277 -23.73 26.20 4.16
CA SER A 277 -24.49 25.05 3.67
C SER A 277 -25.26 24.34 4.78
N LEU A 278 -24.76 24.37 6.01
CA LEU A 278 -25.45 23.67 7.11
C LEU A 278 -26.81 24.28 7.37
N ASN A 279 -26.89 25.61 7.48
CA ASN A 279 -28.19 26.24 7.67
C ASN A 279 -29.10 26.01 6.47
N ILE A 280 -28.53 25.96 5.27
CA ILE A 280 -29.34 25.63 4.09
C ILE A 280 -29.97 24.26 4.26
N ILE A 281 -29.18 23.27 4.66
CA ILE A 281 -29.70 21.92 4.88
C ILE A 281 -30.77 21.93 5.96
N ASP A 282 -30.53 22.68 7.03
CA ASP A 282 -31.51 22.75 8.12
C ASP A 282 -32.84 23.30 7.62
N PHE A 283 -32.80 24.40 6.87
CA PHE A 283 -34.03 25.00 6.40
C PHE A 283 -34.75 24.11 5.39
N VAL A 284 -34.01 23.50 4.47
CA VAL A 284 -34.63 22.59 3.50
C VAL A 284 -35.23 21.38 4.21
N ALA A 285 -34.60 20.92 5.28
CA ALA A 285 -35.12 19.78 6.01
C ALA A 285 -36.36 20.14 6.83
N ILE A 286 -36.42 21.39 7.31
CA ILE A 286 -37.57 21.80 8.11
C ILE A 286 -38.71 22.32 7.24
N LEU A 287 -38.48 22.52 5.95
CA LEU A 287 -39.55 22.99 5.07
C LEU A 287 -40.72 22.01 4.92
N PRO A 288 -40.51 20.70 4.71
CA PRO A 288 -41.66 19.84 4.39
C PRO A 288 -42.70 19.76 5.48
N PHE A 289 -42.30 19.65 6.74
CA PHE A 289 -43.28 19.57 7.81
C PHE A 289 -44.07 20.86 7.90
N TYR A 290 -43.38 22.00 7.92
CA TYR A 290 -44.04 23.29 7.99
C TYR A 290 -44.99 23.48 6.81
N LEU A 291 -44.74 22.82 5.69
CA LEU A 291 -45.61 22.95 4.53
C LEU A 291 -46.93 22.22 4.69
N GLU A 292 -47.14 21.52 5.82
CA GLU A 292 -48.42 20.86 6.05
C GLU A 292 -49.56 21.88 6.10
N VAL A 293 -49.34 23.01 6.77
CA VAL A 293 -50.34 24.07 6.79
C VAL A 293 -50.46 24.72 5.42
N GLY A 294 -49.33 24.93 4.75
CA GLY A 294 -49.36 25.63 3.47
C GLY A 294 -50.11 24.87 2.39
N LEU A 295 -49.94 23.56 2.34
CA LEU A 295 -50.61 22.75 1.32
C LEU A 295 -52.13 22.80 1.49
N SER A 300 -55.61 21.70 -5.33
CA SER A 300 -55.35 20.31 -4.96
C SER A 300 -54.49 19.62 -6.01
N LYS A 301 -54.57 20.10 -7.24
CA LYS A 301 -53.81 19.48 -8.33
C LYS A 301 -52.32 19.73 -8.16
N ALA A 302 -51.93 20.99 -7.91
CA ALA A 302 -50.54 21.28 -7.58
C ALA A 302 -50.12 20.62 -6.27
N ALA A 303 -51.05 20.40 -5.36
CA ALA A 303 -50.72 19.80 -4.07
C ALA A 303 -50.11 18.41 -4.23
N LYS A 304 -50.57 17.66 -5.23
CA LYS A 304 -50.01 16.32 -5.42
C LYS A 304 -48.58 16.38 -5.89
N ASP A 305 -48.27 17.27 -6.84
CA ASP A 305 -46.89 17.43 -7.28
C ASP A 305 -45.99 17.95 -6.16
N VAL A 306 -46.51 18.86 -5.33
CA VAL A 306 -45.65 19.39 -4.28
C VAL A 306 -45.43 18.35 -3.20
N LEU A 307 -46.41 17.49 -2.94
CA LEU A 307 -46.17 16.37 -2.03
C LEU A 307 -45.16 15.38 -2.62
N GLY A 308 -45.25 15.12 -3.92
CA GLY A 308 -44.31 14.22 -4.56
C GLY A 308 -42.88 14.74 -4.47
N PHE A 309 -42.68 16.04 -4.70
CA PHE A 309 -41.36 16.61 -4.48
C PHE A 309 -41.04 16.79 -3.00
N LEU A 310 -42.05 16.79 -2.13
CA LEU A 310 -41.80 16.93 -0.70
C LEU A 310 -41.20 15.65 -0.13
N ARG A 311 -41.64 14.49 -0.64
CA ARG A 311 -40.97 13.25 -0.28
C ARG A 311 -39.48 13.31 -0.65
N VAL A 312 -39.17 13.83 -1.84
CA VAL A 312 -37.77 13.93 -2.27
C VAL A 312 -37.02 14.94 -1.42
N VAL A 313 -37.69 15.99 -0.94
CA VAL A 313 -37.04 16.92 -0.03
C VAL A 313 -36.77 16.24 1.30
N ARG A 314 -37.78 15.55 1.85
CA ARG A 314 -37.62 14.79 3.09
C ARG A 314 -36.44 13.84 2.99
N PHE A 315 -36.16 13.34 1.78
CA PHE A 315 -35.00 12.48 1.56
C PHE A 315 -33.72 13.07 2.14
N VAL A 316 -33.61 14.40 2.19
CA VAL A 316 -32.43 15.05 2.76
C VAL A 316 -32.38 14.98 4.27
N ARG A 317 -33.48 14.59 4.94
CA ARG A 317 -33.50 14.62 6.41
C ARG A 317 -32.38 13.81 7.04
N ILE A 318 -31.78 12.87 6.32
CA ILE A 318 -30.62 12.17 6.85
C ILE A 318 -29.37 13.05 6.82
N LEU A 319 -29.38 14.13 6.05
CA LEU A 319 -28.20 14.99 5.96
C LEU A 319 -28.01 15.86 7.18
N ARG A 320 -28.93 15.84 8.16
CA ARG A 320 -28.72 16.61 9.36
C ARG A 320 -27.62 16.02 10.25
N ILE A 321 -27.12 14.83 9.92
CA ILE A 321 -26.07 14.22 10.72
C ILE A 321 -24.74 14.94 10.51
N PHE A 322 -24.58 15.64 9.39
CA PHE A 322 -23.34 16.39 9.19
C PHE A 322 -23.25 17.56 10.14
N LYS A 323 -24.39 18.06 10.63
CA LYS A 323 -24.37 19.11 11.63
C LYS A 323 -23.59 18.67 12.85
N LEU A 324 -23.79 17.43 13.28
CA LEU A 324 -23.05 16.90 14.41
C LEU A 324 -21.63 16.54 14.02
N THR A 325 -21.46 15.83 12.90
CA THR A 325 -20.14 15.32 12.56
C THR A 325 -19.18 16.39 12.05
N ARG A 326 -19.62 17.64 11.88
CA ARG A 326 -18.69 18.67 11.42
C ARG A 326 -17.58 18.95 12.42
N HIS A 327 -17.86 18.80 13.72
CA HIS A 327 -16.87 19.05 14.75
C HIS A 327 -15.83 17.95 14.88
N PHE A 328 -15.97 16.86 14.13
CA PHE A 328 -14.98 15.81 14.14
C PHE A 328 -13.77 16.25 13.32
N VAL A 329 -12.61 15.67 13.65
CA VAL A 329 -11.37 16.05 12.96
C VAL A 329 -11.18 15.24 11.69
N GLY A 330 -11.31 13.92 11.76
CA GLY A 330 -11.14 13.10 10.58
C GLY A 330 -12.02 13.52 9.42
N LEU A 331 -13.21 14.03 9.70
CA LEU A 331 -14.09 14.46 8.62
C LEU A 331 -13.59 15.74 7.97
N ARG A 332 -13.09 16.69 8.77
CA ARG A 332 -12.51 17.88 8.15
C ARG A 332 -11.28 17.51 7.33
N VAL A 333 -10.46 16.60 7.83
CA VAL A 333 -9.30 16.13 7.05
C VAL A 333 -9.76 15.49 5.74
N LEU A 334 -10.85 14.73 5.79
CA LEU A 334 -11.35 14.10 4.57
C LEU A 334 -11.87 15.14 3.60
N GLY A 335 -12.54 16.17 4.10
CA GLY A 335 -12.99 17.24 3.23
C GLY A 335 -11.83 17.94 2.55
N HIS A 336 -10.78 18.22 3.30
CA HIS A 336 -9.59 18.86 2.73
C HIS A 336 -8.92 17.96 1.71
N THR A 337 -8.86 16.65 2.00
CA THR A 337 -8.30 15.69 1.06
C THR A 337 -9.07 15.67 -0.25
N LEU A 338 -10.40 15.55 -0.16
CA LEU A 338 -11.23 15.57 -1.36
C LEU A 338 -10.99 16.85 -2.15
N ARG A 339 -11.13 18.00 -1.50
CA ARG A 339 -10.95 19.28 -2.18
C ARG A 339 -9.54 19.45 -2.75
N ALA A 340 -8.57 18.69 -2.24
CA ALA A 340 -7.19 18.82 -2.70
C ALA A 340 -6.76 17.71 -3.65
N SER A 341 -7.64 16.76 -3.96
CA SER A 341 -7.32 15.64 -4.85
C SER A 341 -8.33 15.55 -5.96
N THR A 342 -8.75 16.71 -6.50
CA THR A 342 -9.69 16.72 -7.60
C THR A 342 -9.10 16.06 -8.84
N ASN A 343 -7.83 16.33 -9.14
CA ASN A 343 -7.21 15.78 -10.34
C ASN A 343 -7.22 14.26 -10.31
N GLU A 344 -6.88 13.66 -9.17
CA GLU A 344 -6.87 12.20 -9.11
C GLU A 344 -8.27 11.63 -9.18
N PHE A 345 -9.28 12.35 -8.70
CA PHE A 345 -10.65 11.88 -8.85
C PHE A 345 -11.07 11.88 -10.31
N LEU A 346 -10.75 12.96 -11.02
CA LEU A 346 -11.03 12.99 -12.45
C LEU A 346 -10.29 11.88 -13.18
N LEU A 347 -9.05 11.61 -12.77
CA LEU A 347 -8.28 10.53 -13.37
C LEU A 347 -8.95 9.18 -13.13
N LEU A 348 -9.41 8.94 -11.91
CA LEU A 348 -10.08 7.69 -11.60
C LEU A 348 -11.36 7.54 -12.40
N ILE A 349 -12.13 8.61 -12.53
CA ILE A 349 -13.39 8.53 -13.27
C ILE A 349 -13.13 8.28 -14.74
N ILE A 350 -12.11 8.91 -15.32
CA ILE A 350 -11.78 8.65 -16.72
C ILE A 350 -11.32 7.21 -16.92
N PHE A 351 -10.44 6.72 -16.04
CA PHE A 351 -10.00 5.34 -16.15
C PHE A 351 -11.17 4.38 -16.10
N LEU A 352 -12.07 4.58 -15.12
CA LEU A 352 -13.22 3.70 -14.98
C LEU A 352 -14.15 3.80 -16.18
N ALA A 353 -14.35 4.99 -16.73
CA ALA A 353 -15.25 5.12 -17.87
C ALA A 353 -14.69 4.42 -19.09
N LEU A 354 -13.40 4.62 -19.38
CA LEU A 354 -12.79 3.92 -20.50
C LEU A 354 -12.85 2.40 -20.31
N GLY A 355 -12.47 1.93 -19.12
CA GLY A 355 -12.51 0.49 -18.88
C GLY A 355 -13.91 -0.07 -19.04
N VAL A 356 -14.90 0.61 -18.47
CA VAL A 356 -16.28 0.15 -18.53
C VAL A 356 -16.76 0.08 -19.97
N LEU A 357 -16.55 1.14 -20.73
CA LEU A 357 -16.98 1.16 -22.13
C LEU A 357 -16.34 0.03 -22.92
N ILE A 358 -15.01 -0.05 -22.86
CA ILE A 358 -14.28 -1.03 -23.66
C ILE A 358 -14.71 -2.45 -23.29
N PHE A 359 -14.75 -2.75 -21.99
CA PHE A 359 -15.05 -4.12 -21.60
C PHE A 359 -16.51 -4.47 -21.80
N ALA A 360 -17.43 -3.49 -21.72
CA ALA A 360 -18.82 -3.76 -22.05
C ALA A 360 -18.95 -4.15 -23.51
N THR A 361 -18.32 -3.38 -24.40
CA THR A 361 -18.36 -3.75 -25.82
C THR A 361 -17.73 -5.12 -26.06
N MET A 362 -16.57 -5.37 -25.45
CA MET A 362 -15.88 -6.63 -25.67
C MET A 362 -16.71 -7.82 -25.18
N ILE A 363 -17.33 -7.71 -24.01
CA ILE A 363 -18.08 -8.86 -23.50
C ILE A 363 -19.36 -9.06 -24.29
N TYR A 364 -20.01 -7.97 -24.70
CA TYR A 364 -21.21 -8.12 -25.52
C TYR A 364 -20.91 -8.83 -26.83
N TYR A 365 -19.77 -8.52 -27.45
CA TYR A 365 -19.44 -9.21 -28.70
C TYR A 365 -18.90 -10.60 -28.47
N ALA A 366 -18.16 -10.82 -27.39
CA ALA A 366 -17.63 -12.15 -27.10
C ALA A 366 -18.76 -13.14 -26.84
N GLU A 367 -19.78 -12.72 -26.09
CA GLU A 367 -20.86 -13.63 -25.71
C GLU A 367 -21.77 -13.99 -26.88
N ARG A 368 -21.66 -13.30 -28.01
CA ARG A 368 -22.46 -13.63 -29.17
C ARG A 368 -21.80 -14.65 -30.09
N ILE A 369 -20.52 -14.96 -29.88
CA ILE A 369 -19.85 -15.94 -30.72
C ILE A 369 -20.52 -17.29 -30.62
N GLY A 370 -20.78 -17.74 -29.40
CA GLY A 370 -21.44 -19.00 -29.14
C GLY A 370 -22.96 -18.98 -29.13
N ALA A 371 -23.58 -17.92 -29.63
CA ALA A 371 -25.04 -17.86 -29.67
C ALA A 371 -25.61 -18.98 -30.52
N GLN A 372 -26.66 -19.61 -30.02
CA GLN A 372 -27.32 -20.69 -30.75
C GLN A 372 -28.02 -20.12 -31.97
N PRO A 373 -27.91 -20.75 -33.14
CA PRO A 373 -28.57 -20.19 -34.33
C PRO A 373 -30.08 -20.35 -34.32
N ASN A 374 -30.62 -21.24 -33.50
CA ASN A 374 -32.07 -21.47 -33.48
C ASN A 374 -32.85 -20.22 -33.08
N ASP A 375 -32.50 -19.60 -31.96
CA ASP A 375 -33.30 -18.50 -31.43
C ASP A 375 -33.34 -17.32 -32.40
N PRO A 376 -34.51 -16.70 -32.60
CA PRO A 376 -34.58 -15.54 -33.49
C PRO A 376 -33.75 -14.37 -32.99
N SER A 377 -33.77 -14.11 -31.69
CA SER A 377 -32.99 -13.04 -31.11
C SER A 377 -31.51 -13.37 -31.16
N ALA A 378 -30.68 -12.32 -31.21
CA ALA A 378 -29.24 -12.52 -31.25
C ALA A 378 -28.73 -13.20 -29.98
N SER A 379 -29.25 -12.82 -28.83
CA SER A 379 -28.79 -13.36 -27.56
C SER A 379 -29.99 -13.72 -26.69
N GLU A 380 -30.11 -15.00 -26.36
CA GLU A 380 -31.15 -15.54 -25.51
C GLU A 380 -30.61 -16.21 -24.26
N HIS A 381 -29.44 -16.83 -24.36
CA HIS A 381 -28.82 -17.59 -23.28
C HIS A 381 -27.83 -16.78 -22.47
N THR A 382 -27.58 -15.53 -22.83
CA THR A 382 -26.59 -14.69 -22.17
C THR A 382 -27.26 -13.53 -21.46
N HIS A 383 -26.69 -13.14 -20.33
CA HIS A 383 -27.16 -11.93 -19.66
C HIS A 383 -26.82 -10.67 -20.42
N PHE A 384 -25.84 -10.75 -21.34
CA PHE A 384 -25.34 -9.58 -22.05
C PHE A 384 -26.11 -9.40 -23.36
N LYS A 385 -27.36 -9.00 -23.19
CA LYS A 385 -28.25 -8.77 -24.32
C LYS A 385 -27.96 -7.46 -25.04
N ASN A 386 -27.21 -6.55 -24.41
CA ASN A 386 -26.84 -5.28 -25.03
C ASN A 386 -25.61 -4.76 -24.31
N ILE A 387 -25.19 -3.56 -24.67
CA ILE A 387 -23.93 -3.02 -24.14
C ILE A 387 -24.11 -2.35 -22.77
N PRO A 388 -25.15 -1.52 -22.53
CA PRO A 388 -25.30 -0.93 -21.19
C PRO A 388 -25.31 -1.92 -20.03
N ILE A 389 -26.02 -3.04 -20.20
CA ILE A 389 -25.88 -4.15 -19.28
C ILE A 389 -24.41 -4.50 -19.11
N GLY A 390 -23.65 -4.39 -20.19
CA GLY A 390 -22.21 -4.57 -20.08
C GLY A 390 -21.58 -3.53 -19.17
N PHE A 391 -22.07 -2.30 -19.21
CA PHE A 391 -21.54 -1.27 -18.30
C PHE A 391 -21.70 -1.70 -16.85
N TRP A 392 -22.89 -2.16 -16.50
CA TRP A 392 -23.15 -2.60 -15.12
C TRP A 392 -22.23 -3.76 -14.74
N TRP A 393 -22.17 -4.79 -15.58
CA TRP A 393 -21.31 -5.93 -15.28
C TRP A 393 -19.86 -5.50 -15.16
N ALA A 394 -19.40 -4.61 -16.04
CA ALA A 394 -18.01 -4.19 -16.03
C ALA A 394 -17.65 -3.45 -14.76
N VAL A 395 -18.55 -2.60 -14.25
CA VAL A 395 -18.28 -1.94 -12.99
C VAL A 395 -18.18 -2.96 -11.85
N VAL A 396 -19.21 -3.81 -11.75
CA VAL A 396 -19.26 -4.82 -10.69
C VAL A 396 -18.06 -5.74 -10.74
N THR A 397 -17.51 -6.00 -11.92
CA THR A 397 -16.39 -6.92 -12.07
C THR A 397 -15.04 -6.24 -11.90
N MET A 398 -14.91 -4.98 -12.32
CA MET A 398 -13.63 -4.28 -12.16
C MET A 398 -13.39 -3.89 -10.71
N THR A 399 -14.44 -3.56 -9.96
CA THR A 399 -14.23 -3.26 -8.54
C THR A 399 -14.08 -4.52 -7.70
N THR A 400 -13.89 -5.68 -8.32
CA THR A 400 -13.86 -6.99 -7.65
C THR A 400 -15.06 -7.21 -6.76
N LEU A 401 -16.17 -6.55 -7.07
CA LEU A 401 -17.37 -6.77 -6.29
C LEU A 401 -17.98 -8.12 -6.64
N GLY A 402 -18.36 -8.31 -7.89
CA GLY A 402 -18.82 -9.60 -8.33
C GLY A 402 -20.08 -10.08 -7.64
N TYR A 403 -21.21 -9.45 -7.93
CA TYR A 403 -22.47 -9.90 -7.37
C TYR A 403 -22.79 -11.30 -7.84
N GLY A 404 -22.67 -11.55 -9.14
CA GLY A 404 -23.10 -12.80 -9.70
C GLY A 404 -24.47 -12.76 -10.33
N ASP A 405 -25.08 -11.59 -10.45
CA ASP A 405 -26.35 -11.49 -11.16
C ASP A 405 -26.15 -11.75 -12.64
N MET A 406 -25.02 -11.33 -13.20
CA MET A 406 -24.66 -11.60 -14.57
C MET A 406 -23.18 -11.90 -14.64
N TYR A 407 -22.83 -12.97 -15.36
CA TYR A 407 -21.47 -13.45 -15.49
C TYR A 407 -21.33 -14.10 -16.84
N PRO A 408 -20.12 -14.15 -17.40
CA PRO A 408 -19.94 -14.80 -18.71
C PRO A 408 -20.20 -16.29 -18.66
N GLN A 409 -20.74 -16.81 -19.76
CA GLN A 409 -21.04 -18.24 -19.89
C GLN A 409 -20.52 -18.83 -21.19
N THR A 410 -19.51 -18.23 -21.78
CA THR A 410 -18.90 -18.72 -23.00
C THR A 410 -17.40 -18.57 -22.88
N TRP A 411 -16.64 -19.50 -23.44
CA TRP A 411 -15.19 -19.47 -23.29
C TRP A 411 -14.60 -18.12 -23.66
N SER A 412 -15.09 -17.53 -24.76
CA SER A 412 -14.71 -16.16 -25.12
C SER A 412 -15.15 -15.17 -24.05
N GLY A 413 -16.38 -15.33 -23.54
CA GLY A 413 -16.83 -14.46 -22.47
C GLY A 413 -15.99 -14.59 -21.22
N MET A 414 -15.54 -15.82 -20.93
CA MET A 414 -14.71 -16.02 -19.76
C MET A 414 -13.33 -15.39 -19.92
N LEU A 415 -12.75 -15.46 -21.12
CA LEU A 415 -11.50 -14.76 -21.37
C LEU A 415 -11.66 -13.27 -21.14
N VAL A 416 -12.68 -12.67 -21.75
CA VAL A 416 -12.94 -11.24 -21.56
C VAL A 416 -13.18 -10.92 -20.09
N GLY A 417 -13.85 -11.82 -19.37
CA GLY A 417 -14.11 -11.57 -17.96
C GLY A 417 -12.85 -11.56 -17.13
N ALA A 418 -11.92 -12.50 -17.39
CA ALA A 418 -10.65 -12.49 -16.67
C ALA A 418 -9.87 -11.23 -16.96
N LEU A 419 -9.86 -10.80 -18.23
CA LEU A 419 -9.20 -9.55 -18.56
C LEU A 419 -9.83 -8.37 -17.83
N CYS A 420 -11.15 -8.35 -17.74
CA CYS A 420 -11.83 -7.27 -17.04
C CYS A 420 -11.47 -7.24 -15.57
N ALA A 421 -11.41 -8.39 -14.92
CA ALA A 421 -11.08 -8.41 -13.50
C ALA A 421 -9.67 -7.87 -13.26
N LEU A 422 -8.69 -8.34 -14.05
CA LEU A 422 -7.32 -7.90 -13.86
C LEU A 422 -7.16 -6.41 -14.18
N ALA A 423 -7.70 -5.96 -15.32
CA ALA A 423 -7.60 -4.56 -15.68
C ALA A 423 -8.30 -3.67 -14.67
N GLY A 424 -9.38 -4.16 -14.06
CA GLY A 424 -10.04 -3.38 -13.04
C GLY A 424 -9.18 -3.22 -11.80
N VAL A 425 -8.60 -4.33 -11.33
CA VAL A 425 -7.69 -4.24 -10.20
C VAL A 425 -6.59 -3.23 -10.48
N LEU A 426 -6.01 -3.27 -11.68
CA LEU A 426 -4.89 -2.40 -11.99
C LEU A 426 -5.30 -0.93 -12.08
N THR A 427 -6.30 -0.62 -12.90
CA THR A 427 -6.69 0.78 -13.07
C THR A 427 -7.48 1.33 -11.90
N ILE A 428 -7.82 0.51 -10.92
CA ILE A 428 -8.32 1.03 -9.66
C ILE A 428 -7.18 1.28 -8.69
N ALA A 429 -6.16 0.42 -8.71
CA ALA A 429 -5.00 0.60 -7.84
C ALA A 429 -4.01 1.62 -8.38
N MET A 430 -4.26 2.22 -9.55
CA MET A 430 -3.35 3.26 -10.01
C MET A 430 -3.51 4.57 -9.21
N PRO A 431 -4.69 5.27 -9.25
CA PRO A 431 -4.77 6.58 -8.60
C PRO A 431 -5.17 6.58 -7.12
N VAL A 432 -5.83 5.50 -6.70
CA VAL A 432 -6.27 5.40 -5.31
C VAL A 432 -5.11 5.51 -4.34
N PRO A 433 -3.94 4.91 -4.59
CA PRO A 433 -2.81 5.13 -3.68
C PRO A 433 -2.38 6.58 -3.58
N VAL A 434 -2.43 7.34 -4.68
CA VAL A 434 -2.15 8.77 -4.61
C VAL A 434 -3.10 9.45 -3.64
N ILE A 435 -4.40 9.18 -3.81
CA ILE A 435 -5.40 9.79 -2.92
C ILE A 435 -5.16 9.39 -1.47
N VAL A 436 -4.82 8.13 -1.26
CA VAL A 436 -4.60 7.62 0.10
C VAL A 436 -3.38 8.28 0.74
N ASN A 437 -2.32 8.51 -0.04
CA ASN A 437 -1.16 9.20 0.49
C ASN A 437 -1.50 10.64 0.85
N ASN A 438 -2.29 11.31 0.03
CA ASN A 438 -2.75 12.66 0.39
C ASN A 438 -3.46 12.66 1.73
N PHE A 439 -4.41 11.73 1.90
CA PHE A 439 -5.14 11.69 3.17
C PHE A 439 -4.20 11.40 4.32
N GLY A 440 -3.23 10.51 4.12
CA GLY A 440 -2.31 10.18 5.20
C GLY A 440 -1.48 11.38 5.63
N MET A 441 -0.98 12.15 4.67
CA MET A 441 -0.20 13.35 5.01
C MET A 441 -1.07 14.36 5.76
N TYR A 442 -2.29 14.61 5.26
CA TYR A 442 -3.14 15.60 5.90
C TYR A 442 -3.55 15.16 7.30
N TYR A 443 -3.83 13.87 7.47
CA TYR A 443 -4.25 13.36 8.77
C TYR A 443 -3.12 13.42 9.77
N SER A 444 -1.91 13.03 9.37
CA SER A 444 -0.78 13.14 10.28
C SER A 444 -0.54 14.58 10.69
N LEU A 445 -0.60 15.51 9.74
CA LEU A 445 -0.37 16.91 10.08
C LEU A 445 -1.44 17.45 11.00
N ALA A 446 -2.71 17.11 10.75
CA ALA A 446 -3.79 17.61 11.60
C ALA A 446 -3.70 17.03 13.00
N MET A 447 -3.40 15.74 13.12
CA MET A 447 -3.25 15.13 14.43
C MET A 447 -2.06 15.72 15.18
N ALA A 448 -0.96 16.00 14.48
CA ALA A 448 0.16 16.67 15.11
C ALA A 448 -0.23 18.03 15.64
N LYS A 449 -0.80 18.88 14.78
CA LYS A 449 -1.19 20.22 15.21
C LYS A 449 -2.24 20.19 16.30
N GLN A 450 -3.01 19.12 16.42
CA GLN A 450 -3.95 19.01 17.53
C GLN A 450 -3.24 18.59 18.80
N LYS A 451 -2.32 17.62 18.70
CA LYS A 451 -1.66 17.08 19.89
C LYS A 451 -0.73 18.10 20.53
N LEU A 452 0.14 18.73 19.74
CA LEU A 452 1.10 19.70 20.22
C LEU A 452 0.45 20.71 21.17
N PRO A 453 0.93 20.84 22.40
CA PRO A 453 0.35 21.81 23.32
C PRO A 453 0.61 23.23 22.86
N LYS A 454 -0.30 24.12 23.21
CA LYS A 454 -0.17 25.53 22.85
C LYS A 454 1.17 26.07 23.33
N LYS A 455 1.94 26.66 22.40
CA LYS A 455 3.25 27.18 22.72
C LYS A 455 3.16 28.58 23.33
N LYS A 456 4.25 28.96 24.01
CA LYS A 456 4.37 30.28 24.61
C LYS A 456 5.49 31.10 23.96
N LYS A 457 5.99 30.68 22.80
CA LYS A 457 7.01 31.39 22.04
C LYS A 457 8.23 31.75 22.91
N LYS A 458 8.90 30.70 23.37
CA LYS A 458 10.06 30.87 24.26
C LYS A 458 11.11 31.77 23.66
N HIS A 459 11.29 31.74 22.34
CA HIS A 459 12.31 32.53 21.67
C HIS A 459 11.85 33.98 21.57
N ILE A 460 12.43 34.85 22.39
CA ILE A 460 12.17 36.28 22.32
C ILE A 460 13.09 36.87 21.25
N PRO A 461 12.57 37.19 20.06
CA PRO A 461 13.44 37.64 18.97
C PRO A 461 14.15 38.94 19.30
N ARG A 462 15.41 39.02 18.86
CA ARG A 462 16.20 40.21 19.06
C ARG A 462 15.67 41.35 18.18
N PRO A 463 15.83 42.61 18.62
CA PRO A 463 15.41 43.77 17.83
C PRO A 463 16.26 43.95 16.58
N SER B 7 46.96 18.75 28.84
CA SER B 7 46.70 17.39 29.30
C SER B 7 45.28 16.96 28.94
N GLU B 8 45.11 15.65 28.79
CA GLU B 8 43.81 15.03 28.50
C GLU B 8 43.06 15.75 27.39
N ARG B 9 43.81 16.33 26.45
CA ARG B 9 43.26 17.03 25.29
C ARG B 9 43.92 16.40 24.07
N ILE B 10 43.17 15.59 23.32
CA ILE B 10 43.72 14.87 22.19
C ILE B 10 42.95 15.28 20.94
N VAL B 11 43.69 15.52 19.86
CA VAL B 11 43.13 16.00 18.60
C VAL B 11 43.27 14.89 17.56
N ILE B 12 42.15 14.36 17.10
CA ILE B 12 42.14 13.32 16.08
C ILE B 12 41.90 14.01 14.74
N ASN B 13 42.79 13.79 13.79
CA ASN B 13 42.66 14.33 12.45
C ASN B 13 42.19 13.22 11.53
N VAL B 14 40.92 13.26 11.14
CA VAL B 14 40.35 12.23 10.28
C VAL B 14 40.06 12.89 8.95
N GLY B 15 40.80 12.48 7.92
CA GLY B 15 40.57 13.00 6.59
C GLY B 15 40.60 14.51 6.50
N GLY B 16 41.47 15.15 7.27
CA GLY B 16 41.61 16.59 7.21
C GLY B 16 40.64 17.38 8.06
N THR B 17 39.84 16.71 8.88
CA THR B 17 38.91 17.37 9.79
C THR B 17 39.37 17.07 11.20
N ARG B 18 39.66 18.11 11.97
CA ARG B 18 40.21 17.93 13.31
C ARG B 18 39.09 17.72 14.32
N HIS B 19 39.07 16.55 14.93
CA HIS B 19 38.13 16.22 15.99
C HIS B 19 38.89 16.30 17.30
N GLN B 20 38.32 17.01 18.27
CA GLN B 20 38.94 17.21 19.56
C GLN B 20 38.08 16.56 20.63
N THR B 21 38.74 15.89 21.58
CA THR B 21 38.02 15.26 22.68
C THR B 21 39.01 14.94 23.79
N HIS B 22 38.47 14.63 24.97
CA HIS B 22 39.29 14.32 26.12
C HIS B 22 39.76 12.87 26.08
N ARG B 23 40.95 12.63 26.63
CA ARG B 23 41.48 11.26 26.64
C ARG B 23 40.56 10.30 27.40
N SER B 24 39.79 10.80 28.35
CA SER B 24 38.89 9.93 29.11
C SER B 24 37.80 9.35 28.21
N THR B 25 37.22 10.19 27.35
CA THR B 25 36.15 9.73 26.47
C THR B 25 36.64 8.61 25.56
N LEU B 26 37.85 8.75 25.01
CA LEU B 26 38.44 7.66 24.24
C LEU B 26 38.70 6.45 25.11
N ARG B 27 39.17 6.67 26.33
CA ARG B 27 39.52 5.58 27.23
C ARG B 27 38.32 4.80 27.74
N THR B 28 37.09 5.30 27.56
CA THR B 28 35.92 4.58 28.05
C THR B 28 35.83 3.18 27.44
N LEU B 29 35.66 3.10 26.12
CA LEU B 29 35.50 1.83 25.44
C LEU B 29 36.85 1.17 25.19
N PRO B 30 37.21 0.12 25.94
CA PRO B 30 38.55 -0.45 25.83
C PRO B 30 38.65 -1.41 24.65
N GLY B 31 39.89 -1.77 24.34
CA GLY B 31 40.16 -2.72 23.27
C GLY B 31 40.06 -2.17 21.87
N THR B 32 39.33 -1.08 21.67
CA THR B 32 39.17 -0.49 20.35
C THR B 32 40.40 0.35 20.00
N ARG B 33 40.53 0.66 18.70
CA ARG B 33 41.70 1.40 18.24
C ARG B 33 41.86 2.75 18.93
N LEU B 34 40.77 3.51 19.07
CA LEU B 34 40.84 4.79 19.74
C LEU B 34 41.29 4.64 21.19
N ALA B 35 40.87 3.55 21.85
CA ALA B 35 41.35 3.28 23.20
C ALA B 35 42.88 3.19 23.21
N TRP B 36 43.45 2.42 22.28
CA TRP B 36 44.90 2.36 22.16
C TRP B 36 45.50 3.73 21.92
N LEU B 37 44.78 4.57 21.17
CA LEU B 37 45.21 5.96 20.98
C LEU B 37 45.34 6.69 22.32
N ALA B 38 44.35 6.53 23.19
CA ALA B 38 44.38 7.21 24.48
C ALA B 38 45.60 6.86 25.33
N GLU B 39 46.27 5.74 25.06
CA GLU B 39 47.37 5.31 25.90
C GLU B 39 48.58 6.24 25.78
N PRO B 40 49.49 6.21 26.78
CA PRO B 40 50.66 7.09 26.75
C PRO B 40 51.66 6.82 25.65
N ASP B 41 51.78 5.59 25.16
CA ASP B 41 52.75 5.25 24.13
C ASP B 41 52.16 5.24 22.73
N ALA B 42 51.06 5.97 22.54
CA ALA B 42 50.40 6.05 21.24
C ALA B 42 51.28 6.74 20.20
N HIS B 43 52.00 7.79 20.61
CA HIS B 43 52.86 8.55 19.71
C HIS B 43 53.75 7.64 18.88
N SER B 44 54.43 6.70 19.54
CA SER B 44 55.34 5.81 18.82
C SER B 44 54.59 4.90 17.85
N HIS B 45 53.45 4.36 18.30
CA HIS B 45 52.71 3.37 17.52
C HIS B 45 51.95 3.97 16.34
N PHE B 46 51.35 5.15 16.50
CA PHE B 46 50.50 5.72 15.47
C PHE B 46 51.22 6.79 14.65
N ASP B 47 50.50 7.30 13.65
CA ASP B 47 50.95 8.35 12.74
C ASP B 47 50.68 9.69 13.42
N TYR B 48 51.63 10.11 14.25
CA TYR B 48 51.52 11.33 15.03
C TYR B 48 52.66 12.27 14.71
N ASP B 49 52.33 13.50 14.35
CA ASP B 49 53.36 14.48 14.08
C ASP B 49 53.41 15.52 15.18
N PRO B 50 54.60 15.78 15.75
CA PRO B 50 54.69 16.68 16.90
C PRO B 50 54.43 18.14 16.58
N ARG B 51 54.42 18.52 15.30
CA ARG B 51 54.20 19.90 14.93
C ARG B 51 52.80 20.38 15.30
N ALA B 52 51.78 19.55 15.07
CA ALA B 52 50.41 19.96 15.34
C ALA B 52 49.77 19.14 16.45
N ASP B 53 50.48 18.14 17.00
CA ASP B 53 49.97 17.32 18.10
C ASP B 53 48.64 16.68 17.75
N GLU B 54 48.48 16.28 16.50
CA GLU B 54 47.28 15.65 16.01
C GLU B 54 47.61 14.30 15.40
N PHE B 55 46.81 13.29 15.72
CA PHE B 55 46.92 12.00 15.06
C PHE B 55 46.13 12.03 13.75
N PHE B 56 46.70 11.46 12.70
CA PHE B 56 46.10 11.53 11.37
C PHE B 56 45.61 10.16 10.96
N PHE B 57 44.31 10.08 10.66
CA PHE B 57 43.69 8.89 10.11
C PHE B 57 43.07 9.23 8.77
N ASP B 58 43.30 8.39 7.77
CA ASP B 58 42.87 8.66 6.41
C ASP B 58 41.51 8.00 6.15
N ARG B 59 40.50 8.48 6.85
CA ARG B 59 39.17 7.90 6.79
C ARG B 59 38.12 9.00 6.58
N HIS B 60 36.93 8.56 6.23
CA HIS B 60 35.79 9.46 6.10
C HIS B 60 35.54 10.17 7.43
N PRO B 61 35.49 11.50 7.47
CA PRO B 61 35.26 12.20 8.74
C PRO B 61 33.79 12.29 9.14
N GLY B 62 32.93 12.36 8.13
CA GLY B 62 31.50 12.50 8.37
C GLY B 62 30.89 11.38 9.19
N VAL B 63 31.51 10.21 9.20
CA VAL B 63 31.03 9.09 10.00
C VAL B 63 31.88 8.92 11.26
N PHE B 64 33.13 9.35 11.21
CA PHE B 64 33.91 9.36 12.44
C PHE B 64 33.26 10.27 13.48
N ALA B 65 32.54 11.30 13.04
CA ALA B 65 31.72 12.04 13.98
C ALA B 65 30.82 11.12 14.80
N HIS B 66 30.08 10.23 14.14
CA HIS B 66 29.15 9.35 14.83
C HIS B 66 29.87 8.29 15.66
N ILE B 67 31.00 7.79 15.19
CA ILE B 67 31.77 6.83 16.00
C ILE B 67 32.24 7.48 17.30
N LEU B 68 32.82 8.67 17.20
CA LEU B 68 33.24 9.38 18.40
C LEU B 68 32.05 9.73 19.26
N ASN B 69 30.89 9.94 18.66
CA ASN B 69 29.68 10.15 19.45
C ASN B 69 29.33 8.93 20.28
N TYR B 70 29.49 7.73 19.69
CA TYR B 70 29.32 6.51 20.47
C TYR B 70 30.27 6.50 21.65
N TYR B 71 31.52 6.89 21.44
CA TYR B 71 32.44 7.00 22.57
C TYR B 71 31.93 8.00 23.61
N ARG B 72 31.35 9.10 23.16
CA ARG B 72 30.98 10.18 24.09
C ARG B 72 29.74 9.83 24.91
N THR B 73 28.62 9.54 24.25
CA THR B 73 27.37 9.32 24.98
C THR B 73 27.27 7.90 25.52
N GLY B 74 27.55 6.91 24.69
CA GLY B 74 27.46 5.52 25.11
C GLY B 74 26.51 4.67 24.30
N LYS B 75 25.85 5.23 23.29
CA LYS B 75 24.93 4.47 22.44
C LYS B 75 25.35 4.67 21.00
N LEU B 76 25.49 3.58 20.26
CA LEU B 76 25.93 3.63 18.87
C LEU B 76 24.71 3.71 17.97
N HIS B 77 24.68 4.70 17.09
CA HIS B 77 23.60 4.88 16.14
C HIS B 77 24.13 4.86 14.72
N CYS B 78 23.23 4.61 13.77
CA CYS B 78 23.56 4.65 12.35
C CYS B 78 23.27 6.03 11.78
N PRO B 79 24.26 6.72 11.19
CA PRO B 79 24.00 7.99 10.53
C PRO B 79 23.13 7.79 9.30
N ALA B 80 21.97 8.42 9.29
CA ALA B 80 20.99 8.19 8.25
C ALA B 80 21.37 8.79 6.93
N ASP B 81 22.57 9.36 6.76
CA ASP B 81 22.97 9.97 5.50
C ASP B 81 24.00 9.15 4.75
N VAL B 82 24.29 7.92 5.19
CA VAL B 82 25.22 7.03 4.53
C VAL B 82 24.59 5.66 4.44
N CYS B 83 24.86 4.97 3.34
CA CYS B 83 24.41 3.59 3.15
C CYS B 83 24.93 2.69 4.26
N GLY B 84 24.13 1.67 4.58
CA GLY B 84 24.47 0.74 5.62
C GLY B 84 25.85 0.12 5.45
N PRO B 85 26.18 -0.34 4.23
CA PRO B 85 27.51 -0.94 4.04
C PRO B 85 28.67 0.01 4.25
N LEU B 86 28.53 1.29 3.89
CA LEU B 86 29.60 2.25 4.14
C LEU B 86 29.89 2.38 5.63
N TYR B 87 28.83 2.55 6.42
CA TYR B 87 28.99 2.68 7.86
C TYR B 87 29.52 1.38 8.45
N GLU B 88 29.02 0.25 7.95
CA GLU B 88 29.52 -1.05 8.35
C GLU B 88 31.03 -1.13 8.19
N GLU B 89 31.54 -0.74 7.02
CA GLU B 89 32.98 -0.83 6.79
C GLU B 89 33.74 0.15 7.67
N GLU B 90 33.18 1.33 7.93
CA GLU B 90 33.88 2.30 8.75
C GLU B 90 34.00 1.82 10.20
N LEU B 91 32.89 1.43 10.80
CA LEU B 91 32.97 0.92 12.17
C LEU B 91 33.77 -0.37 12.25
N ALA B 92 33.75 -1.20 11.20
CA ALA B 92 34.63 -2.37 11.18
C ALA B 92 36.09 -1.95 11.26
N PHE B 93 36.46 -0.88 10.54
CA PHE B 93 37.84 -0.41 10.62
C PHE B 93 38.16 0.10 12.02
N TRP B 94 37.25 0.89 12.60
CA TRP B 94 37.50 1.48 13.91
C TRP B 94 37.47 0.48 15.05
N GLY B 95 37.01 -0.74 14.82
CA GLY B 95 36.95 -1.76 15.86
C GLY B 95 35.63 -1.87 16.59
N ILE B 96 34.66 -1.02 16.29
CA ILE B 96 33.35 -1.11 16.93
C ILE B 96 32.63 -2.38 16.48
N ASP B 97 32.04 -3.09 17.43
CA ASP B 97 31.21 -4.25 17.10
C ASP B 97 29.90 -3.78 16.46
N GLU B 98 29.47 -4.47 15.40
CA GLU B 98 28.28 -4.05 14.70
C GLU B 98 26.99 -4.41 15.42
N THR B 99 27.06 -5.30 16.40
CA THR B 99 25.88 -5.71 17.15
C THR B 99 25.59 -4.81 18.34
N ASP B 100 26.11 -3.58 18.33
CA ASP B 100 25.88 -2.62 19.39
C ASP B 100 24.88 -1.54 19.00
N VAL B 101 24.56 -1.40 17.71
CA VAL B 101 23.69 -0.32 17.30
C VAL B 101 22.34 -0.42 18.01
N GLU B 102 21.76 0.74 18.29
CA GLU B 102 20.48 0.81 18.97
C GLU B 102 19.36 0.24 18.10
N PRO B 103 18.33 -0.35 18.72
CA PRO B 103 17.22 -0.89 17.94
C PRO B 103 16.54 0.12 17.04
N CYS B 104 16.68 1.42 17.32
CA CYS B 104 16.12 2.43 16.45
C CYS B 104 16.77 2.42 15.07
N CYS B 105 18.00 1.93 14.97
CA CYS B 105 18.78 1.95 13.75
C CYS B 105 19.05 0.58 13.17
N TRP B 106 18.82 -0.48 13.95
CA TRP B 106 19.17 -1.82 13.51
C TRP B 106 18.45 -2.23 12.23
N MET B 107 17.15 -1.94 12.12
CA MET B 107 16.43 -2.41 10.94
C MET B 107 16.85 -1.68 9.67
N THR B 108 17.15 -0.38 9.76
CA THR B 108 17.63 0.32 8.57
C THR B 108 19.05 -0.10 8.22
N TYR B 109 19.87 -0.32 9.23
CA TYR B 109 21.26 -0.71 9.05
C TYR B 109 21.36 -2.09 8.43
N ARG B 110 20.96 -3.12 9.18
CA ARG B 110 21.00 -4.49 8.71
C ARG B 110 19.85 -4.73 7.74
N GLN B 111 19.87 -4.05 6.59
CA GLN B 111 18.85 -4.22 5.56
C GLN B 111 19.46 -4.74 4.26
N HIS B 112 20.45 -4.03 3.71
CA HIS B 112 21.11 -4.53 2.51
C HIS B 112 21.78 -5.86 2.77
N ARG B 113 22.35 -6.06 3.96
CA ARG B 113 23.06 -7.31 4.18
C ARG B 113 22.08 -8.46 4.37
N ASP B 114 20.88 -8.16 4.86
CA ASP B 114 19.86 -9.19 4.92
C ASP B 114 19.37 -9.56 3.52
N ALA B 115 19.02 -8.55 2.72
CA ALA B 115 18.61 -8.82 1.34
C ALA B 115 19.68 -9.56 0.57
N GLU B 116 20.94 -9.13 0.70
CA GLU B 116 22.04 -9.80 -0.01
C GLU B 116 22.19 -11.24 0.46
N GLU B 117 22.15 -11.48 1.78
CA GLU B 117 22.30 -12.83 2.29
C GLU B 117 21.17 -13.72 1.81
N ALA B 118 19.95 -13.18 1.72
CA ALA B 118 18.83 -14.00 1.27
C ALA B 118 18.92 -14.29 -0.22
N LEU B 119 19.38 -13.32 -1.01
CA LEU B 119 19.51 -13.55 -2.44
C LEU B 119 20.69 -14.43 -2.80
N ASP B 120 21.53 -14.79 -1.83
CA ASP B 120 22.64 -15.71 -2.08
C ASP B 120 22.53 -16.94 -1.19
N ARG B 170 34.83 -38.94 -20.72
CA ARG B 170 34.99 -37.67 -20.01
C ARG B 170 35.25 -36.52 -20.97
N ARG B 171 35.76 -36.86 -22.16
CA ARG B 171 36.06 -35.84 -23.15
C ARG B 171 34.80 -35.20 -23.70
N TRP B 172 33.77 -36.00 -23.96
CA TRP B 172 32.50 -35.52 -24.46
C TRP B 172 31.51 -35.18 -23.36
N GLN B 173 31.92 -35.27 -22.09
CA GLN B 173 31.03 -34.92 -21.00
C GLN B 173 30.62 -33.45 -20.99
N PRO B 174 31.47 -32.47 -21.32
CA PRO B 174 30.94 -31.10 -21.45
C PRO B 174 29.85 -30.99 -22.49
N ARG B 175 29.95 -31.73 -23.59
CA ARG B 175 28.93 -31.67 -24.62
C ARG B 175 27.67 -32.42 -24.21
N ILE B 176 27.81 -33.52 -23.47
CA ILE B 176 26.66 -34.19 -22.89
C ILE B 176 25.92 -33.23 -21.96
N TRP B 177 26.64 -32.67 -20.99
CA TRP B 177 26.02 -31.79 -20.00
C TRP B 177 25.52 -30.48 -20.60
N ALA B 178 25.97 -30.14 -21.83
CA ALA B 178 25.51 -28.90 -22.46
C ALA B 178 24.02 -28.90 -22.75
N LEU B 179 23.33 -30.03 -22.60
CA LEU B 179 21.89 -30.07 -22.82
C LEU B 179 21.09 -29.66 -21.60
N PHE B 180 21.77 -29.53 -20.45
CA PHE B 180 21.13 -29.10 -19.21
C PHE B 180 21.58 -27.72 -18.76
N GLU B 181 22.64 -27.17 -19.35
CA GLU B 181 23.09 -25.83 -18.99
C GLU B 181 22.07 -24.79 -19.46
N ASP B 182 22.38 -23.53 -19.19
CA ASP B 182 21.47 -22.46 -19.55
C ASP B 182 21.24 -22.45 -21.07
N PRO B 183 20.05 -22.07 -21.51
CA PRO B 183 19.78 -22.05 -22.96
C PRO B 183 20.69 -21.10 -23.70
N TYR B 184 20.84 -19.87 -23.21
CA TYR B 184 21.70 -18.86 -23.82
C TYR B 184 23.18 -19.24 -23.81
N SER B 185 23.56 -20.28 -23.06
CA SER B 185 24.97 -20.65 -22.98
C SER B 185 25.48 -21.33 -24.25
N SER B 186 24.61 -21.64 -25.18
CA SER B 186 24.99 -22.27 -26.45
C SER B 186 23.81 -22.15 -27.40
N ARG B 187 23.93 -22.79 -28.57
CA ARG B 187 22.83 -22.87 -29.53
C ARG B 187 22.06 -24.17 -29.39
N TYR B 188 22.78 -25.30 -29.34
CA TYR B 188 22.15 -26.57 -29.00
C TYR B 188 21.39 -26.49 -27.69
N ALA B 189 21.94 -25.77 -26.70
CA ALA B 189 21.25 -25.63 -25.42
C ALA B 189 19.90 -24.94 -25.60
N ARG B 190 19.89 -23.81 -26.33
CA ARG B 190 18.64 -23.08 -26.54
C ARG B 190 17.65 -23.91 -27.35
N TYR B 191 18.15 -24.67 -28.32
CA TYR B 191 17.27 -25.53 -29.11
C TYR B 191 16.62 -26.60 -28.24
N VAL B 192 17.43 -27.31 -27.45
CA VAL B 192 16.90 -28.34 -26.56
C VAL B 192 15.93 -27.74 -25.55
N ALA B 193 16.21 -26.51 -25.09
CA ALA B 193 15.30 -25.86 -24.15
C ALA B 193 13.96 -25.59 -24.81
N PHE B 194 13.97 -25.03 -26.03
CA PHE B 194 12.72 -24.83 -26.76
C PHE B 194 11.97 -26.14 -26.96
N ALA B 195 12.69 -27.21 -27.28
CA ALA B 195 12.03 -28.50 -27.52
C ALA B 195 11.38 -29.03 -26.26
N SER B 196 12.10 -28.96 -25.13
CA SER B 196 11.52 -29.39 -23.87
C SER B 196 10.34 -28.51 -23.47
N LEU B 197 10.38 -27.22 -23.83
CA LEU B 197 9.23 -26.36 -23.59
C LEU B 197 8.03 -26.83 -24.37
N PHE B 198 8.20 -27.06 -25.66
CA PHE B 198 7.12 -27.58 -26.49
C PHE B 198 6.55 -28.87 -25.92
N PHE B 199 7.41 -29.77 -25.46
CA PHE B 199 6.91 -31.07 -25.03
C PHE B 199 6.25 -31.01 -23.67
N ILE B 200 6.74 -30.17 -22.76
CA ILE B 200 6.05 -29.97 -21.49
C ILE B 200 4.67 -29.37 -21.73
N LEU B 201 4.58 -28.37 -22.61
CA LEU B 201 3.28 -27.78 -22.90
C LEU B 201 2.33 -28.80 -23.53
N VAL B 202 2.85 -29.65 -24.40
CA VAL B 202 1.99 -30.68 -25.02
C VAL B 202 1.50 -31.66 -23.97
N SER B 203 2.37 -32.06 -23.04
CA SER B 203 1.94 -32.95 -21.97
C SER B 203 0.83 -32.32 -21.12
N ILE B 204 1.02 -31.06 -20.74
CA ILE B 204 0.01 -30.39 -19.91
C ILE B 204 -1.31 -30.27 -20.64
N THR B 205 -1.28 -29.93 -21.93
CA THR B 205 -2.53 -29.83 -22.68
C THR B 205 -3.20 -31.19 -22.83
N THR B 206 -2.43 -32.25 -23.05
CA THR B 206 -3.00 -33.58 -23.11
C THR B 206 -3.69 -33.94 -21.80
N PHE B 207 -3.05 -33.63 -20.68
CA PHE B 207 -3.66 -33.86 -19.36
C PHE B 207 -5.01 -33.13 -19.25
N CYS B 208 -4.98 -31.82 -19.48
CA CYS B 208 -6.19 -31.01 -19.31
C CYS B 208 -7.30 -31.42 -20.26
N LEU B 209 -6.96 -31.90 -21.46
CA LEU B 209 -8.00 -32.37 -22.38
C LEU B 209 -8.46 -33.78 -22.04
N GLU B 210 -7.58 -34.58 -21.43
CA GLU B 210 -7.94 -35.92 -21.02
C GLU B 210 -9.01 -35.88 -19.95
N THR B 211 -8.99 -34.86 -19.10
CA THR B 211 -10.02 -34.78 -18.07
C THR B 211 -11.36 -34.26 -18.60
N HIS B 212 -11.46 -33.93 -19.88
CA HIS B 212 -12.65 -33.35 -20.46
C HIS B 212 -13.68 -34.42 -20.81
N GLU B 213 -14.93 -33.99 -21.02
CA GLU B 213 -16.00 -34.88 -21.40
C GLU B 213 -15.99 -35.20 -22.90
N ARG B 214 -15.79 -34.18 -23.74
CA ARG B 214 -15.79 -34.37 -25.19
C ARG B 214 -14.82 -35.47 -25.62
N PHE B 215 -13.73 -35.65 -24.90
CA PHE B 215 -12.72 -36.64 -25.24
C PHE B 215 -12.85 -37.92 -24.42
N ASN B 216 -13.93 -38.08 -23.67
CA ASN B 216 -14.17 -39.27 -22.86
C ASN B 216 -15.60 -39.78 -23.08
N PRO B 217 -15.91 -40.25 -24.28
CA PRO B 217 -17.21 -40.89 -24.48
C PRO B 217 -17.24 -42.27 -23.85
N ILE B 218 -18.43 -42.72 -23.50
CA ILE B 218 -18.62 -44.03 -22.88
C ILE B 218 -19.12 -44.99 -23.96
N VAL B 219 -18.36 -46.04 -24.20
CA VAL B 219 -18.70 -46.99 -25.24
C VAL B 219 -19.65 -48.04 -24.67
N ASN B 220 -20.40 -48.69 -25.58
CA ASN B 220 -21.35 -49.74 -25.20
C ASN B 220 -20.64 -51.09 -25.07
N LYS B 221 -19.72 -51.16 -24.13
CA LYS B 221 -18.90 -52.35 -23.90
C LYS B 221 -19.29 -52.97 -22.57
N THR B 222 -19.61 -54.26 -22.60
CA THR B 222 -19.96 -55.00 -21.38
C THR B 222 -19.17 -56.29 -21.29
N TYR B 236 -19.78 -54.22 -17.05
CA TYR B 236 -19.43 -52.88 -16.60
C TYR B 236 -19.28 -51.93 -17.79
N ARG B 237 -19.77 -50.71 -17.64
CA ARG B 237 -19.71 -49.69 -18.68
C ARG B 237 -19.14 -48.41 -18.10
N GLU B 238 -18.01 -47.97 -18.64
CA GLU B 238 -17.36 -46.76 -18.17
C GLU B 238 -16.84 -45.99 -19.38
N ALA B 239 -16.68 -44.69 -19.20
CA ALA B 239 -16.09 -43.84 -20.23
C ALA B 239 -14.63 -44.22 -20.47
N GLU B 240 -14.22 -44.18 -21.72
CA GLU B 240 -12.83 -44.44 -22.09
C GLU B 240 -12.27 -43.25 -22.85
N THR B 241 -10.96 -43.06 -22.70
CA THR B 241 -10.26 -41.96 -23.33
C THR B 241 -9.85 -42.34 -24.75
N GLU B 242 -9.83 -41.35 -25.63
CA GLU B 242 -9.47 -41.59 -27.02
C GLU B 242 -8.03 -42.05 -27.15
N ALA B 243 -7.77 -42.82 -28.21
CA ALA B 243 -6.43 -43.34 -28.45
C ALA B 243 -5.43 -42.24 -28.76
N PHE B 244 -5.87 -41.16 -29.41
CA PHE B 244 -4.93 -40.10 -29.80
C PHE B 244 -4.25 -39.49 -28.58
N LEU B 245 -5.00 -39.33 -27.49
CA LEU B 245 -4.39 -38.82 -26.27
C LEU B 245 -3.33 -39.77 -25.74
N THR B 246 -3.61 -41.07 -25.74
CA THR B 246 -2.62 -42.04 -25.28
C THR B 246 -1.38 -42.04 -26.16
N TYR B 247 -1.56 -41.87 -27.48
CA TYR B 247 -0.40 -41.81 -28.37
C TYR B 247 0.45 -40.59 -28.10
N ILE B 248 -0.19 -39.42 -27.93
CA ILE B 248 0.58 -38.22 -27.64
C ILE B 248 1.30 -38.36 -26.29
N GLU B 249 0.65 -38.96 -25.31
CA GLU B 249 1.30 -39.22 -24.03
C GLU B 249 2.51 -40.12 -24.21
N GLY B 250 2.37 -41.17 -25.01
CA GLY B 250 3.51 -42.04 -25.29
C GLY B 250 4.67 -41.30 -25.92
N VAL B 251 4.38 -40.44 -26.90
CA VAL B 251 5.44 -39.66 -27.53
C VAL B 251 6.16 -38.79 -26.50
N CYS B 252 5.39 -38.07 -25.67
CA CYS B 252 6.00 -37.20 -24.68
C CYS B 252 6.81 -38.02 -23.67
N VAL B 253 6.34 -39.21 -23.32
CA VAL B 253 7.09 -40.06 -22.40
C VAL B 253 8.39 -40.53 -23.04
N VAL B 254 8.36 -40.87 -24.32
CA VAL B 254 9.59 -41.25 -25.00
C VAL B 254 10.61 -40.12 -24.95
N TRP B 255 10.15 -38.89 -25.24
CA TRP B 255 11.07 -37.77 -25.25
C TRP B 255 11.63 -37.49 -23.85
N PHE B 256 10.76 -37.50 -22.84
CA PHE B 256 11.21 -37.24 -21.48
C PHE B 256 12.15 -38.33 -20.99
N THR B 257 11.90 -39.58 -21.35
CA THR B 257 12.81 -40.64 -20.96
C THR B 257 14.16 -40.50 -21.66
N PHE B 258 14.17 -40.06 -22.92
CA PHE B 258 15.43 -39.79 -23.59
C PHE B 258 16.21 -38.70 -22.88
N GLU B 259 15.54 -37.59 -22.56
CA GLU B 259 16.19 -36.52 -21.82
C GLU B 259 16.72 -37.01 -20.48
N PHE B 260 15.90 -37.77 -19.74
CA PHE B 260 16.31 -38.23 -18.43
C PHE B 260 17.48 -39.18 -18.50
N LEU B 261 17.52 -40.06 -19.51
CA LEU B 261 18.65 -40.96 -19.67
C LEU B 261 19.92 -40.19 -20.04
N MET B 262 19.80 -39.22 -20.97
CA MET B 262 20.96 -38.41 -21.33
C MET B 262 21.48 -37.65 -20.11
N ARG B 263 20.59 -37.21 -19.22
CA ARG B 263 21.02 -36.49 -18.04
C ARG B 263 21.53 -37.41 -16.94
N VAL B 264 21.13 -38.69 -16.97
CA VAL B 264 21.70 -39.66 -16.05
C VAL B 264 23.10 -40.08 -16.49
N ILE B 265 23.37 -40.06 -17.81
CA ILE B 265 24.69 -40.39 -18.33
C ILE B 265 25.78 -39.66 -17.54
N PHE B 266 25.58 -38.37 -17.30
CA PHE B 266 26.54 -37.56 -16.55
C PHE B 266 25.81 -37.02 -15.32
N CYS B 267 26.19 -37.51 -14.15
CA CYS B 267 25.54 -37.14 -12.89
C CYS B 267 26.59 -36.92 -11.80
N PRO B 268 27.32 -35.82 -11.87
CA PRO B 268 28.29 -35.52 -10.80
C PRO B 268 27.58 -35.22 -9.49
N ASN B 269 28.20 -35.64 -8.39
CA ASN B 269 27.65 -35.47 -7.06
C ASN B 269 26.24 -36.04 -6.97
N LYS B 270 26.14 -37.32 -7.32
CA LYS B 270 24.85 -38.00 -7.48
C LYS B 270 23.96 -37.86 -6.24
N VAL B 271 24.55 -37.62 -5.07
CA VAL B 271 23.74 -37.41 -3.87
C VAL B 271 22.91 -36.13 -4.02
N GLU B 272 23.53 -35.05 -4.47
CA GLU B 272 22.79 -33.81 -4.68
C GLU B 272 21.89 -33.91 -5.91
N PHE B 273 22.27 -34.72 -6.90
CA PHE B 273 21.40 -34.96 -8.05
C PHE B 273 20.10 -35.64 -7.61
N ILE B 274 20.20 -36.59 -6.68
CA ILE B 274 18.97 -37.21 -6.17
C ILE B 274 18.26 -36.26 -5.21
N LYS B 275 19.00 -35.42 -4.50
CA LYS B 275 18.37 -34.44 -3.63
C LYS B 275 17.75 -33.29 -4.42
N ASN B 276 18.15 -33.12 -5.68
CA ASN B 276 17.61 -32.09 -6.55
C ASN B 276 16.12 -32.36 -6.76
N SER B 277 15.26 -31.47 -6.28
CA SER B 277 13.82 -31.69 -6.35
C SER B 277 13.33 -31.79 -7.79
N LEU B 278 13.96 -31.09 -8.73
CA LEU B 278 13.48 -31.12 -10.10
C LEU B 278 13.59 -32.52 -10.69
N ASN B 279 14.74 -33.17 -10.53
CA ASN B 279 14.88 -34.54 -11.03
C ASN B 279 13.94 -35.49 -10.30
N ILE B 280 13.67 -35.24 -9.02
CA ILE B 280 12.69 -36.04 -8.30
C ILE B 280 11.32 -35.92 -8.98
N ILE B 281 10.92 -34.69 -9.29
CA ILE B 281 9.63 -34.48 -9.95
C ILE B 281 9.62 -35.16 -11.31
N ASP B 282 10.73 -35.06 -12.05
CA ASP B 282 10.80 -35.69 -13.35
C ASP B 282 10.61 -37.20 -13.26
N PHE B 283 11.32 -37.84 -12.32
CA PHE B 283 11.20 -39.29 -12.19
C PHE B 283 9.82 -39.72 -11.72
N VAL B 284 9.25 -39.00 -10.74
CA VAL B 284 7.91 -39.33 -10.28
C VAL B 284 6.89 -39.15 -11.40
N ALA B 285 7.10 -38.14 -12.25
CA ALA B 285 6.17 -37.91 -13.35
C ALA B 285 6.32 -38.96 -14.45
N ILE B 286 7.53 -39.48 -14.64
CA ILE B 286 7.74 -40.48 -15.68
C ILE B 286 7.46 -41.90 -15.18
N LEU B 287 7.26 -42.08 -13.87
CA LEU B 287 6.98 -43.41 -13.35
C LEU B 287 5.65 -43.99 -13.84
N PRO B 288 4.53 -43.26 -13.85
CA PRO B 288 3.24 -43.92 -14.15
C PRO B 288 3.18 -44.55 -15.53
N PHE B 289 3.66 -43.86 -16.56
CA PHE B 289 3.60 -44.44 -17.90
C PHE B 289 4.45 -45.69 -17.97
N TYR B 290 5.70 -45.61 -17.50
CA TYR B 290 6.59 -46.76 -17.51
C TYR B 290 6.00 -47.93 -16.74
N LEU B 291 5.12 -47.65 -15.76
CA LEU B 291 4.52 -48.72 -14.99
C LEU B 291 3.44 -49.48 -15.75
N GLU B 292 3.16 -49.10 -17.01
CA GLU B 292 2.21 -49.85 -17.82
C GLU B 292 2.68 -51.28 -18.03
N VAL B 293 3.97 -51.46 -18.32
CA VAL B 293 4.51 -52.81 -18.47
C VAL B 293 4.55 -53.51 -17.12
N GLY B 294 4.93 -52.79 -16.06
CA GLY B 294 5.07 -53.41 -14.76
C GLY B 294 3.76 -53.94 -14.19
N LEU B 295 2.67 -53.21 -14.38
CA LEU B 295 1.37 -53.64 -13.86
C LEU B 295 0.92 -54.93 -14.55
N SER B 300 -3.70 -58.94 -9.79
CA SER B 300 -4.67 -58.00 -10.33
C SER B 300 -5.31 -57.17 -9.23
N LYS B 301 -5.36 -57.73 -8.02
CA LYS B 301 -5.98 -57.03 -6.90
C LYS B 301 -5.15 -55.82 -6.48
N ALA B 302 -3.85 -56.01 -6.30
CA ALA B 302 -2.96 -54.88 -6.05
C ALA B 302 -2.92 -53.91 -7.23
N ALA B 303 -3.13 -54.43 -8.45
CA ALA B 303 -3.08 -53.57 -9.63
C ALA B 303 -4.11 -52.45 -9.58
N LYS B 304 -5.28 -52.71 -9.00
CA LYS B 304 -6.30 -51.67 -8.91
C LYS B 304 -5.87 -50.56 -7.97
N ASP B 305 -5.32 -50.92 -6.80
CA ASP B 305 -4.82 -49.91 -5.88
C ASP B 305 -3.66 -49.13 -6.47
N VAL B 306 -2.77 -49.81 -7.20
CA VAL B 306 -1.63 -49.07 -7.75
C VAL B 306 -2.08 -48.17 -8.89
N LEU B 307 -3.09 -48.55 -9.66
CA LEU B 307 -3.65 -47.64 -10.65
C LEU B 307 -4.33 -46.44 -9.96
N GLY B 308 -5.05 -46.70 -8.88
CA GLY B 308 -5.68 -45.60 -8.14
C GLY B 308 -4.69 -44.59 -7.63
N PHE B 309 -3.58 -45.07 -7.06
CA PHE B 309 -2.51 -44.15 -6.67
C PHE B 309 -1.73 -43.62 -7.87
N LEU B 310 -1.81 -44.30 -9.02
CA LEU B 310 -1.09 -43.83 -10.20
C LEU B 310 -1.77 -42.61 -10.79
N ARG B 311 -3.10 -42.56 -10.73
CA ARG B 311 -3.81 -41.34 -11.09
C ARG B 311 -3.33 -40.17 -10.22
N VAL B 312 -3.18 -40.39 -8.92
CA VAL B 312 -2.73 -39.35 -8.01
C VAL B 312 -1.28 -38.97 -8.31
N VAL B 313 -0.46 -39.92 -8.75
CA VAL B 313 0.90 -39.58 -9.14
C VAL B 313 0.88 -38.74 -10.41
N ARG B 314 0.10 -39.18 -11.42
CA ARG B 314 -0.06 -38.41 -12.65
C ARG B 314 -0.49 -36.98 -12.35
N PHE B 315 -1.24 -36.79 -11.27
CA PHE B 315 -1.62 -35.44 -10.84
C PHE B 315 -0.43 -34.49 -10.79
N VAL B 316 0.77 -35.00 -10.51
CA VAL B 316 1.96 -34.15 -10.48
C VAL B 316 2.45 -33.73 -11.86
N ARG B 317 1.94 -34.35 -12.93
CA ARG B 317 2.47 -34.07 -14.26
C ARG B 317 2.40 -32.59 -14.64
N ILE B 318 1.56 -31.80 -13.96
CA ILE B 318 1.59 -30.36 -14.20
C ILE B 318 2.78 -29.70 -13.54
N LEU B 319 3.44 -30.37 -12.60
CA LEU B 319 4.59 -29.78 -11.93
C LEU B 319 5.84 -29.73 -12.78
N ARG B 320 5.81 -30.30 -13.99
CA ARG B 320 6.98 -30.20 -14.85
C ARG B 320 7.17 -28.80 -15.40
N ILE B 321 6.22 -27.89 -15.19
CA ILE B 321 6.37 -26.53 -15.67
C ILE B 321 7.41 -25.76 -14.87
N PHE B 322 7.68 -26.19 -13.64
CA PHE B 322 8.72 -25.52 -12.86
C PHE B 322 10.09 -25.76 -13.44
N LYS B 323 10.26 -26.87 -14.17
CA LYS B 323 11.53 -27.11 -14.84
C LYS B 323 11.86 -25.96 -15.79
N LEU B 324 10.87 -25.47 -16.52
CA LEU B 324 11.07 -24.34 -17.41
C LEU B 324 11.15 -23.04 -16.62
N THR B 325 10.21 -22.82 -15.70
CA THR B 325 10.15 -21.52 -15.04
C THR B 325 11.25 -21.30 -14.00
N ARG B 326 12.11 -22.29 -13.73
CA ARG B 326 13.17 -22.06 -12.75
C ARG B 326 14.17 -21.01 -13.23
N HIS B 327 14.40 -20.90 -14.54
CA HIS B 327 15.34 -19.93 -15.08
C HIS B 327 14.82 -18.51 -15.07
N PHE B 328 13.57 -18.29 -14.67
CA PHE B 328 13.03 -16.95 -14.56
C PHE B 328 13.57 -16.29 -13.30
N VAL B 329 13.61 -14.96 -13.31
CA VAL B 329 14.15 -14.23 -12.18
C VAL B 329 13.09 -13.97 -11.12
N GLY B 330 11.93 -13.46 -11.52
CA GLY B 330 10.87 -13.20 -10.57
C GLY B 330 10.51 -14.39 -9.72
N LEU B 331 10.60 -15.60 -10.29
CA LEU B 331 10.27 -16.79 -9.51
C LEU B 331 11.34 -17.10 -8.47
N ARG B 332 12.62 -16.93 -8.81
CA ARG B 332 13.64 -17.10 -7.79
C ARG B 332 13.50 -16.06 -6.68
N VAL B 333 13.18 -14.82 -7.05
CA VAL B 333 12.94 -13.79 -6.05
C VAL B 333 11.77 -14.18 -5.15
N LEU B 334 10.71 -14.74 -5.74
CA LEU B 334 9.57 -15.17 -4.94
C LEU B 334 9.94 -16.30 -4.01
N GLY B 335 10.74 -17.25 -4.49
CA GLY B 335 11.20 -18.31 -3.61
C GLY B 335 12.00 -17.79 -2.44
N HIS B 336 12.89 -16.85 -2.69
CA HIS B 336 13.68 -16.24 -1.62
C HIS B 336 12.79 -15.48 -0.65
N THR B 337 11.79 -14.77 -1.17
CA THR B 337 10.85 -14.05 -0.32
C THR B 337 10.08 -15.00 0.58
N LEU B 338 9.52 -16.06 0.01
CA LEU B 338 8.82 -17.05 0.82
C LEU B 338 9.73 -17.61 1.90
N ARG B 339 10.90 -18.12 1.51
CA ARG B 339 11.83 -18.69 2.46
C ARG B 339 12.29 -17.68 3.51
N ALA B 340 12.18 -16.39 3.24
CA ALA B 340 12.63 -15.36 4.16
C ALA B 340 11.51 -14.70 4.94
N SER B 341 10.26 -15.08 4.71
CA SER B 341 9.10 -14.49 5.37
C SER B 341 8.27 -15.58 6.02
N THR B 342 8.92 -16.57 6.62
CA THR B 342 8.20 -17.64 7.30
C THR B 342 7.41 -17.11 8.49
N ASN B 343 8.01 -16.20 9.26
CA ASN B 343 7.35 -15.68 10.45
C ASN B 343 6.05 -14.98 10.10
N GLU B 344 6.05 -14.16 9.05
CA GLU B 344 4.82 -13.47 8.67
C GLU B 344 3.78 -14.43 8.12
N PHE B 345 4.20 -15.52 7.49
CA PHE B 345 3.24 -16.52 7.04
C PHE B 345 2.58 -17.20 8.22
N LEU B 346 3.37 -17.58 9.22
CA LEU B 346 2.80 -18.16 10.43
C LEU B 346 1.87 -17.17 11.11
N LEU B 347 2.23 -15.89 11.12
CA LEU B 347 1.38 -14.86 11.70
C LEU B 347 0.05 -14.77 10.95
N LEU B 348 0.11 -14.78 9.62
CA LEU B 348 -1.12 -14.72 8.82
C LEU B 348 -2.00 -15.92 9.08
N ILE B 349 -1.40 -17.11 9.17
CA ILE B 349 -2.20 -18.32 9.38
C ILE B 349 -2.83 -18.31 10.76
N ILE B 350 -2.11 -17.84 11.78
CA ILE B 350 -2.70 -17.76 13.11
C ILE B 350 -3.84 -16.74 13.14
N PHE B 351 -3.64 -15.57 12.55
CA PHE B 351 -4.70 -14.58 12.50
C PHE B 351 -5.94 -15.14 11.83
N LEU B 352 -5.76 -15.78 10.67
CA LEU B 352 -6.89 -16.34 9.95
C LEU B 352 -7.57 -17.45 10.73
N ALA B 353 -6.81 -18.29 11.42
CA ALA B 353 -7.42 -19.38 12.17
C ALA B 353 -8.25 -18.84 13.33
N LEU B 354 -7.70 -17.88 14.09
CA LEU B 354 -8.47 -17.29 15.18
C LEU B 354 -9.72 -16.60 14.64
N GLY B 355 -9.58 -15.79 13.60
CA GLY B 355 -10.74 -15.12 13.05
C GLY B 355 -11.81 -16.10 12.58
N VAL B 356 -11.38 -17.14 11.86
CA VAL B 356 -12.32 -18.12 11.33
C VAL B 356 -13.05 -18.82 12.46
N LEU B 357 -12.32 -19.30 13.46
CA LEU B 357 -12.96 -20.00 14.58
C LEU B 357 -13.97 -19.09 15.28
N ILE B 358 -13.53 -17.89 15.67
CA ILE B 358 -14.38 -17.01 16.45
C ILE B 358 -15.63 -16.64 15.65
N PHE B 359 -15.46 -16.24 14.39
CA PHE B 359 -16.61 -15.79 13.62
C PHE B 359 -17.52 -16.94 13.22
N ALA B 360 -16.99 -18.14 13.04
CA ALA B 360 -17.85 -19.29 12.80
C ALA B 360 -18.74 -19.55 14.00
N THR B 361 -18.16 -19.56 15.20
CA THR B 361 -18.98 -19.74 16.39
C THR B 361 -20.02 -18.63 16.54
N MET B 362 -19.59 -17.38 16.34
CA MET B 362 -20.50 -16.25 16.50
C MET B 362 -21.65 -16.31 15.51
N ILE B 363 -21.39 -16.63 14.24
CA ILE B 363 -22.47 -16.64 13.27
C ILE B 363 -23.39 -17.82 13.49
N TYR B 364 -22.84 -18.97 13.88
CA TYR B 364 -23.70 -20.12 14.17
C TYR B 364 -24.65 -19.82 15.31
N TYR B 365 -24.18 -19.13 16.34
CA TYR B 365 -25.08 -18.81 17.44
C TYR B 365 -26.01 -17.65 17.13
N ALA B 366 -25.55 -16.67 16.36
CA ALA B 366 -26.40 -15.55 15.98
C ALA B 366 -27.57 -16.01 15.14
N GLU B 367 -27.33 -16.91 14.19
CA GLU B 367 -28.38 -17.34 13.26
C GLU B 367 -29.43 -18.21 13.93
N ARG B 368 -29.20 -18.69 15.14
CA ARG B 368 -30.18 -19.49 15.86
C ARG B 368 -31.14 -18.65 16.70
N ILE B 369 -30.85 -17.36 16.88
CA ILE B 369 -31.74 -16.52 17.68
C ILE B 369 -33.12 -16.45 17.05
N GLY B 370 -33.18 -16.21 15.75
CA GLY B 370 -34.41 -16.14 15.02
C GLY B 370 -34.96 -17.44 14.48
N ALA B 371 -34.46 -18.58 14.96
CA ALA B 371 -34.95 -19.87 14.49
C ALA B 371 -36.43 -20.04 14.82
N GLN B 372 -37.18 -20.54 13.85
CA GLN B 372 -38.60 -20.77 14.05
C GLN B 372 -38.80 -21.92 15.04
N PRO B 373 -39.70 -21.78 16.02
CA PRO B 373 -39.90 -22.87 16.99
C PRO B 373 -40.57 -24.09 16.42
N ASN B 374 -41.25 -23.97 15.28
CA ASN B 374 -41.98 -25.10 14.71
C ASN B 374 -41.06 -26.26 14.35
N ASP B 375 -40.01 -25.99 13.58
CA ASP B 375 -39.17 -27.07 13.06
C ASP B 375 -38.50 -27.87 14.18
N PRO B 376 -38.48 -29.19 14.10
CA PRO B 376 -37.81 -29.98 15.13
C PRO B 376 -36.32 -29.70 15.22
N SER B 377 -35.65 -29.56 14.08
CA SER B 377 -34.24 -29.24 14.06
C SER B 377 -33.99 -27.83 14.56
N ALA B 378 -32.80 -27.61 15.11
CA ALA B 378 -32.45 -26.29 15.62
C ALA B 378 -32.40 -25.25 14.50
N SER B 379 -31.86 -25.62 13.34
CA SER B 379 -31.72 -24.70 12.23
C SER B 379 -32.17 -25.36 10.93
N GLU B 380 -33.21 -24.81 10.33
CA GLU B 380 -33.76 -25.28 9.06
C GLU B 380 -33.70 -24.23 7.97
N HIS B 381 -33.83 -22.95 8.34
CA HIS B 381 -33.89 -21.84 7.40
C HIS B 381 -32.54 -21.17 7.18
N THR B 382 -31.51 -21.60 7.88
CA THR B 382 -30.18 -21.00 7.80
C THR B 382 -29.19 -21.95 7.18
N HIS B 383 -28.23 -21.39 6.43
CA HIS B 383 -27.15 -22.19 5.91
C HIS B 383 -26.20 -22.65 7.01
N PHE B 384 -26.22 -21.98 8.16
CA PHE B 384 -25.28 -22.23 9.25
C PHE B 384 -25.86 -23.28 10.20
N LYS B 385 -25.92 -24.50 9.70
CA LYS B 385 -26.44 -25.62 10.47
C LYS B 385 -25.46 -26.14 11.50
N ASN B 386 -24.18 -25.76 11.40
CA ASN B 386 -23.17 -26.16 12.36
C ASN B 386 -22.01 -25.17 12.25
N ILE B 387 -20.94 -25.44 12.99
CA ILE B 387 -19.82 -24.51 13.07
C ILE B 387 -18.85 -24.66 11.90
N PRO B 388 -18.43 -25.88 11.51
CA PRO B 388 -17.51 -25.99 10.36
C PRO B 388 -17.97 -25.28 9.09
N ILE B 389 -19.24 -25.41 8.75
CA ILE B 389 -19.83 -24.58 7.71
C ILE B 389 -19.52 -23.11 8.00
N GLY B 390 -19.53 -22.75 9.27
CA GLY B 390 -19.11 -21.42 9.64
C GLY B 390 -17.67 -21.13 9.26
N PHE B 391 -16.80 -22.14 9.38
CA PHE B 391 -15.40 -21.95 8.97
C PHE B 391 -15.33 -21.56 7.50
N TRP B 392 -16.05 -22.31 6.66
CA TRP B 392 -16.04 -22.01 5.23
C TRP B 392 -16.56 -20.62 4.94
N TRP B 393 -17.72 -20.28 5.50
CA TRP B 393 -18.28 -18.95 5.28
C TRP B 393 -17.34 -17.86 5.77
N ALA B 394 -16.70 -18.08 6.93
CA ALA B 394 -15.83 -17.07 7.50
C ALA B 394 -14.61 -16.82 6.64
N VAL B 395 -14.04 -17.87 6.04
CA VAL B 395 -12.92 -17.65 5.12
C VAL B 395 -13.38 -16.87 3.90
N VAL B 396 -14.45 -17.32 3.26
CA VAL B 396 -14.97 -16.68 2.06
C VAL B 396 -15.34 -15.22 2.32
N THR B 397 -15.77 -14.90 3.54
CA THR B 397 -16.19 -13.55 3.87
C THR B 397 -15.05 -12.66 4.33
N MET B 398 -14.07 -13.22 5.04
CA MET B 398 -12.94 -12.40 5.48
C MET B 398 -12.01 -12.05 4.33
N THR B 399 -11.84 -12.94 3.36
CA THR B 399 -11.02 -12.59 2.21
C THR B 399 -11.75 -11.69 1.22
N THR B 400 -12.90 -11.13 1.60
CA THR B 400 -13.78 -10.36 0.72
C THR B 400 -14.10 -11.09 -0.57
N LEU B 401 -14.05 -12.41 -0.53
CA LEU B 401 -14.42 -13.19 -1.71
C LEU B 401 -15.93 -13.16 -1.89
N GLY B 402 -16.67 -13.68 -0.93
CA GLY B 402 -18.11 -13.58 -0.98
C GLY B 402 -18.74 -14.28 -2.14
N TYR B 403 -18.72 -15.62 -2.14
CA TYR B 403 -19.38 -16.37 -3.20
C TYR B 403 -20.88 -16.11 -3.18
N GLY B 404 -21.49 -16.17 -2.01
CA GLY B 404 -22.92 -16.11 -1.91
C GLY B 404 -23.61 -17.43 -1.82
N ASP B 405 -22.87 -18.53 -1.67
CA ASP B 405 -23.51 -19.82 -1.44
C ASP B 405 -24.17 -19.86 -0.08
N MET B 406 -23.58 -19.20 0.90
CA MET B 406 -24.16 -19.07 2.23
C MET B 406 -23.90 -17.67 2.75
N TYR B 407 -24.93 -17.04 3.30
CA TYR B 407 -24.89 -15.68 3.77
C TYR B 407 -25.88 -15.55 4.93
N PRO B 408 -25.66 -14.62 5.85
CA PRO B 408 -26.60 -14.47 6.96
C PRO B 408 -27.98 -13.99 6.49
N GLN B 409 -29.01 -14.46 7.19
CA GLN B 409 -30.39 -14.10 6.89
C GLN B 409 -31.16 -13.65 8.13
N THR B 410 -30.48 -13.19 9.17
CA THR B 410 -31.11 -12.71 10.38
C THR B 410 -30.37 -11.47 10.83
N TRP B 411 -31.09 -10.50 11.40
CA TRP B 411 -30.47 -9.24 11.77
C TRP B 411 -29.21 -9.44 12.62
N SER B 412 -29.27 -10.37 13.58
CA SER B 412 -28.09 -10.75 14.33
C SER B 412 -27.02 -11.35 13.42
N GLY B 413 -27.44 -12.22 12.50
CA GLY B 413 -26.48 -12.78 11.55
C GLY B 413 -25.85 -11.71 10.68
N MET B 414 -26.63 -10.70 10.31
CA MET B 414 -26.09 -9.63 9.47
C MET B 414 -25.10 -8.77 10.25
N LEU B 415 -25.37 -8.50 11.52
CA LEU B 415 -24.39 -7.80 12.35
C LEU B 415 -23.08 -8.58 12.40
N VAL B 416 -23.15 -9.86 12.74
CA VAL B 416 -21.95 -10.70 12.79
C VAL B 416 -21.25 -10.73 11.43
N GLY B 417 -22.02 -10.72 10.34
CA GLY B 417 -21.41 -10.75 9.02
C GLY B 417 -20.64 -9.48 8.71
N ALA B 418 -21.20 -8.33 9.06
CA ALA B 418 -20.48 -7.07 8.86
C ALA B 418 -19.20 -7.04 9.68
N LEU B 419 -19.26 -7.52 10.92
CA LEU B 419 -18.06 -7.60 11.74
C LEU B 419 -17.02 -8.51 11.10
N CYS B 420 -17.47 -9.64 10.57
CA CYS B 420 -16.55 -10.57 9.92
C CYS B 420 -15.87 -9.95 8.72
N ALA B 421 -16.62 -9.22 7.88
CA ALA B 421 -16.02 -8.60 6.71
C ALA B 421 -14.96 -7.59 7.11
N LEU B 422 -15.27 -6.71 8.06
CA LEU B 422 -14.30 -5.68 8.47
C LEU B 422 -13.08 -6.30 9.15
N ALA B 423 -13.30 -7.23 10.09
CA ALA B 423 -12.17 -7.87 10.75
C ALA B 423 -11.32 -8.65 9.78
N GLY B 424 -11.92 -9.21 8.74
CA GLY B 424 -11.14 -9.92 7.75
C GLY B 424 -10.26 -8.98 6.95
N VAL B 425 -10.83 -7.88 6.49
CA VAL B 425 -10.02 -6.87 5.79
C VAL B 425 -8.85 -6.45 6.66
N LEU B 426 -9.09 -6.21 7.94
CA LEU B 426 -8.02 -5.70 8.82
C LEU B 426 -6.95 -6.76 9.07
N THR B 427 -7.34 -7.94 9.53
CA THR B 427 -6.34 -8.96 9.86
C THR B 427 -5.74 -9.62 8.63
N ILE B 428 -6.24 -9.33 7.44
CA ILE B 428 -5.53 -9.72 6.23
C ILE B 428 -4.56 -8.64 5.81
N ALA B 429 -4.93 -7.37 5.99
CA ALA B 429 -4.04 -6.26 5.65
C ALA B 429 -2.98 -5.99 6.71
N MET B 430 -2.96 -6.74 7.81
CA MET B 430 -1.88 -6.53 8.78
C MET B 430 -0.55 -7.10 8.28
N PRO B 431 -0.39 -8.43 8.06
CA PRO B 431 0.94 -8.97 7.72
C PRO B 431 1.30 -8.99 6.23
N VAL B 432 0.27 -8.97 5.38
CA VAL B 432 0.51 -9.00 3.95
C VAL B 432 1.37 -7.84 3.48
N PRO B 433 1.20 -6.61 4.00
CA PRO B 433 2.13 -5.54 3.60
C PRO B 433 3.57 -5.80 3.99
N VAL B 434 3.82 -6.44 5.13
CA VAL B 434 5.18 -6.84 5.48
C VAL B 434 5.75 -7.76 4.41
N ILE B 435 4.98 -8.79 4.05
CA ILE B 435 5.45 -9.73 3.04
C ILE B 435 5.69 -9.02 1.70
N VAL B 436 4.81 -8.09 1.35
CA VAL B 436 4.92 -7.37 0.09
C VAL B 436 6.16 -6.50 0.08
N ASN B 437 6.48 -5.86 1.20
CA ASN B 437 7.69 -5.05 1.27
C ASN B 437 8.94 -5.92 1.14
N ASN B 438 8.93 -7.11 1.76
CA ASN B 438 10.04 -8.03 1.57
C ASN B 438 10.25 -8.35 0.09
N PHE B 439 9.16 -8.70 -0.60
CA PHE B 439 9.30 -9.03 -2.02
C PHE B 439 9.79 -7.83 -2.81
N GLY B 440 9.32 -6.64 -2.47
CA GLY B 440 9.76 -5.46 -3.20
C GLY B 440 11.24 -5.20 -3.05
N MET B 441 11.76 -5.33 -1.83
CA MET B 441 13.19 -5.14 -1.61
C MET B 441 14.01 -6.18 -2.36
N TYR B 442 13.60 -7.46 -2.28
CA TYR B 442 14.36 -8.50 -2.95
C TYR B 442 14.31 -8.34 -4.46
N TYR B 443 13.15 -7.95 -5.00
CA TYR B 443 13.01 -7.79 -6.44
C TYR B 443 13.83 -6.62 -6.95
N SER B 444 13.81 -5.49 -6.24
CA SER B 444 14.63 -4.37 -6.65
C SER B 444 16.11 -4.73 -6.62
N LEU B 445 16.55 -5.42 -5.57
CA LEU B 445 17.96 -5.78 -5.50
C LEU B 445 18.36 -6.75 -6.61
N ALA B 446 17.51 -7.74 -6.89
CA ALA B 446 17.83 -8.72 -7.93
C ALA B 446 17.85 -8.06 -9.30
N MET B 447 16.89 -7.18 -9.58
CA MET B 447 16.88 -6.48 -10.86
C MET B 447 18.08 -5.56 -11.00
N ALA B 448 18.49 -4.91 -9.91
CA ALA B 448 19.71 -4.10 -9.94
C ALA B 448 20.92 -4.95 -10.27
N LYS B 449 21.14 -6.02 -9.50
CA LYS B 449 22.30 -6.88 -9.74
C LYS B 449 22.27 -7.52 -11.12
N GLN B 450 21.10 -7.66 -11.72
CA GLN B 450 21.04 -8.17 -13.08
C GLN B 450 21.40 -7.09 -14.09
N LYS B 451 20.86 -5.88 -13.89
CA LYS B 451 21.05 -4.79 -14.85
C LYS B 451 22.49 -4.34 -14.90
N LEU B 452 23.07 -4.05 -13.73
CA LEU B 452 24.44 -3.55 -13.62
C LEU B 452 25.39 -4.37 -14.49
N PRO B 453 26.12 -3.74 -15.41
CA PRO B 453 27.06 -4.49 -16.25
C PRO B 453 28.22 -5.01 -15.42
N LYS B 454 28.78 -6.13 -15.88
CA LYS B 454 29.91 -6.74 -15.18
C LYS B 454 31.05 -5.73 -15.04
N LYS B 455 31.50 -5.55 -13.80
CA LYS B 455 32.55 -4.59 -13.51
C LYS B 455 33.93 -5.16 -13.79
N LYS B 456 34.89 -4.26 -13.96
CA LYS B 456 36.30 -4.62 -14.16
C LYS B 456 37.19 -4.19 -13.00
N LYS B 457 36.60 -3.82 -11.87
CA LYS B 457 37.34 -3.44 -10.66
C LYS B 457 38.39 -2.36 -10.94
N LYS B 458 37.90 -1.19 -11.36
CA LYS B 458 38.78 -0.08 -11.72
C LYS B 458 39.74 0.28 -10.61
N HIS B 459 39.32 0.15 -9.35
CA HIS B 459 40.14 0.52 -8.21
C HIS B 459 41.19 -0.56 -7.96
N ILE B 460 42.43 -0.27 -8.33
CA ILE B 460 43.55 -1.17 -8.04
C ILE B 460 44.03 -0.89 -6.61
N PRO B 461 43.69 -1.75 -5.65
CA PRO B 461 44.02 -1.44 -4.25
C PRO B 461 45.51 -1.35 -4.01
N ARG B 462 45.90 -0.42 -3.15
CA ARG B 462 47.29 -0.23 -2.80
C ARG B 462 47.77 -1.40 -1.94
N PRO B 463 49.07 -1.75 -2.02
CA PRO B 463 49.62 -2.81 -1.18
C PRO B 463 49.67 -2.44 0.30
N SER C 7 56.24 14.60 2.70
CA SER C 7 56.09 13.73 1.55
C SER C 7 54.78 12.97 1.61
N GLU C 8 54.26 12.59 0.44
CA GLU C 8 53.05 11.80 0.30
C GLU C 8 51.91 12.33 1.18
N ARG C 9 51.90 13.62 1.42
CA ARG C 9 50.86 14.31 2.19
C ARG C 9 50.34 15.42 1.31
N ILE C 10 49.13 15.27 0.79
CA ILE C 10 48.55 16.23 -0.14
C ILE C 10 47.24 16.75 0.44
N VAL C 11 47.05 18.07 0.37
CA VAL C 11 45.89 18.73 0.94
C VAL C 11 45.04 19.26 -0.19
N ILE C 12 43.83 18.73 -0.32
CA ILE C 12 42.89 19.17 -1.34
C ILE C 12 41.94 20.17 -0.69
N ASN C 13 41.84 21.36 -1.25
CA ASN C 13 40.94 22.38 -0.76
C ASN C 13 39.73 22.43 -1.69
N VAL C 14 38.61 21.91 -1.23
CA VAL C 14 37.40 21.87 -2.03
C VAL C 14 36.41 22.83 -1.39
N GLY C 15 36.12 23.93 -2.08
CA GLY C 15 35.14 24.89 -1.58
C GLY C 15 35.42 25.37 -0.17
N GLY C 16 36.69 25.56 0.16
CA GLY C 16 37.07 26.09 1.45
C GLY C 16 37.17 25.07 2.57
N THR C 17 37.04 23.79 2.27
CA THR C 17 37.18 22.72 3.26
C THR C 17 38.42 21.92 2.89
N ARG C 18 39.37 21.84 3.80
CA ARG C 18 40.63 21.19 3.51
C ARG C 18 40.53 19.70 3.74
N HIS C 19 40.68 18.92 2.68
CA HIS C 19 40.71 17.47 2.76
C HIS C 19 42.15 17.03 2.63
N GLN C 20 42.59 16.18 3.54
CA GLN C 20 43.96 15.70 3.58
C GLN C 20 43.97 14.19 3.32
N THR C 21 44.94 13.75 2.52
CA THR C 21 45.08 12.34 2.23
C THR C 21 46.46 12.09 1.64
N HIS C 22 46.84 10.81 1.60
CA HIS C 22 48.14 10.42 1.09
C HIS C 22 48.12 10.37 -0.44
N ARG C 23 49.27 10.65 -1.06
CA ARG C 23 49.33 10.60 -2.51
C ARG C 23 49.02 9.22 -3.06
N SER C 24 49.26 8.17 -2.27
CA SER C 24 48.98 6.81 -2.74
C SER C 24 47.49 6.60 -2.95
N THR C 25 46.67 7.08 -2.01
CA THR C 25 45.24 6.90 -2.12
C THR C 25 44.69 7.55 -3.37
N LEU C 26 45.16 8.75 -3.69
CA LEU C 26 44.80 9.39 -4.95
C LEU C 26 45.32 8.59 -6.14
N ARG C 27 46.54 8.07 -6.03
CA ARG C 27 47.17 7.37 -7.13
C ARG C 27 46.53 6.01 -7.42
N THR C 28 45.67 5.49 -6.53
CA THR C 28 45.05 4.19 -6.78
C THR C 28 44.26 4.19 -8.08
N LEU C 29 43.22 5.00 -8.16
CA LEU C 29 42.36 5.04 -9.33
C LEU C 29 42.97 5.89 -10.43
N PRO C 30 43.51 5.30 -11.50
CA PRO C 30 44.22 6.09 -12.50
C PRO C 30 43.26 6.73 -13.49
N GLY C 31 43.81 7.65 -14.29
CA GLY C 31 43.05 8.32 -15.32
C GLY C 31 42.12 9.41 -14.84
N THR C 32 41.72 9.39 -13.58
CA THR C 32 40.82 10.40 -13.03
C THR C 32 41.60 11.67 -12.69
N ARG C 33 40.87 12.77 -12.51
CA ARG C 33 41.50 14.06 -12.25
C ARG C 33 42.38 14.03 -11.00
N LEU C 34 41.89 13.45 -9.91
CA LEU C 34 42.69 13.35 -8.70
C LEU C 34 43.97 12.56 -8.93
N ALA C 35 43.91 11.53 -9.76
CA ALA C 35 45.12 10.80 -10.12
C ALA C 35 46.15 11.73 -10.72
N TRP C 36 45.73 12.55 -11.70
CA TRP C 36 46.63 13.55 -12.27
C TRP C 36 47.16 14.49 -11.21
N LEU C 37 46.34 14.80 -10.20
CA LEU C 37 46.81 15.58 -9.06
C LEU C 37 47.98 14.92 -8.36
N ALA C 38 47.87 13.61 -8.13
CA ALA C 38 48.94 12.90 -7.43
C ALA C 38 50.29 12.97 -8.14
N GLU C 39 50.31 13.28 -9.44
CA GLU C 39 51.56 13.27 -10.17
C GLU C 39 52.51 14.40 -9.73
N PRO C 40 53.81 14.24 -10.02
CA PRO C 40 54.79 15.25 -9.60
C PRO C 40 54.66 16.62 -10.27
N ASP C 41 54.13 16.70 -11.49
CA ASP C 41 54.00 17.96 -12.19
C ASP C 41 52.61 18.58 -12.05
N ALA C 42 51.89 18.22 -11.00
CA ALA C 42 50.55 18.75 -10.76
C ALA C 42 50.59 20.25 -10.47
N HIS C 43 51.60 20.71 -9.72
CA HIS C 43 51.70 22.12 -9.35
C HIS C 43 51.56 23.04 -10.56
N SER C 44 52.27 22.73 -11.65
CA SER C 44 52.21 23.58 -12.83
C SER C 44 50.82 23.54 -13.47
N HIS C 45 50.23 22.35 -13.56
CA HIS C 45 48.97 22.16 -14.27
C HIS C 45 47.75 22.68 -13.49
N PHE C 46 47.71 22.50 -12.18
CA PHE C 46 46.54 22.86 -11.40
C PHE C 46 46.69 24.20 -10.68
N ASP C 47 45.61 24.61 -10.01
CA ASP C 47 45.52 25.84 -9.23
C ASP C 47 46.10 25.54 -7.84
N TYR C 48 47.41 25.67 -7.74
CA TYR C 48 48.15 25.37 -6.52
C TYR C 48 48.91 26.60 -6.06
N ASP C 49 48.70 26.98 -4.80
CA ASP C 49 49.44 28.11 -4.26
C ASP C 49 50.46 27.64 -3.24
N PRO C 50 51.72 28.06 -3.39
CA PRO C 50 52.79 27.55 -2.53
C PRO C 50 52.70 28.01 -1.09
N ARG C 51 51.88 29.03 -0.79
CA ARG C 51 51.77 29.53 0.58
C ARG C 51 51.17 28.51 1.52
N ALA C 52 50.14 27.79 1.09
CA ALA C 52 49.48 26.82 1.96
C ALA C 52 49.63 25.39 1.47
N ASP C 53 50.28 25.17 0.32
CA ASP C 53 50.53 23.84 -0.22
C ASP C 53 49.23 23.06 -0.38
N GLU C 54 48.18 23.75 -0.76
CA GLU C 54 46.86 23.15 -0.95
C GLU C 54 46.37 23.43 -2.36
N PHE C 55 45.83 22.40 -3.01
CA PHE C 55 45.16 22.60 -4.29
C PHE C 55 43.73 23.03 -4.06
N PHE C 56 43.26 24.00 -4.84
CA PHE C 56 41.94 24.59 -4.63
C PHE C 56 41.01 24.19 -5.77
N PHE C 57 39.90 23.56 -5.41
CA PHE C 57 38.83 23.21 -6.34
C PHE C 57 37.55 23.87 -5.87
N ASP C 58 36.84 24.50 -6.78
CA ASP C 58 35.65 25.28 -6.45
C ASP C 58 34.39 24.42 -6.60
N ARG C 59 34.30 23.39 -5.76
CA ARG C 59 33.22 22.42 -5.85
C ARG C 59 32.59 22.23 -4.47
N HIS C 60 31.43 21.57 -4.48
CA HIS C 60 30.76 21.19 -3.24
C HIS C 60 31.67 20.27 -2.44
N PRO C 61 31.95 20.58 -1.16
CA PRO C 61 32.82 19.71 -0.38
C PRO C 61 32.12 18.51 0.23
N GLY C 62 30.84 18.70 0.56
CA GLY C 62 30.05 17.66 1.19
C GLY C 62 29.96 16.38 0.40
N VAL C 63 30.15 16.43 -0.91
CA VAL C 63 30.13 15.24 -1.75
C VAL C 63 31.54 14.83 -2.14
N PHE C 64 32.47 15.80 -2.17
CA PHE C 64 33.85 15.41 -2.38
C PHE C 64 34.34 14.51 -1.25
N ALA C 65 33.76 14.63 -0.06
CA ALA C 65 34.01 13.64 0.98
C ALA C 65 33.76 12.23 0.46
N HIS C 66 32.61 11.99 -0.15
CA HIS C 66 32.26 10.65 -0.62
C HIS C 66 33.10 10.22 -1.82
N ILE C 67 33.44 11.14 -2.70
CA ILE C 67 34.32 10.80 -3.83
C ILE C 67 35.69 10.34 -3.31
N LEU C 68 36.27 11.12 -2.41
CA LEU C 68 37.55 10.72 -1.83
C LEU C 68 37.41 9.43 -1.05
N ASN C 69 36.24 9.18 -0.48
CA ASN C 69 36.01 7.90 0.18
C ASN C 69 36.08 6.75 -0.81
N TYR C 70 35.51 6.93 -2.00
CA TYR C 70 35.68 5.93 -3.05
C TYR C 70 37.15 5.69 -3.34
N TYR C 71 37.94 6.75 -3.41
CA TYR C 71 39.38 6.56 -3.57
C TYR C 71 39.98 5.76 -2.41
N ARG C 72 39.51 6.01 -1.19
CA ARG C 72 40.13 5.42 -0.01
C ARG C 72 39.78 3.94 0.14
N THR C 73 38.49 3.61 0.21
CA THR C 73 38.09 2.23 0.48
C THR C 73 38.09 1.38 -0.78
N GLY C 74 37.49 1.89 -1.86
CA GLY C 74 37.42 1.14 -3.10
C GLY C 74 36.02 0.88 -3.60
N LYS C 75 34.98 1.33 -2.91
CA LYS C 75 33.61 1.15 -3.33
C LYS C 75 32.92 2.50 -3.37
N LEU C 76 32.27 2.82 -4.48
CA LEU C 76 31.62 4.11 -4.64
C LEU C 76 30.17 4.00 -4.19
N HIS C 77 29.76 4.89 -3.29
CA HIS C 77 28.40 4.92 -2.81
C HIS C 77 27.77 6.27 -3.09
N CYS C 78 26.44 6.32 -3.05
CA CYS C 78 25.69 7.55 -3.20
C CYS C 78 25.38 8.16 -1.84
N PRO C 79 25.80 9.40 -1.57
CA PRO C 79 25.44 10.06 -0.32
C PRO C 79 23.95 10.33 -0.26
N ALA C 80 23.29 9.76 0.73
CA ALA C 80 21.83 9.82 0.79
C ALA C 80 21.32 11.18 1.17
N ASP C 81 22.13 12.22 1.28
CA ASP C 81 21.67 13.55 1.65
C ASP C 81 21.67 14.53 0.48
N VAL C 82 21.92 14.05 -0.74
CA VAL C 82 21.90 14.88 -1.94
C VAL C 82 21.09 14.16 -3.01
N CYS C 83 20.38 14.93 -3.81
CA CYS C 83 19.64 14.41 -4.95
C CYS C 83 20.56 13.69 -5.92
N GLY C 84 20.03 12.66 -6.57
CA GLY C 84 20.78 11.88 -7.52
C GLY C 84 21.46 12.71 -8.58
N PRO C 85 20.75 13.67 -9.20
CA PRO C 85 21.39 14.50 -10.22
C PRO C 85 22.54 15.35 -9.72
N LEU C 86 22.47 15.87 -8.50
CA LEU C 86 23.59 16.64 -7.95
C LEU C 86 24.85 15.79 -7.86
N TYR C 87 24.72 14.60 -7.29
CA TYR C 87 25.85 13.71 -7.16
C TYR C 87 26.33 13.26 -8.53
N GLU C 88 25.40 13.00 -9.43
CA GLU C 88 25.76 12.67 -10.81
C GLU C 88 26.66 13.72 -11.41
N GLU C 89 26.28 14.99 -11.29
CA GLU C 89 27.08 16.05 -11.88
C GLU C 89 28.43 16.18 -11.19
N GLU C 90 28.48 15.97 -9.87
CA GLU C 90 29.75 16.09 -9.16
C GLU C 90 30.72 15.00 -9.58
N LEU C 91 30.30 13.74 -9.54
CA LEU C 91 31.19 12.68 -9.97
C LEU C 91 31.52 12.77 -11.45
N ALA C 92 30.59 13.28 -12.28
CA ALA C 92 30.93 13.54 -13.67
C ALA C 92 32.07 14.54 -13.78
N PHE C 93 32.07 15.58 -12.96
CA PHE C 93 33.17 16.54 -12.98
C PHE C 93 34.47 15.89 -12.54
N TRP C 94 34.43 15.10 -11.46
CA TRP C 94 35.63 14.48 -10.92
C TRP C 94 36.19 13.37 -11.79
N GLY C 95 35.44 12.89 -12.80
CA GLY C 95 35.91 11.84 -13.67
C GLY C 95 35.49 10.44 -13.29
N ILE C 96 34.80 10.26 -12.17
CA ILE C 96 34.33 8.95 -11.77
C ILE C 96 33.25 8.46 -12.72
N ASP C 97 33.35 7.20 -13.13
CA ASP C 97 32.29 6.59 -13.94
C ASP C 97 31.06 6.34 -13.09
N GLU C 98 29.88 6.62 -13.64
CA GLU C 98 28.66 6.50 -12.86
C GLU C 98 28.20 5.05 -12.72
N THR C 99 28.74 4.14 -13.53
CA THR C 99 28.36 2.73 -13.47
C THR C 99 29.19 1.95 -12.45
N ASP C 100 29.80 2.62 -11.50
CA ASP C 100 30.59 1.98 -10.46
C ASP C 100 29.87 1.92 -9.11
N VAL C 101 28.79 2.67 -8.94
CA VAL C 101 28.14 2.72 -7.64
C VAL C 101 27.68 1.32 -7.23
N GLU C 102 27.73 1.06 -5.94
CA GLU C 102 27.35 -0.22 -5.40
C GLU C 102 25.85 -0.48 -5.59
N PRO C 103 25.45 -1.74 -5.74
CA PRO C 103 24.02 -2.05 -5.90
C PRO C 103 23.16 -1.56 -4.76
N CYS C 104 23.73 -1.31 -3.58
CA CYS C 104 22.95 -0.77 -2.48
C CYS C 104 22.44 0.64 -2.78
N CYS C 105 23.11 1.36 -3.69
CA CYS C 105 22.79 2.75 -3.99
C CYS C 105 22.28 2.96 -5.40
N TRP C 106 22.44 1.96 -6.27
CA TRP C 106 22.08 2.12 -7.68
C TRP C 106 20.62 2.46 -7.86
N MET C 107 19.71 1.79 -7.15
CA MET C 107 18.29 2.05 -7.40
C MET C 107 17.86 3.43 -6.93
N THR C 108 18.39 3.91 -5.80
CA THR C 108 18.05 5.27 -5.38
C THR C 108 18.69 6.30 -6.28
N TYR C 109 19.92 6.05 -6.73
CA TYR C 109 20.66 6.96 -7.58
C TYR C 109 19.98 7.10 -8.94
N ARG C 110 20.01 6.01 -9.72
CA ARG C 110 19.41 6.00 -11.05
C ARG C 110 17.89 5.89 -10.93
N GLN C 111 17.26 6.92 -10.36
CA GLN C 111 15.81 6.96 -10.21
C GLN C 111 15.22 8.13 -10.96
N HIS C 112 15.66 9.35 -10.68
CA HIS C 112 15.17 10.50 -11.44
C HIS C 112 15.52 10.38 -12.90
N ARG C 113 16.69 9.84 -13.22
CA ARG C 113 17.06 9.79 -14.63
C ARG C 113 16.28 8.72 -15.35
N ASP C 114 15.86 7.67 -14.64
CA ASP C 114 14.97 6.69 -15.24
C ASP C 114 13.59 7.27 -15.48
N ALA C 115 13.02 7.91 -14.46
CA ALA C 115 11.72 8.55 -14.64
C ALA C 115 11.75 9.59 -15.75
N GLU C 116 12.79 10.43 -15.78
CA GLU C 116 12.91 11.44 -16.82
C GLU C 116 13.03 10.82 -18.20
N GLU C 117 13.86 9.78 -18.33
CA GLU C 117 14.03 9.14 -19.63
C GLU C 117 12.73 8.51 -20.10
N ALA C 118 11.95 7.95 -19.18
CA ALA C 118 10.69 7.32 -19.57
C ALA C 118 9.65 8.36 -19.95
N LEU C 119 9.63 9.49 -19.24
CA LEU C 119 8.67 10.54 -19.57
C LEU C 119 9.04 11.31 -20.82
N ASP C 120 10.21 11.05 -21.40
CA ASP C 120 10.60 11.70 -22.65
C ASP C 120 10.87 10.64 -23.73
N ARG C 170 0.95 26.45 -49.58
CA ARG C 170 1.83 26.39 -48.41
C ARG C 170 1.58 27.57 -47.48
N ARG C 171 1.03 28.65 -48.04
CA ARG C 171 0.78 29.84 -47.23
C ARG C 171 -0.34 29.60 -46.22
N TRP C 172 -1.39 28.91 -46.63
CA TRP C 172 -2.51 28.58 -45.75
C TRP C 172 -2.35 27.24 -45.04
N GLN C 173 -1.20 26.58 -45.20
CA GLN C 173 -0.98 25.32 -44.50
C GLN C 173 -0.93 25.45 -42.98
N PRO C 174 -0.38 26.51 -42.38
CA PRO C 174 -0.52 26.65 -40.93
C PRO C 174 -1.97 26.73 -40.50
N ARG C 175 -2.83 27.37 -41.29
CA ARG C 175 -4.23 27.47 -40.92
C ARG C 175 -4.97 26.16 -41.17
N ILE C 176 -4.60 25.43 -42.21
CA ILE C 176 -5.12 24.07 -42.40
C ILE C 176 -4.78 23.20 -41.20
N TRP C 177 -3.49 23.12 -40.88
CA TRP C 177 -3.03 22.26 -39.79
C TRP C 177 -3.52 22.75 -38.43
N ALA C 178 -3.98 24.00 -38.31
CA ALA C 178 -4.46 24.49 -37.04
C ALA C 178 -5.70 23.75 -36.52
N LEU C 179 -6.30 22.89 -37.33
CA LEU C 179 -7.46 22.12 -36.89
C LEU C 179 -7.05 20.84 -36.17
N PHE C 180 -5.77 20.48 -36.22
CA PHE C 180 -5.25 19.31 -35.54
C PHE C 180 -4.32 19.65 -34.38
N GLU C 181 -3.90 20.91 -34.25
CA GLU C 181 -3.05 21.30 -33.15
C GLU C 181 -3.85 21.28 -31.85
N ASP C 182 -3.18 21.64 -30.75
CA ASP C 182 -3.82 21.61 -29.45
C ASP C 182 -5.03 22.54 -29.44
N PRO C 183 -6.07 22.19 -28.68
CA PRO C 183 -7.26 23.07 -28.66
C PRO C 183 -6.95 24.46 -28.11
N TYR C 184 -6.23 24.53 -26.99
CA TYR C 184 -5.86 25.80 -26.38
C TYR C 184 -4.91 26.63 -27.25
N SER C 185 -4.34 26.06 -28.31
CA SER C 185 -3.41 26.80 -29.14
C SER C 185 -4.08 27.85 -30.02
N SER C 186 -5.40 27.88 -30.06
CA SER C 186 -6.16 28.86 -30.84
C SER C 186 -7.61 28.81 -30.37
N ARG C 187 -8.47 29.55 -31.06
CA ARG C 187 -9.91 29.51 -30.80
C ARG C 187 -10.63 28.57 -31.75
N TYR C 188 -10.35 28.67 -33.05
CA TYR C 188 -10.81 27.68 -34.01
C TYR C 188 -10.40 26.27 -33.60
N ALA C 189 -9.19 26.11 -33.08
CA ALA C 189 -8.73 24.80 -32.64
C ALA C 189 -9.63 24.26 -31.53
N ARG C 190 -9.91 25.07 -30.51
CA ARG C 190 -10.74 24.62 -29.40
C ARG C 190 -12.17 24.34 -29.88
N TYR C 191 -12.67 25.15 -30.80
CA TYR C 191 -14.01 24.91 -31.34
C TYR C 191 -14.08 23.58 -32.08
N VAL C 192 -13.12 23.33 -32.98
CA VAL C 192 -13.09 22.08 -33.72
C VAL C 192 -12.93 20.90 -32.77
N ALA C 193 -12.16 21.09 -31.70
CA ALA C 193 -11.99 20.01 -30.72
C ALA C 193 -13.30 19.70 -30.02
N PHE C 194 -14.03 20.73 -29.58
CA PHE C 194 -15.34 20.51 -28.99
C PHE C 194 -16.28 19.81 -29.97
N ALA C 195 -16.24 20.21 -31.24
CA ALA C 195 -17.14 19.60 -32.22
C ALA C 195 -16.81 18.13 -32.43
N SER C 196 -15.53 17.80 -32.56
CA SER C 196 -15.15 16.40 -32.70
C SER C 196 -15.48 15.61 -31.45
N LEU C 197 -15.42 16.25 -30.27
CA LEU C 197 -15.85 15.57 -29.05
C LEU C 197 -17.33 15.24 -29.11
N PHE C 198 -18.15 16.22 -29.46
CA PHE C 198 -19.58 15.97 -29.62
C PHE C 198 -19.86 14.84 -30.59
N PHE C 199 -19.15 14.83 -31.71
CA PHE C 199 -19.47 13.84 -32.73
C PHE C 199 -18.97 12.45 -32.37
N ILE C 200 -17.82 12.35 -31.71
CA ILE C 200 -17.36 11.05 -31.22
C ILE C 200 -18.34 10.49 -30.20
N LEU C 201 -18.80 11.34 -29.28
CA LEU C 201 -19.77 10.89 -28.28
C LEU C 201 -21.07 10.45 -28.93
N VAL C 202 -21.51 11.17 -29.96
CA VAL C 202 -22.74 10.78 -30.65
C VAL C 202 -22.57 9.44 -31.35
N SER C 203 -21.41 9.22 -31.98
CA SER C 203 -21.15 7.93 -32.61
C SER C 203 -21.18 6.79 -31.59
N ILE C 204 -20.52 6.99 -30.45
CA ILE C 204 -20.49 5.93 -29.44
C ILE C 204 -21.88 5.63 -28.91
N THR C 205 -22.68 6.68 -28.65
CA THR C 205 -24.04 6.44 -28.17
C THR C 205 -24.89 5.75 -29.21
N THR C 206 -24.75 6.11 -30.49
CA THR C 206 -25.47 5.41 -31.54
C THR C 206 -25.11 3.94 -31.57
N PHE C 207 -23.82 3.62 -31.45
CA PHE C 207 -23.38 2.23 -31.39
C PHE C 207 -24.06 1.48 -30.24
N CYS C 208 -23.92 2.03 -29.03
CA CYS C 208 -24.45 1.36 -27.84
C CYS C 208 -25.97 1.22 -27.89
N LEU C 209 -26.68 2.15 -28.51
CA LEU C 209 -28.12 2.01 -28.63
C LEU C 209 -28.51 1.10 -29.78
N GLU C 210 -27.66 1.00 -30.80
CA GLU C 210 -27.91 0.10 -31.91
C GLU C 210 -27.89 -1.33 -31.46
N THR C 211 -27.06 -1.65 -30.46
CA THR C 211 -27.04 -3.02 -29.96
C THR C 211 -28.20 -3.36 -29.05
N HIS C 212 -29.09 -2.41 -28.77
CA HIS C 212 -30.18 -2.61 -27.83
C HIS C 212 -31.37 -3.30 -28.51
N GLU C 213 -32.26 -3.83 -27.68
CA GLU C 213 -33.48 -4.49 -28.17
C GLU C 213 -34.57 -3.50 -28.53
N ARG C 214 -34.79 -2.49 -27.69
CA ARG C 214 -35.85 -1.51 -27.94
C ARG C 214 -35.73 -0.88 -29.32
N PHE C 215 -34.51 -0.75 -29.84
CA PHE C 215 -34.26 -0.13 -31.14
C PHE C 215 -34.08 -1.15 -32.25
N ASN C 216 -34.32 -2.43 -31.98
CA ASN C 216 -34.19 -3.49 -32.97
C ASN C 216 -35.42 -4.38 -32.98
N PRO C 217 -36.58 -3.85 -33.36
CA PRO C 217 -37.75 -4.72 -33.51
C PRO C 217 -37.61 -5.57 -34.76
N ILE C 218 -38.29 -6.71 -34.75
CA ILE C 218 -38.28 -7.63 -35.89
C ILE C 218 -39.57 -7.45 -36.66
N VAL C 219 -39.45 -7.09 -37.93
CA VAL C 219 -40.62 -6.81 -38.76
C VAL C 219 -41.10 -8.12 -39.39
N ASN C 220 -42.38 -8.13 -39.77
CA ASN C 220 -42.99 -9.30 -40.39
C ASN C 220 -42.72 -9.31 -41.90
N LYS C 221 -41.43 -9.41 -42.24
CA LYS C 221 -40.99 -9.38 -43.62
C LYS C 221 -40.46 -10.75 -44.02
N THR C 222 -40.98 -11.30 -45.11
CA THR C 222 -40.54 -12.59 -45.62
C THR C 222 -40.20 -12.51 -47.10
N TYR C 236 -37.24 -15.37 -44.74
CA TYR C 236 -36.39 -15.09 -43.58
C TYR C 236 -36.90 -13.89 -42.81
N ARG C 237 -36.87 -13.98 -41.48
CA ARG C 237 -37.33 -12.90 -40.60
C ARG C 237 -36.26 -12.61 -39.57
N GLU C 238 -35.76 -11.37 -39.58
CA GLU C 238 -34.73 -10.95 -38.64
C GLU C 238 -35.04 -9.54 -38.17
N ALA C 239 -34.53 -9.22 -36.99
CA ALA C 239 -34.66 -7.86 -36.45
C ALA C 239 -33.91 -6.87 -37.32
N GLU C 240 -34.49 -5.69 -37.50
CA GLU C 240 -33.85 -4.61 -38.25
C GLU C 240 -33.73 -3.38 -37.37
N THR C 241 -32.69 -2.60 -37.63
CA THR C 241 -32.41 -1.39 -36.87
C THR C 241 -33.20 -0.22 -37.44
N GLU C 242 -33.58 0.71 -36.57
CA GLU C 242 -34.36 1.86 -36.98
C GLU C 242 -33.56 2.74 -37.93
N ALA C 243 -34.29 3.46 -38.79
CA ALA C 243 -33.65 4.34 -39.76
C ALA C 243 -32.94 5.52 -39.09
N PHE C 244 -33.47 6.01 -37.97
CA PHE C 244 -32.86 7.17 -37.31
C PHE C 244 -31.42 6.90 -36.92
N LEU C 245 -31.13 5.69 -36.45
CA LEU C 245 -29.75 5.34 -36.12
C LEU C 245 -28.86 5.38 -37.36
N THR C 246 -29.34 4.84 -38.48
CA THR C 246 -28.56 4.87 -39.71
C THR C 246 -28.32 6.31 -40.17
N TYR C 247 -29.32 7.18 -40.01
CA TYR C 247 -29.13 8.57 -40.41
C TYR C 247 -28.09 9.27 -39.54
N ILE C 248 -28.16 9.06 -38.23
CA ILE C 248 -27.16 9.67 -37.34
C ILE C 248 -25.77 9.14 -37.67
N GLU C 249 -25.67 7.85 -37.96
CA GLU C 249 -24.38 7.28 -38.36
C GLU C 249 -23.87 7.92 -39.64
N GLY C 250 -24.76 8.12 -40.61
CA GLY C 250 -24.36 8.81 -41.83
C GLY C 250 -23.85 10.21 -41.58
N VAL C 251 -24.53 10.96 -40.72
CA VAL C 251 -24.08 12.31 -40.38
C VAL C 251 -22.68 12.27 -39.77
N CYS C 252 -22.49 11.39 -38.79
CA CYS C 252 -21.18 11.29 -38.15
C CYS C 252 -20.10 10.88 -39.13
N VAL C 253 -20.44 10.00 -40.06
CA VAL C 253 -19.47 9.58 -41.08
C VAL C 253 -19.12 10.74 -42.00
N VAL C 254 -20.11 11.55 -42.37
CA VAL C 254 -19.82 12.72 -43.20
C VAL C 254 -18.85 13.64 -42.48
N TRP C 255 -19.09 13.89 -41.19
CA TRP C 255 -18.23 14.81 -40.45
C TRP C 255 -16.82 14.24 -40.32
N PHE C 256 -16.71 12.95 -39.98
CA PHE C 256 -15.40 12.34 -39.82
C PHE C 256 -14.64 12.29 -41.14
N THR C 257 -15.34 12.04 -42.25
CA THR C 257 -14.67 12.05 -43.54
C THR C 257 -14.20 13.45 -43.92
N PHE C 258 -14.98 14.48 -43.56
CA PHE C 258 -14.52 15.85 -43.79
C PHE C 258 -13.26 16.14 -42.99
N GLU C 259 -13.26 15.78 -41.70
CA GLU C 259 -12.06 15.97 -40.89
C GLU C 259 -10.87 15.21 -41.47
N PHE C 260 -11.09 13.95 -41.86
CA PHE C 260 -9.99 13.13 -42.37
C PHE C 260 -9.44 13.69 -43.68
N LEU C 261 -10.32 14.18 -44.56
CA LEU C 261 -9.84 14.78 -45.80
C LEU C 261 -9.07 16.07 -45.53
N MET C 262 -9.59 16.92 -44.64
CA MET C 262 -8.86 18.14 -44.29
C MET C 262 -7.49 17.82 -43.70
N ARG C 263 -7.40 16.74 -42.94
CA ARG C 263 -6.12 16.36 -42.35
C ARG C 263 -5.21 15.64 -43.34
N VAL C 264 -5.78 15.06 -44.40
CA VAL C 264 -4.96 14.50 -45.46
C VAL C 264 -4.40 15.60 -46.36
N ILE C 265 -5.13 16.71 -46.50
CA ILE C 265 -4.65 17.84 -47.30
C ILE C 265 -3.20 18.17 -46.95
N PHE C 266 -2.89 18.24 -45.67
CA PHE C 266 -1.53 18.53 -45.20
C PHE C 266 -1.06 17.33 -44.38
N CYS C 267 -0.09 16.60 -44.91
CA CYS C 267 0.42 15.39 -44.27
C CYS C 267 1.94 15.33 -44.38
N PRO C 268 2.64 16.16 -43.60
CA PRO C 268 4.10 16.10 -43.62
C PRO C 268 4.58 14.78 -43.02
N ASN C 269 5.68 14.28 -43.57
CA ASN C 269 6.28 13.02 -43.15
C ASN C 269 5.25 11.89 -43.20
N LYS C 270 4.65 11.73 -44.38
CA LYS C 270 3.53 10.83 -44.57
C LYS C 270 3.80 9.41 -44.08
N VAL C 271 5.07 9.01 -43.99
CA VAL C 271 5.40 7.69 -43.45
C VAL C 271 4.99 7.62 -41.98
N GLU C 272 5.35 8.64 -41.20
CA GLU C 272 4.96 8.65 -39.80
C GLU C 272 3.47 8.93 -39.63
N PHE C 273 2.87 9.66 -40.58
CA PHE C 273 1.42 9.85 -40.55
C PHE C 273 0.69 8.53 -40.72
N ILE C 274 1.19 7.66 -41.59
CA ILE C 274 0.58 6.34 -41.72
C ILE C 274 0.95 5.46 -40.54
N LYS C 275 2.15 5.66 -39.98
CA LYS C 275 2.53 4.90 -38.79
C LYS C 275 1.80 5.39 -37.55
N ASN C 276 1.24 6.59 -37.59
CA ASN C 276 0.49 7.16 -36.48
C ASN C 276 -0.74 6.28 -36.23
N SER C 277 -0.79 5.62 -35.07
CA SER C 277 -1.88 4.70 -34.78
C SER C 277 -3.24 5.38 -34.77
N LEU C 278 -3.31 6.65 -34.38
CA LEU C 278 -4.60 7.33 -34.32
C LEU C 278 -5.24 7.43 -35.70
N ASN C 279 -4.48 7.88 -36.70
CA ASN C 279 -5.03 7.94 -38.05
C ASN C 279 -5.38 6.56 -38.56
N ILE C 280 -4.60 5.53 -38.18
CA ILE C 280 -4.96 4.16 -38.55
C ILE C 280 -6.34 3.81 -38.01
N ILE C 281 -6.57 4.11 -36.73
CA ILE C 281 -7.86 3.83 -36.11
C ILE C 281 -8.96 4.59 -36.81
N ASP C 282 -8.69 5.86 -37.14
CA ASP C 282 -9.68 6.68 -37.83
C ASP C 282 -10.08 6.07 -39.17
N PHE C 283 -9.08 5.67 -39.96
CA PHE C 283 -9.37 5.11 -41.28
C PHE C 283 -10.10 3.77 -41.17
N VAL C 284 -9.65 2.90 -40.26
CA VAL C 284 -10.32 1.61 -40.08
C VAL C 284 -11.76 1.82 -39.61
N ALA C 285 -11.99 2.84 -38.78
CA ALA C 285 -13.34 3.10 -38.28
C ALA C 285 -14.22 3.69 -39.38
N ILE C 286 -13.64 4.46 -40.29
CA ILE C 286 -14.44 5.07 -41.36
C ILE C 286 -14.60 4.14 -42.56
N LEU C 287 -13.86 3.02 -42.60
CA LEU C 287 -13.98 2.09 -43.72
C LEU C 287 -15.35 1.43 -43.82
N PRO C 288 -15.98 0.93 -42.75
CA PRO C 288 -17.20 0.13 -42.94
C PRO C 288 -18.34 0.91 -43.58
N PHE C 289 -18.57 2.15 -43.16
CA PHE C 289 -19.68 2.91 -43.74
C PHE C 289 -19.42 3.16 -45.21
N TYR C 290 -18.21 3.64 -45.54
CA TYR C 290 -17.87 3.90 -46.93
C TYR C 290 -17.98 2.65 -47.78
N LEU C 291 -17.84 1.47 -47.17
CA LEU C 291 -17.96 0.23 -47.92
C LEU C 291 -19.39 -0.12 -48.30
N GLU C 292 -20.37 0.70 -47.91
CA GLU C 292 -21.74 0.47 -48.32
C GLU C 292 -21.89 0.52 -49.83
N VAL C 293 -21.25 1.52 -50.46
CA VAL C 293 -21.27 1.60 -51.92
C VAL C 293 -20.45 0.45 -52.53
N GLY C 294 -19.30 0.13 -51.93
CA GLY C 294 -18.44 -0.88 -52.49
C GLY C 294 -19.06 -2.27 -52.51
N LEU C 295 -19.77 -2.62 -51.45
CA LEU C 295 -20.40 -3.94 -51.38
C LEU C 295 -21.45 -4.11 -52.47
N SER C 300 -22.18 -11.58 -54.38
CA SER C 300 -23.02 -11.55 -53.19
C SER C 300 -22.52 -12.52 -52.13
N LYS C 301 -21.83 -13.57 -52.58
CA LYS C 301 -21.33 -14.59 -51.66
C LYS C 301 -20.21 -14.03 -50.79
N ALA C 302 -19.23 -13.36 -51.41
CA ALA C 302 -18.20 -12.67 -50.64
C ALA C 302 -18.79 -11.53 -49.82
N ALA C 303 -19.89 -10.94 -50.28
CA ALA C 303 -20.48 -9.81 -49.56
C ALA C 303 -20.91 -10.20 -48.15
N LYS C 304 -21.37 -11.44 -47.96
CA LYS C 304 -21.78 -11.86 -46.63
C LYS C 304 -20.59 -11.97 -45.68
N ASP C 305 -19.48 -12.54 -46.15
CA ASP C 305 -18.27 -12.62 -45.33
C ASP C 305 -17.73 -11.22 -45.04
N VAL C 306 -17.77 -10.32 -46.02
CA VAL C 306 -17.22 -8.99 -45.76
C VAL C 306 -18.11 -8.22 -44.81
N LEU C 307 -19.43 -8.42 -44.85
CA LEU C 307 -20.30 -7.81 -43.85
C LEU C 307 -20.03 -8.40 -42.46
N GLY C 308 -19.82 -9.72 -42.39
CA GLY C 308 -19.51 -10.35 -41.12
C GLY C 308 -18.25 -9.80 -40.49
N PHE C 309 -17.20 -9.63 -41.29
CA PHE C 309 -15.99 -8.97 -40.78
C PHE C 309 -16.18 -7.47 -40.62
N LEU C 310 -17.18 -6.88 -41.29
CA LEU C 310 -17.40 -5.45 -41.16
C LEU C 310 -18.01 -5.12 -39.80
N ARG C 311 -18.88 -6.00 -39.31
CA ARG C 311 -19.34 -5.86 -37.92
C ARG C 311 -18.16 -5.85 -36.95
N VAL C 312 -17.20 -6.76 -37.15
CA VAL C 312 -16.03 -6.82 -36.29
C VAL C 312 -15.16 -5.59 -36.44
N VAL C 313 -15.12 -5.01 -37.64
CA VAL C 313 -14.39 -3.75 -37.82
C VAL C 313 -15.10 -2.63 -37.09
N ARG C 314 -16.43 -2.52 -37.28
CA ARG C 314 -17.23 -1.53 -36.57
C ARG C 314 -17.00 -1.62 -35.06
N PHE C 315 -16.72 -2.83 -34.56
CA PHE C 315 -16.39 -3.01 -33.15
C PHE C 315 -15.33 -2.02 -32.67
N VAL C 316 -14.43 -1.59 -33.54
CA VAL C 316 -13.41 -0.62 -33.16
C VAL C 316 -13.95 0.80 -33.02
N ARG C 317 -15.17 1.07 -33.47
CA ARG C 317 -15.68 2.44 -33.45
C ARG C 317 -15.66 3.07 -32.07
N ILE C 318 -15.60 2.27 -31.00
CA ILE C 318 -15.43 2.85 -29.67
C ILE C 318 -14.01 3.33 -29.43
N LEU C 319 -13.05 2.89 -30.25
CA LEU C 319 -11.66 3.30 -30.05
C LEU C 319 -11.40 4.73 -30.49
N ARG C 320 -12.38 5.42 -31.07
CA ARG C 320 -12.16 6.82 -31.43
C ARG C 320 -12.10 7.73 -30.21
N ILE C 321 -12.40 7.20 -29.02
CA ILE C 321 -12.35 8.02 -27.82
C ILE C 321 -10.91 8.33 -27.42
N PHE C 322 -9.95 7.51 -27.86
CA PHE C 322 -8.56 7.79 -27.55
C PHE C 322 -8.08 9.02 -28.28
N LYS C 323 -8.71 9.35 -29.41
CA LYS C 323 -8.36 10.58 -30.12
C LYS C 323 -8.54 11.78 -29.20
N LEU C 324 -9.62 11.81 -28.44
CA LEU C 324 -9.85 12.88 -27.49
C LEU C 324 -8.97 12.73 -26.27
N THR C 325 -8.93 11.53 -25.69
CA THR C 325 -8.23 11.38 -24.42
C THR C 325 -6.71 11.40 -24.54
N ARG C 326 -6.14 11.48 -25.75
CA ARG C 326 -4.69 11.52 -25.85
C ARG C 326 -4.11 12.80 -25.24
N HIS C 327 -4.84 13.91 -25.28
CA HIS C 327 -4.35 15.17 -24.73
C HIS C 327 -4.40 15.21 -23.21
N PHE C 328 -4.94 14.19 -22.56
CA PHE C 328 -4.93 14.14 -21.11
C PHE C 328 -3.55 13.77 -20.62
N VAL C 329 -3.23 14.17 -19.40
CA VAL C 329 -1.91 13.90 -18.83
C VAL C 329 -1.85 12.54 -18.17
N GLY C 330 -2.81 12.21 -17.30
CA GLY C 330 -2.81 10.93 -16.65
C GLY C 330 -2.73 9.76 -17.61
N LEU C 331 -3.33 9.90 -18.79
CA LEU C 331 -3.27 8.79 -19.75
C LEU C 331 -1.89 8.64 -20.36
N ARG C 332 -1.21 9.76 -20.66
CA ARG C 332 0.17 9.64 -21.13
C ARG C 332 1.06 9.04 -20.05
N VAL C 333 0.85 9.44 -18.79
CA VAL C 333 1.62 8.85 -17.69
C VAL C 333 1.35 7.36 -17.60
N LEU C 334 0.09 6.94 -17.81
CA LEU C 334 -0.23 5.53 -17.76
C LEU C 334 0.42 4.77 -18.90
N GLY C 335 0.45 5.37 -20.09
CA GLY C 335 1.13 4.74 -21.21
C GLY C 335 2.61 4.55 -20.94
N HIS C 336 3.25 5.58 -20.37
CA HIS C 336 4.66 5.46 -20.03
C HIS C 336 4.89 4.41 -18.96
N THR C 337 4.00 4.35 -17.96
CA THR C 337 4.10 3.33 -16.91
C THR C 337 4.00 1.93 -17.50
N LEU C 338 2.99 1.69 -18.33
CA LEU C 338 2.86 0.39 -18.97
C LEU C 338 4.11 0.05 -19.75
N ARG C 339 4.53 0.93 -20.66
CA ARG C 339 5.71 0.68 -21.47
C ARG C 339 6.97 0.51 -20.63
N ALA C 340 6.99 0.99 -19.39
CA ALA C 340 8.17 0.90 -18.55
C ALA C 340 8.08 -0.19 -17.50
N SER C 341 6.97 -0.93 -17.43
CA SER C 341 6.78 -1.99 -16.45
C SER C 341 6.42 -3.29 -17.14
N THR C 342 7.07 -3.57 -18.27
CA THR C 342 6.80 -4.81 -18.98
C THR C 342 7.21 -6.02 -18.15
N ASN C 343 8.36 -5.94 -17.47
CA ASN C 343 8.85 -7.07 -16.70
C ASN C 343 7.86 -7.46 -15.61
N GLU C 344 7.31 -6.48 -14.89
CA GLU C 344 6.36 -6.80 -13.84
C GLU C 344 5.06 -7.35 -14.40
N PHE C 345 4.67 -6.93 -15.60
CA PHE C 345 3.48 -7.50 -16.22
C PHE C 345 3.70 -8.95 -16.58
N LEU C 346 4.86 -9.26 -17.16
CA LEU C 346 5.18 -10.66 -17.44
C LEU C 346 5.23 -11.48 -16.15
N LEU C 347 5.76 -10.89 -15.08
CA LEU C 347 5.80 -11.58 -13.79
C LEU C 347 4.40 -11.86 -13.29
N LEU C 348 3.50 -10.88 -13.38
CA LEU C 348 2.13 -11.07 -12.93
C LEU C 348 1.44 -12.15 -13.74
N ILE C 349 1.64 -12.15 -15.06
CA ILE C 349 0.99 -13.15 -15.90
C ILE C 349 1.52 -14.54 -15.60
N ILE C 350 2.82 -14.69 -15.37
CA ILE C 350 3.36 -16.00 -15.02
C ILE C 350 2.83 -16.47 -13.67
N PHE C 351 2.81 -15.58 -12.67
CA PHE C 351 2.26 -15.95 -11.37
C PHE C 351 0.82 -16.42 -11.50
N LEU C 352 0.00 -15.66 -12.23
CA LEU C 352 -1.40 -16.02 -12.39
C LEU C 352 -1.56 -17.31 -13.15
N ALA C 353 -0.74 -17.56 -14.17
CA ALA C 353 -0.88 -18.79 -14.94
C ALA C 353 -0.52 -20.00 -14.10
N LEU C 354 0.58 -19.93 -13.35
CA LEU C 354 0.95 -21.04 -12.47
C LEU C 354 -0.13 -21.27 -11.42
N GLY C 355 -0.59 -20.20 -10.77
CA GLY C 355 -1.63 -20.37 -9.76
C GLY C 355 -2.89 -20.99 -10.33
N VAL C 356 -3.33 -20.49 -11.48
CA VAL C 356 -4.55 -20.98 -12.11
C VAL C 356 -4.42 -22.45 -12.45
N LEU C 357 -3.32 -22.84 -13.10
CA LEU C 357 -3.13 -24.23 -13.48
C LEU C 357 -3.13 -25.13 -12.25
N ILE C 358 -2.30 -24.80 -11.26
CA ILE C 358 -2.16 -25.66 -10.09
C ILE C 358 -3.47 -25.79 -9.35
N PHE C 359 -4.15 -24.67 -9.11
CA PHE C 359 -5.38 -24.73 -8.32
C PHE C 359 -6.53 -25.34 -9.09
N ALA C 360 -6.56 -25.20 -10.42
CA ALA C 360 -7.57 -25.89 -11.20
C ALA C 360 -7.40 -27.40 -11.08
N THR C 361 -6.17 -27.89 -11.23
CA THR C 361 -5.94 -29.32 -11.05
C THR C 361 -6.31 -29.78 -9.64
N MET C 362 -5.88 -29.02 -8.64
CA MET C 362 -6.15 -29.40 -7.26
C MET C 362 -7.63 -29.45 -6.96
N ILE C 363 -8.41 -28.46 -7.42
CA ILE C 363 -9.83 -28.46 -7.09
C ILE C 363 -10.56 -29.54 -7.88
N TYR C 364 -10.16 -29.78 -9.12
CA TYR C 364 -10.79 -30.84 -9.89
C TYR C 364 -10.59 -32.19 -9.21
N TYR C 365 -9.39 -32.44 -8.68
CA TYR C 365 -9.19 -33.72 -8.01
C TYR C 365 -9.79 -33.77 -6.62
N ALA C 366 -9.80 -32.65 -5.89
CA ALA C 366 -10.40 -32.62 -4.57
C ALA C 366 -11.89 -32.89 -4.63
N GLU C 367 -12.58 -32.30 -5.61
CA GLU C 367 -14.02 -32.43 -5.69
C GLU C 367 -14.48 -33.83 -6.11
N ARG C 368 -13.58 -34.67 -6.58
CA ARG C 368 -13.92 -36.04 -6.95
C ARG C 368 -13.81 -37.02 -5.80
N ILE C 369 -13.21 -36.61 -4.68
CA ILE C 369 -13.07 -37.52 -3.54
C ILE C 369 -14.45 -37.94 -3.03
N GLY C 370 -15.34 -36.97 -2.84
CA GLY C 370 -16.69 -37.22 -2.38
C GLY C 370 -17.71 -37.54 -3.45
N ALA C 371 -17.28 -37.88 -4.66
CA ALA C 371 -18.23 -38.22 -5.72
C ALA C 371 -19.04 -39.44 -5.34
N GLN C 372 -20.34 -39.37 -5.61
CA GLN C 372 -21.23 -40.49 -5.32
C GLN C 372 -20.92 -41.65 -6.28
N PRO C 373 -20.83 -42.88 -5.79
CA PRO C 373 -20.52 -44.00 -6.69
C PRO C 373 -21.66 -44.36 -7.63
N ASN C 374 -22.89 -43.95 -7.34
CA ASN C 374 -24.03 -44.32 -8.17
C ASN C 374 -23.90 -43.79 -9.60
N ASP C 375 -23.65 -42.49 -9.75
CA ASP C 375 -23.68 -41.88 -11.07
C ASP C 375 -22.61 -42.47 -11.99
N PRO C 376 -22.95 -42.76 -13.25
CA PRO C 376 -21.93 -43.29 -14.17
C PRO C 376 -20.78 -42.33 -14.42
N SER C 377 -21.10 -41.04 -14.57
CA SER C 377 -20.07 -40.03 -14.77
C SER C 377 -19.26 -39.84 -13.50
N ALA C 378 -18.00 -39.42 -13.69
CA ALA C 378 -17.12 -39.18 -12.54
C ALA C 378 -17.64 -38.07 -11.65
N SER C 379 -18.16 -37.00 -12.24
CA SER C 379 -18.65 -35.85 -11.48
C SER C 379 -19.99 -35.41 -12.01
N GLU C 380 -21.01 -35.47 -11.17
CA GLU C 380 -22.36 -35.05 -11.47
C GLU C 380 -22.85 -33.93 -10.56
N HIS C 381 -22.41 -33.94 -9.31
CA HIS C 381 -22.85 -33.00 -8.28
C HIS C 381 -21.95 -31.80 -8.14
N THR C 382 -20.83 -31.74 -8.88
CA THR C 382 -19.85 -30.68 -8.77
C THR C 382 -19.82 -29.85 -10.04
N HIS C 383 -19.56 -28.56 -9.88
CA HIS C 383 -19.35 -27.71 -11.04
C HIS C 383 -18.04 -28.02 -11.73
N PHE C 384 -17.11 -28.67 -11.05
CA PHE C 384 -15.76 -28.91 -11.56
C PHE C 384 -15.73 -30.25 -12.28
N LYS C 385 -16.38 -30.28 -13.44
CA LYS C 385 -16.44 -31.47 -14.26
C LYS C 385 -15.16 -31.72 -15.03
N ASN C 386 -14.28 -30.74 -15.13
CA ASN C 386 -13.00 -30.88 -15.81
C ASN C 386 -12.07 -29.79 -15.30
N ILE C 387 -10.88 -29.71 -15.89
CA ILE C 387 -9.86 -28.79 -15.38
C ILE C 387 -10.04 -27.37 -15.94
N PRO C 388 -10.29 -27.16 -17.23
CA PRO C 388 -10.48 -25.78 -17.72
C PRO C 388 -11.53 -24.96 -16.96
N ILE C 389 -12.67 -25.57 -16.66
CA ILE C 389 -13.61 -24.97 -15.73
C ILE C 389 -12.88 -24.58 -14.44
N GLY C 390 -11.92 -25.40 -14.03
CA GLY C 390 -11.08 -25.03 -12.91
C GLY C 390 -10.30 -23.75 -13.17
N PHE C 391 -9.84 -23.56 -14.40
CA PHE C 391 -9.13 -22.32 -14.74
C PHE C 391 -10.02 -21.11 -14.48
N TRP C 392 -11.25 -21.17 -14.97
CA TRP C 392 -12.18 -20.05 -14.76
C TRP C 392 -12.44 -19.80 -13.29
N TRP C 393 -12.77 -20.85 -12.54
CA TRP C 393 -13.02 -20.69 -11.11
C TRP C 393 -11.79 -20.14 -10.40
N ALA C 394 -10.60 -20.61 -10.76
CA ALA C 394 -9.38 -20.19 -10.10
C ALA C 394 -9.10 -18.72 -10.33
N VAL C 395 -9.35 -18.21 -11.53
CA VAL C 395 -9.18 -16.78 -11.78
C VAL C 395 -10.16 -15.99 -10.94
N VAL C 396 -11.44 -16.35 -11.03
CA VAL C 396 -12.49 -15.63 -10.30
C VAL C 396 -12.24 -15.65 -8.80
N THR C 397 -11.63 -16.70 -8.28
CA THR C 397 -11.40 -16.85 -6.85
C THR C 397 -10.10 -16.21 -6.39
N MET C 398 -9.05 -16.23 -7.22
CA MET C 398 -7.80 -15.60 -6.83
C MET C 398 -7.88 -14.09 -6.88
N THR C 399 -8.63 -13.53 -7.82
CA THR C 399 -8.79 -12.08 -7.83
C THR C 399 -9.79 -11.58 -6.79
N THR C 400 -10.19 -12.45 -5.84
CA THR C 400 -11.24 -12.17 -4.85
C THR C 400 -12.51 -11.65 -5.50
N LEU C 401 -12.75 -12.01 -6.75
CA LEU C 401 -13.98 -11.62 -7.41
C LEU C 401 -15.15 -12.44 -6.88
N GLY C 402 -15.10 -13.75 -7.05
CA GLY C 402 -16.09 -14.61 -6.45
C GLY C 402 -17.49 -14.37 -6.96
N TYR C 403 -17.75 -14.73 -8.21
CA TYR C 403 -19.11 -14.61 -8.74
C TYR C 403 -20.06 -15.50 -7.98
N GLY C 404 -19.68 -16.75 -7.76
CA GLY C 404 -20.58 -17.71 -7.20
C GLY C 404 -21.28 -18.60 -8.19
N ASP C 405 -20.90 -18.52 -9.47
CA ASP C 405 -21.46 -19.45 -10.45
C ASP C 405 -20.98 -20.86 -10.18
N MET C 406 -19.74 -21.01 -9.73
CA MET C 406 -19.19 -22.30 -9.33
C MET C 406 -18.35 -22.11 -8.09
N TYR C 407 -18.55 -23.00 -7.11
CA TYR C 407 -17.87 -22.94 -5.82
C TYR C 407 -17.72 -24.36 -5.32
N PRO C 408 -16.74 -24.62 -4.47
CA PRO C 408 -16.58 -25.97 -3.94
C PRO C 408 -17.73 -26.39 -3.04
N GLN C 409 -18.05 -27.68 -3.09
CA GLN C 409 -19.13 -28.26 -2.28
C GLN C 409 -18.71 -29.51 -1.54
N THR C 410 -17.42 -29.69 -1.29
CA THR C 410 -16.90 -30.83 -0.56
C THR C 410 -15.81 -30.34 0.36
N TRP C 411 -15.70 -30.95 1.55
CA TRP C 411 -14.74 -30.46 2.54
C TRP C 411 -13.34 -30.33 1.95
N SER C 412 -12.92 -31.31 1.15
CA SER C 412 -11.65 -31.19 0.42
C SER C 412 -11.70 -30.01 -0.56
N GLY C 413 -12.81 -29.86 -1.27
CA GLY C 413 -12.93 -28.72 -2.17
C GLY C 413 -12.88 -27.41 -1.44
N MET C 414 -13.45 -27.35 -0.24
CA MET C 414 -13.42 -26.13 0.54
C MET C 414 -12.02 -25.81 1.04
N LEU C 415 -11.26 -26.82 1.45
CA LEU C 415 -9.87 -26.58 1.81
C LEU C 415 -9.09 -26.01 0.62
N VAL C 416 -9.20 -26.65 -0.54
CA VAL C 416 -8.52 -26.14 -1.74
C VAL C 416 -8.99 -24.73 -2.07
N GLY C 417 -10.27 -24.44 -1.86
CA GLY C 417 -10.78 -23.11 -2.15
C GLY C 417 -10.20 -22.05 -1.26
N ALA C 418 -10.08 -22.34 0.03
CA ALA C 418 -9.45 -21.38 0.95
C ALA C 418 -8.00 -21.14 0.58
N LEU C 419 -7.29 -22.20 0.21
CA LEU C 419 -5.91 -22.04 -0.23
C LEU C 419 -5.84 -21.18 -1.48
N CYS C 420 -6.76 -21.39 -2.42
CA CYS C 420 -6.78 -20.59 -3.64
C CYS C 420 -7.02 -19.12 -3.34
N ALA C 421 -7.95 -18.81 -2.45
CA ALA C 421 -8.23 -17.40 -2.14
C ALA C 421 -7.00 -16.73 -1.54
N LEU C 422 -6.37 -17.38 -0.55
CA LEU C 422 -5.19 -16.77 0.08
C LEU C 422 -4.02 -16.64 -0.89
N ALA C 423 -3.72 -17.71 -1.63
CA ALA C 423 -2.62 -17.64 -2.59
C ALA C 423 -2.88 -16.61 -3.66
N GLY C 424 -4.14 -16.41 -4.03
CA GLY C 424 -4.44 -15.39 -5.02
C GLY C 424 -4.20 -14.00 -4.48
N VAL C 425 -4.68 -13.72 -3.28
CA VAL C 425 -4.38 -12.43 -2.65
C VAL C 425 -2.88 -12.18 -2.63
N LEU C 426 -2.10 -13.19 -2.24
CA LEU C 426 -0.66 -12.99 -2.10
C LEU C 426 0.03 -12.78 -3.45
N THR C 427 -0.17 -13.69 -4.40
CA THR C 427 0.53 -13.56 -5.67
C THR C 427 -0.07 -12.49 -6.57
N ILE C 428 -1.17 -11.87 -6.18
CA ILE C 428 -1.62 -10.66 -6.85
C ILE C 428 -1.00 -9.43 -6.20
N ALA C 429 -0.86 -9.44 -4.87
CA ALA C 429 -0.25 -8.33 -4.17
C ALA C 429 1.26 -8.34 -4.22
N MET C 430 1.89 -9.33 -4.87
CA MET C 430 3.35 -9.27 -5.02
C MET C 430 3.79 -8.22 -6.03
N PRO C 431 3.45 -8.31 -7.35
CA PRO C 431 4.02 -7.37 -8.33
C PRO C 431 3.22 -6.08 -8.54
N VAL C 432 1.93 -6.13 -8.21
CA VAL C 432 1.08 -4.95 -8.40
C VAL C 432 1.62 -3.75 -7.62
N PRO C 433 2.11 -3.88 -6.38
CA PRO C 433 2.71 -2.72 -5.73
C PRO C 433 3.91 -2.14 -6.46
N VAL C 434 4.73 -2.99 -7.09
CA VAL C 434 5.82 -2.46 -7.90
C VAL C 434 5.27 -1.59 -9.03
N ILE C 435 4.26 -2.10 -9.74
CA ILE C 435 3.68 -1.34 -10.84
C ILE C 435 3.07 -0.03 -10.32
N VAL C 436 2.43 -0.09 -9.16
CA VAL C 436 1.78 1.09 -8.59
C VAL C 436 2.81 2.13 -8.20
N ASN C 437 3.95 1.71 -7.66
CA ASN C 437 5.00 2.66 -7.33
C ASN C 437 5.57 3.31 -8.58
N ASN C 438 5.75 2.53 -9.64
CA ASN C 438 6.18 3.13 -10.91
C ASN C 438 5.21 4.23 -11.35
N PHE C 439 3.92 3.93 -11.35
CA PHE C 439 2.96 4.94 -11.77
C PHE C 439 3.01 6.15 -10.86
N GLY C 440 3.17 5.95 -9.56
CA GLY C 440 3.21 7.07 -8.65
C GLY C 440 4.40 7.98 -8.91
N MET C 441 5.58 7.40 -9.16
CA MET C 441 6.75 8.22 -9.46
C MET C 441 6.56 8.99 -10.76
N TYR C 442 6.05 8.32 -11.80
CA TYR C 442 5.88 9.00 -13.08
C TYR C 442 4.83 10.10 -12.99
N TYR C 443 3.75 9.85 -12.25
CA TYR C 443 2.69 10.83 -12.13
C TYR C 443 3.15 12.05 -11.34
N SER C 444 3.88 11.83 -10.23
CA SER C 444 4.40 12.97 -9.48
C SER C 444 5.35 13.78 -10.34
N LEU C 445 6.24 13.13 -11.09
CA LEU C 445 7.17 13.88 -11.91
C LEU C 445 6.46 14.66 -13.02
N ALA C 446 5.46 14.05 -13.66
CA ALA C 446 4.75 14.73 -14.73
C ALA C 446 3.96 15.91 -14.20
N MET C 447 3.29 15.73 -13.06
CA MET C 447 2.55 16.84 -12.46
C MET C 447 3.47 17.97 -12.03
N ALA C 448 4.65 17.62 -11.50
CA ALA C 448 5.64 18.66 -11.16
C ALA C 448 6.06 19.43 -12.40
N LYS C 449 6.51 18.73 -13.44
CA LYS C 449 6.96 19.39 -14.65
C LYS C 449 5.84 20.19 -15.32
N GLN C 450 4.58 19.83 -15.08
CA GLN C 450 3.48 20.63 -15.61
C GLN C 450 3.26 21.88 -14.76
N LYS C 451 3.29 21.72 -13.44
CA LYS C 451 2.99 22.83 -12.53
C LYS C 451 4.06 23.92 -12.61
N LEU C 452 5.33 23.54 -12.48
CA LEU C 452 6.45 24.47 -12.48
C LEU C 452 6.31 25.48 -13.63
N PRO C 453 6.30 26.77 -13.33
CA PRO C 453 6.20 27.77 -14.39
C PRO C 453 7.46 27.79 -15.25
N LYS C 454 7.28 28.15 -16.52
CA LYS C 454 8.41 28.21 -17.44
C LYS C 454 9.51 29.11 -16.88
N LYS C 455 10.72 28.57 -16.81
CA LYS C 455 11.85 29.29 -16.26
C LYS C 455 12.49 30.23 -17.30
N LYS C 456 13.22 31.21 -16.79
CA LYS C 456 13.96 32.16 -17.62
C LYS C 456 15.47 32.01 -17.47
N LYS C 457 15.94 30.92 -16.87
CA LYS C 457 17.37 30.63 -16.70
C LYS C 457 18.12 31.81 -16.08
N LYS C 458 17.75 32.12 -14.83
CA LYS C 458 18.34 33.25 -14.12
C LYS C 458 19.85 33.17 -14.06
N HIS C 459 20.41 31.96 -13.96
CA HIS C 459 21.84 31.76 -13.86
C HIS C 459 22.50 31.96 -15.22
N ILE C 460 23.16 33.10 -15.40
CA ILE C 460 23.94 33.36 -16.61
C ILE C 460 25.31 32.72 -16.45
N PRO C 461 25.57 31.57 -17.08
CA PRO C 461 26.83 30.87 -16.84
C PRO C 461 28.04 31.68 -17.27
N ARG C 462 29.10 31.57 -16.47
CA ARG C 462 30.34 32.26 -16.77
C ARG C 462 31.02 31.63 -17.99
N PRO C 463 31.78 32.42 -18.77
CA PRO C 463 32.51 31.89 -19.92
C PRO C 463 33.64 30.95 -19.52
N SER D 7 34.16 42.44 20.35
CA SER D 7 32.95 42.44 21.17
C SER D 7 31.82 41.68 20.47
N GLU D 8 30.91 41.15 21.28
CA GLU D 8 29.73 40.42 20.80
C GLU D 8 30.06 39.40 19.71
N ARG D 9 31.28 38.84 19.79
CA ARG D 9 31.75 37.82 18.87
C ARG D 9 32.21 36.65 19.73
N ILE D 10 31.45 35.57 19.75
CA ILE D 10 31.76 34.43 20.60
C ILE D 10 31.93 33.20 19.72
N VAL D 11 32.96 32.41 20.01
CA VAL D 11 33.31 31.24 19.24
C VAL D 11 33.06 30.01 20.08
N ILE D 12 32.12 29.18 19.66
CA ILE D 12 31.79 27.94 20.35
C ILE D 12 32.53 26.82 19.65
N ASN D 13 33.32 26.06 20.39
CA ASN D 13 34.05 24.93 19.84
C ASN D 13 33.33 23.67 20.29
N VAL D 14 32.62 23.03 19.35
CA VAL D 14 31.87 21.82 19.65
C VAL D 14 32.57 20.68 18.94
N GLY D 15 33.16 19.77 19.70
CA GLY D 15 33.80 18.61 19.11
C GLY D 15 34.82 18.95 18.04
N GLY D 16 35.56 20.02 18.22
CA GLY D 16 36.60 20.39 17.29
C GLY D 16 36.15 21.19 16.09
N THR D 17 34.89 21.59 16.02
CA THR D 17 34.37 22.43 14.95
C THR D 17 33.99 23.77 15.55
N ARG D 18 34.60 24.84 15.03
CA ARG D 18 34.40 26.16 15.59
C ARG D 18 33.15 26.80 15.01
N HIS D 19 32.17 27.05 15.87
CA HIS D 19 30.95 27.75 15.49
C HIS D 19 31.06 29.17 16.01
N GLN D 20 30.80 30.13 15.14
CA GLN D 20 30.90 31.54 15.48
C GLN D 20 29.52 32.18 15.40
N THR D 21 29.22 33.04 16.37
CA THR D 21 27.94 33.74 16.37
C THR D 21 28.03 34.92 17.33
N HIS D 22 27.05 35.81 17.23
CA HIS D 22 27.02 36.99 18.07
C HIS D 22 26.42 36.66 19.44
N ARG D 23 26.88 37.38 20.47
CA ARG D 23 26.35 37.15 21.81
C ARG D 23 24.85 37.38 21.89
N SER D 24 24.31 38.24 21.03
CA SER D 24 22.87 38.52 21.06
C SER D 24 22.07 37.28 20.69
N THR D 25 22.51 36.57 19.65
CA THR D 25 21.79 35.39 19.20
C THR D 25 21.72 34.34 20.30
N LEU D 26 22.83 34.13 21.02
CA LEU D 26 22.79 33.24 22.17
C LEU D 26 21.89 33.80 23.26
N ARG D 27 21.93 35.11 23.47
CA ARG D 27 21.16 35.72 24.55
C ARG D 27 19.65 35.73 24.30
N THR D 28 19.21 35.42 23.07
CA THR D 28 17.77 35.43 22.79
C THR D 28 17.03 34.46 23.70
N LEU D 29 17.32 33.17 23.58
CA LEU D 29 16.62 32.15 24.37
C LEU D 29 17.20 32.04 25.76
N PRO D 30 16.52 32.55 26.79
CA PRO D 30 17.11 32.58 28.13
C PRO D 30 16.96 31.25 28.84
N GLY D 31 17.68 31.12 29.95
CA GLY D 31 17.63 29.93 30.78
C GLY D 31 18.40 28.74 30.25
N THR D 32 18.67 28.68 28.95
CA THR D 32 19.40 27.57 28.37
C THR D 32 20.90 27.74 28.60
N ARG D 33 21.64 26.64 28.41
CA ARG D 33 23.08 26.66 28.69
C ARG D 33 23.81 27.70 27.85
N LEU D 34 23.50 27.79 26.56
CA LEU D 34 24.14 28.79 25.72
C LEU D 34 23.85 30.21 26.20
N ALA D 35 22.64 30.44 26.72
CA ALA D 35 22.33 31.73 27.30
C ALA D 35 23.31 32.07 28.42
N TRP D 36 23.52 31.11 29.33
CA TRP D 36 24.51 31.31 30.39
C TRP D 36 25.89 31.57 29.82
N LEU D 37 26.20 30.94 28.68
CA LEU D 37 27.45 31.24 27.98
C LEU D 37 27.55 32.71 27.60
N ALA D 38 26.47 33.27 27.07
CA ALA D 38 26.48 34.67 26.64
C ALA D 38 26.79 35.64 27.78
N GLU D 39 26.62 35.23 29.04
CA GLU D 39 26.81 36.15 30.14
C GLU D 39 28.28 36.56 30.33
N PRO D 40 28.52 37.68 31.01
CA PRO D 40 29.90 38.16 31.19
C PRO D 40 30.79 37.28 32.05
N ASP D 41 30.25 36.51 32.99
CA ASP D 41 31.06 35.67 33.86
C ASP D 41 31.13 34.22 33.39
N ALA D 42 30.91 33.99 32.09
CA ALA D 42 30.97 32.65 31.53
C ALA D 42 32.36 32.06 31.61
N HIS D 43 33.39 32.89 31.37
CA HIS D 43 34.78 32.43 31.39
C HIS D 43 35.09 31.61 32.63
N SER D 44 34.73 32.12 33.81
CA SER D 44 35.02 31.42 35.05
C SER D 44 34.26 30.10 35.13
N HIS D 45 32.98 30.11 34.75
CA HIS D 45 32.11 28.96 34.91
C HIS D 45 32.38 27.85 33.90
N PHE D 46 32.67 28.18 32.65
CA PHE D 46 32.81 27.18 31.60
C PHE D 46 34.28 26.86 31.30
N ASP D 47 34.46 25.89 30.40
CA ASP D 47 35.76 25.42 29.92
C ASP D 47 36.20 26.37 28.80
N TYR D 48 36.83 27.47 29.19
CA TYR D 48 37.27 28.50 28.27
C TYR D 48 38.77 28.71 28.38
N ASP D 49 39.46 28.63 27.25
CA ASP D 49 40.89 28.87 27.26
C ASP D 49 41.22 30.19 26.59
N PRO D 50 41.99 31.06 27.26
CA PRO D 50 42.23 32.40 26.73
C PRO D 50 43.11 32.43 25.48
N ARG D 51 43.78 31.34 25.16
CA ARG D 51 44.65 31.31 23.99
C ARG D 51 43.88 31.47 22.68
N ALA D 52 42.73 30.81 22.56
CA ALA D 52 41.96 30.87 21.33
C ALA D 52 40.61 31.55 21.52
N ASP D 53 40.26 31.95 22.74
CA ASP D 53 39.01 32.65 23.04
C ASP D 53 37.81 31.86 22.55
N GLU D 54 37.88 30.54 22.68
CA GLU D 54 36.82 29.64 22.26
C GLU D 54 36.39 28.77 23.43
N PHE D 55 35.08 28.63 23.62
CA PHE D 55 34.56 27.68 24.59
C PHE D 55 34.49 26.31 23.97
N PHE D 56 34.87 25.28 24.73
CA PHE D 56 34.98 23.93 24.21
C PHE D 56 33.89 23.06 24.82
N PHE D 57 33.07 22.47 23.97
CA PHE D 57 32.05 21.50 24.38
C PHE D 57 32.32 20.20 23.63
N ASP D 58 32.28 19.09 24.36
CA ASP D 58 32.64 17.78 23.81
C ASP D 58 31.38 17.06 23.32
N ARG D 59 30.75 17.63 22.30
CA ARG D 59 29.49 17.12 21.79
C ARG D 59 29.56 16.98 20.28
N HIS D 60 28.58 16.28 19.73
CA HIS D 60 28.43 16.15 18.30
C HIS D 60 28.24 17.53 17.67
N PRO D 61 29.06 17.91 16.67
CA PRO D 61 28.91 19.24 16.07
C PRO D 61 27.83 19.30 15.00
N GLY D 62 27.63 18.19 14.30
CA GLY D 62 26.67 18.13 13.22
C GLY D 62 25.25 18.47 13.63
N VAL D 63 24.91 18.31 14.91
CA VAL D 63 23.58 18.64 15.40
C VAL D 63 23.62 19.97 16.16
N PHE D 64 24.77 20.31 16.73
CA PHE D 64 24.88 21.64 17.31
C PHE D 64 24.67 22.71 16.26
N ALA D 65 24.98 22.42 15.01
CA ALA D 65 24.58 23.33 13.93
C ALA D 65 23.09 23.65 14.01
N HIS D 66 22.25 22.62 14.10
CA HIS D 66 20.79 22.83 14.11
C HIS D 66 20.31 23.48 15.40
N ILE D 67 20.94 23.15 16.54
CA ILE D 67 20.56 23.82 17.79
C ILE D 67 20.85 25.32 17.70
N LEU D 68 22.05 25.67 17.24
CA LEU D 68 22.38 27.07 17.09
C LEU D 68 21.48 27.73 16.04
N ASN D 69 21.03 26.96 15.06
CA ASN D 69 20.08 27.48 14.09
C ASN D 69 18.76 27.85 14.76
N TYR D 70 18.30 27.01 15.69
CA TYR D 70 17.14 27.38 16.49
C TYR D 70 17.36 28.69 17.22
N TYR D 71 18.54 28.88 17.79
CA TYR D 71 18.84 30.17 18.41
C TYR D 71 18.79 31.31 17.39
N ARG D 72 19.25 31.07 16.16
CA ARG D 72 19.38 32.12 15.17
C ARG D 72 18.02 32.53 14.59
N THR D 73 17.30 31.59 14.00
CA THR D 73 16.05 31.93 13.31
C THR D 73 14.88 32.04 14.27
N GLY D 74 14.72 31.05 15.15
CA GLY D 74 13.62 31.05 16.10
C GLY D 74 12.70 29.86 16.01
N LYS D 75 12.96 28.90 15.12
CA LYS D 75 12.14 27.71 14.98
C LYS D 75 13.05 26.50 15.07
N LEU D 76 12.70 25.55 15.92
CA LEU D 76 13.52 24.36 16.13
C LEU D 76 13.05 23.27 15.18
N HIS D 77 13.98 22.70 14.41
CA HIS D 77 13.67 21.61 13.50
C HIS D 77 14.52 20.40 13.84
N CYS D 78 14.08 19.24 13.34
CA CYS D 78 14.81 17.99 13.48
C CYS D 78 15.70 17.76 12.27
N PRO D 79 17.02 17.62 12.44
CA PRO D 79 17.89 17.28 11.32
C PRO D 79 17.60 15.88 10.81
N ALA D 80 17.21 15.80 9.55
CA ALA D 80 16.76 14.54 8.99
C ALA D 80 17.86 13.54 8.78
N ASP D 81 19.11 13.80 9.19
CA ASP D 81 20.21 12.88 8.98
C ASP D 81 20.65 12.18 10.26
N VAL D 82 19.90 12.33 11.34
CA VAL D 82 20.20 11.68 12.61
C VAL D 82 18.90 11.07 13.15
N CYS D 83 19.02 9.93 13.79
CA CYS D 83 17.91 9.27 14.46
C CYS D 83 17.29 10.18 15.51
N GLY D 84 15.98 10.05 15.69
CA GLY D 84 15.25 10.84 16.65
C GLY D 84 15.84 10.81 18.04
N PRO D 85 16.20 9.62 18.55
CA PRO D 85 16.79 9.57 19.90
C PRO D 85 18.13 10.28 20.03
N LEU D 86 18.98 10.26 19.01
CA LEU D 86 20.24 10.99 19.08
C LEU D 86 20.00 12.48 19.23
N TYR D 87 19.12 13.04 18.41
CA TYR D 87 18.81 14.46 18.50
C TYR D 87 18.13 14.77 19.81
N GLU D 88 17.24 13.89 20.25
CA GLU D 88 16.60 14.04 21.55
C GLU D 88 17.64 14.20 22.66
N GLU D 89 18.64 13.32 22.69
CA GLU D 89 19.65 13.39 23.75
C GLU D 89 20.49 14.66 23.61
N GLU D 90 20.78 15.08 22.38
CA GLU D 90 21.60 16.28 22.21
C GLU D 90 20.87 17.53 22.69
N LEU D 91 19.64 17.75 22.23
CA LEU D 91 18.90 18.91 22.70
C LEU D 91 18.59 18.81 24.19
N ALA D 92 18.41 17.60 24.72
CA ALA D 92 18.27 17.46 26.17
C ALA D 92 19.50 17.97 26.89
N PHE D 93 20.69 17.67 26.36
CA PHE D 93 21.91 18.19 26.98
C PHE D 93 21.98 19.69 26.89
N TRP D 94 21.66 20.25 25.72
CA TRP D 94 21.76 21.70 25.52
C TRP D 94 20.69 22.49 26.27
N GLY D 95 19.67 21.84 26.81
CA GLY D 95 18.62 22.53 27.54
C GLY D 95 17.39 22.89 26.74
N ILE D 96 17.38 22.62 25.44
CA ILE D 96 16.21 22.90 24.61
C ILE D 96 15.06 21.99 25.00
N ASP D 97 13.86 22.56 25.14
CA ASP D 97 12.68 21.74 25.38
C ASP D 97 12.30 20.98 24.11
N GLU D 98 11.93 19.72 24.27
CA GLU D 98 11.62 18.90 23.10
C GLU D 98 10.27 19.18 22.50
N THR D 99 9.40 19.89 23.22
CA THR D 99 8.07 20.22 22.72
C THR D 99 8.04 21.51 21.92
N ASP D 100 9.19 21.94 21.41
CA ASP D 100 9.28 23.15 20.59
C ASP D 100 9.43 22.87 19.11
N VAL D 101 9.74 21.62 18.74
CA VAL D 101 10.00 21.33 17.33
C VAL D 101 8.77 21.66 16.50
N GLU D 102 9.01 22.11 15.28
CA GLU D 102 7.95 22.49 14.37
C GLU D 102 7.12 21.26 13.96
N PRO D 103 5.83 21.46 13.69
CA PRO D 103 4.98 20.33 13.27
C PRO D 103 5.48 19.62 12.03
N CYS D 104 6.32 20.26 11.22
CA CYS D 104 6.90 19.59 10.06
C CYS D 104 7.80 18.45 10.46
N CYS D 105 8.36 18.49 11.67
CA CYS D 105 9.33 17.52 12.15
C CYS D 105 8.83 16.66 13.30
N TRP D 106 7.73 17.06 13.92
CA TRP D 106 7.25 16.37 15.12
C TRP D 106 6.95 14.91 14.84
N MET D 107 6.28 14.59 13.73
CA MET D 107 5.90 13.20 13.53
C MET D 107 7.09 12.30 13.24
N THR D 108 8.09 12.79 12.51
CA THR D 108 9.29 11.97 12.30
C THR D 108 10.11 11.85 13.57
N TYR D 109 10.18 12.92 14.35
CA TYR D 109 10.94 12.96 15.59
C TYR D 109 10.33 12.02 16.62
N ARG D 110 9.14 12.36 17.11
CA ARG D 110 8.45 11.55 18.10
C ARG D 110 7.84 10.32 17.44
N GLN D 111 8.70 9.44 16.92
CA GLN D 111 8.25 8.20 16.30
C GLN D 111 8.78 6.98 17.02
N HIS D 112 10.10 6.88 17.19
CA HIS D 112 10.63 5.76 17.95
C HIS D 112 10.15 5.79 19.38
N ARG D 113 10.00 6.97 19.97
CA ARG D 113 9.61 7.00 21.36
C ARG D 113 8.14 6.66 21.51
N ASP D 114 7.34 6.94 20.50
CA ASP D 114 5.95 6.49 20.51
C ASP D 114 5.87 4.97 20.38
N ALA D 115 6.56 4.41 19.39
CA ALA D 115 6.58 2.96 19.24
C ALA D 115 7.10 2.26 20.49
N GLU D 116 8.20 2.78 21.06
CA GLU D 116 8.75 2.19 22.27
C GLU D 116 7.78 2.27 23.44
N GLU D 117 7.14 3.43 23.62
CA GLU D 117 6.20 3.57 24.73
C GLU D 117 5.02 2.64 24.56
N ALA D 118 4.56 2.43 23.32
CA ALA D 118 3.42 1.54 23.10
C ALA D 118 3.81 0.09 23.31
N LEU D 119 5.02 -0.29 22.90
CA LEU D 119 5.46 -1.66 23.10
C LEU D 119 5.83 -1.97 24.54
N ASP D 120 5.84 -0.97 25.42
CA ASP D 120 6.09 -1.21 26.83
C ASP D 120 4.91 -0.74 27.68
N ARG D 170 5.92 -22.23 51.20
CA ARG D 170 6.59 -21.20 50.43
C ARG D 170 7.85 -21.73 49.76
N ARG D 171 8.39 -22.82 50.30
CA ARG D 171 9.60 -23.41 49.75
C ARG D 171 9.33 -24.02 48.38
N TRP D 172 8.21 -24.71 48.23
CA TRP D 172 7.82 -25.34 46.98
C TRP D 172 6.98 -24.43 46.09
N GLN D 173 6.76 -23.17 46.49
CA GLN D 173 6.00 -22.25 45.66
C GLN D 173 6.67 -21.94 44.32
N PRO D 174 7.99 -21.81 44.20
CA PRO D 174 8.56 -21.67 42.85
C PRO D 174 8.24 -22.85 41.96
N ARG D 175 8.22 -24.06 42.53
CA ARG D 175 7.91 -25.25 41.73
C ARG D 175 6.43 -25.34 41.41
N ILE D 176 5.57 -24.92 42.33
CA ILE D 176 4.15 -24.80 42.03
C ILE D 176 3.93 -23.84 40.86
N TRP D 177 4.45 -22.61 41.00
CA TRP D 177 4.26 -21.59 39.98
C TRP D 177 4.97 -21.92 38.67
N ALA D 178 5.92 -22.86 38.68
CA ALA D 178 6.61 -23.23 37.46
C ALA D 178 5.70 -23.84 36.40
N LEU D 179 4.45 -24.14 36.74
CA LEU D 179 3.52 -24.70 35.76
C LEU D 179 2.81 -23.60 34.97
N PHE D 180 2.95 -22.34 35.38
CA PHE D 180 2.38 -21.21 34.68
C PHE D 180 3.42 -20.31 34.03
N GLU D 181 4.69 -20.49 34.34
CA GLU D 181 5.73 -19.69 33.71
C GLU D 181 5.86 -20.07 32.24
N ASP D 182 6.81 -19.42 31.56
CA ASP D 182 7.00 -19.66 30.14
C ASP D 182 7.37 -21.14 29.92
N PRO D 183 6.95 -21.70 28.79
CA PRO D 183 7.28 -23.12 28.53
C PRO D 183 8.78 -23.37 28.44
N TYR D 184 9.49 -22.53 27.69
CA TYR D 184 10.93 -22.65 27.55
C TYR D 184 11.70 -22.42 28.85
N SER D 185 11.05 -21.90 29.89
CA SER D 185 11.73 -21.62 31.14
C SER D 185 12.09 -22.87 31.92
N SER D 186 11.61 -24.03 31.51
CA SER D 186 11.92 -25.30 32.17
C SER D 186 11.51 -26.42 31.23
N ARG D 187 11.58 -27.66 31.71
CA ARG D 187 11.12 -28.83 30.98
C ARG D 187 9.70 -29.22 31.38
N TYR D 188 9.45 -29.31 32.68
CA TYR D 188 8.08 -29.47 33.18
C TYR D 188 7.17 -28.39 32.63
N ALA D 189 7.65 -27.15 32.55
CA ALA D 189 6.84 -26.07 32.02
C ALA D 189 6.43 -26.35 30.58
N ARG D 190 7.39 -26.73 29.73
CA ARG D 190 7.08 -27.00 28.34
C ARG D 190 6.15 -28.20 28.21
N TYR D 191 6.34 -29.22 29.06
CA TYR D 191 5.46 -30.38 29.03
C TYR D 191 4.03 -30.00 29.38
N VAL D 192 3.85 -29.26 30.49
CA VAL D 192 2.52 -28.83 30.89
C VAL D 192 1.89 -27.93 29.82
N ALA D 193 2.71 -27.11 29.15
CA ALA D 193 2.19 -26.26 28.10
C ALA D 193 1.67 -27.10 26.92
N PHE D 194 2.46 -28.10 26.50
CA PHE D 194 1.99 -29.00 25.45
C PHE D 194 0.70 -29.70 25.86
N ALA D 195 0.62 -30.13 27.12
CA ALA D 195 -0.58 -30.85 27.56
C ALA D 195 -1.80 -29.95 27.55
N SER D 196 -1.66 -28.72 28.05
CA SER D 196 -2.77 -27.78 28.00
C SER D 196 -3.14 -27.43 26.57
N LEU D 197 -2.16 -27.41 25.67
CA LEU D 197 -2.48 -27.20 24.25
C LEU D 197 -3.33 -28.33 23.71
N PHE D 198 -2.91 -29.58 23.95
CA PHE D 198 -3.70 -30.73 23.54
C PHE D 198 -5.12 -30.66 24.08
N PHE D 199 -5.26 -30.29 25.35
CA PHE D 199 -6.59 -30.35 25.96
C PHE D 199 -7.48 -29.20 25.50
N ILE D 200 -6.91 -28.02 25.28
CA ILE D 200 -7.70 -26.93 24.71
C ILE D 200 -8.17 -27.28 23.31
N LEU D 201 -7.28 -27.86 22.49
CA LEU D 201 -7.69 -28.26 21.15
C LEU D 201 -8.78 -29.34 21.20
N VAL D 202 -8.68 -30.28 22.13
CA VAL D 202 -9.70 -31.32 22.25
C VAL D 202 -11.03 -30.71 22.66
N SER D 203 -11.02 -29.74 23.58
CA SER D 203 -12.26 -29.08 23.96
C SER D 203 -12.89 -28.36 22.78
N ILE D 204 -12.09 -27.63 22.01
CA ILE D 204 -12.64 -26.89 20.87
C ILE D 204 -13.22 -27.84 19.83
N THR D 205 -12.52 -28.95 19.56
CA THR D 205 -13.05 -29.90 18.59
C THR D 205 -14.33 -30.56 19.09
N THR D 206 -14.41 -30.88 20.38
CA THR D 206 -15.65 -31.42 20.93
C THR D 206 -16.79 -30.44 20.76
N PHE D 207 -16.55 -29.16 21.03
CA PHE D 207 -17.56 -28.14 20.83
C PHE D 207 -18.06 -28.13 19.37
N CYS D 208 -17.11 -27.98 18.44
CA CYS D 208 -17.47 -27.87 17.02
C CYS D 208 -18.17 -29.12 16.50
N LEU D 209 -17.83 -30.30 17.04
CA LEU D 209 -18.53 -31.51 16.61
C LEU D 209 -19.86 -31.68 17.32
N GLU D 210 -19.99 -31.13 18.53
CA GLU D 210 -21.25 -31.19 19.25
C GLU D 210 -22.32 -30.41 18.53
N THR D 211 -21.94 -29.33 17.85
CA THR D 211 -22.95 -28.57 17.10
C THR D 211 -23.34 -29.23 15.79
N HIS D 212 -22.75 -30.36 15.43
CA HIS D 212 -23.00 -31.01 14.15
C HIS D 212 -24.27 -31.86 14.20
N GLU D 213 -24.76 -32.21 13.00
CA GLU D 213 -25.94 -33.05 12.88
C GLU D 213 -25.62 -34.54 13.05
N ARG D 214 -24.54 -35.00 12.44
CA ARG D 214 -24.16 -36.41 12.50
C ARG D 214 -24.05 -36.90 13.94
N PHE D 215 -23.68 -36.04 14.87
CA PHE D 215 -23.50 -36.39 16.27
C PHE D 215 -24.70 -36.00 17.13
N ASN D 216 -25.80 -35.57 16.51
CA ASN D 216 -27.01 -35.19 17.24
C ASN D 216 -28.24 -35.85 16.61
N PRO D 217 -28.34 -37.17 16.67
CA PRO D 217 -29.57 -37.83 16.21
C PRO D 217 -30.69 -37.61 17.21
N ILE D 218 -31.92 -37.66 16.72
CA ILE D 218 -33.10 -37.48 17.55
C ILE D 218 -33.69 -38.86 17.84
N VAL D 219 -33.76 -39.20 19.13
CA VAL D 219 -34.25 -40.51 19.52
C VAL D 219 -35.77 -40.47 19.64
N ASN D 220 -36.38 -41.65 19.55
CA ASN D 220 -37.83 -41.79 19.65
C ASN D 220 -38.27 -41.88 21.11
N LYS D 221 -38.01 -40.81 21.84
CA LYS D 221 -38.29 -40.74 23.28
C LYS D 221 -39.42 -39.74 23.52
N THR D 222 -40.46 -40.19 24.20
CA THR D 222 -41.59 -39.33 24.54
C THR D 222 -41.93 -39.41 26.02
N TYR D 236 -42.47 -35.02 24.28
CA TYR D 236 -41.53 -34.15 23.59
C TYR D 236 -40.40 -34.98 22.97
N ARG D 237 -40.00 -34.62 21.75
CA ARG D 237 -38.95 -35.31 21.03
C ARG D 237 -37.94 -34.29 20.53
N GLU D 238 -36.69 -34.42 20.98
CA GLU D 238 -35.62 -33.52 20.59
C GLU D 238 -34.36 -34.33 20.35
N ALA D 239 -33.47 -33.77 19.52
CA ALA D 239 -32.18 -34.39 19.29
C ALA D 239 -31.34 -34.38 20.56
N GLU D 240 -30.60 -35.46 20.78
CA GLU D 240 -29.70 -35.56 21.91
C GLU D 240 -28.28 -35.82 21.42
N THR D 241 -27.32 -35.35 22.20
CA THR D 241 -25.91 -35.49 21.86
C THR D 241 -25.38 -36.83 22.37
N GLU D 242 -24.43 -37.38 21.63
CA GLU D 242 -23.85 -38.67 22.00
C GLU D 242 -23.13 -38.60 23.34
N ALA D 243 -23.07 -39.74 24.03
CA ALA D 243 -22.42 -39.81 25.32
C ALA D 243 -20.91 -39.58 25.21
N PHE D 244 -20.29 -40.00 24.11
CA PHE D 244 -18.85 -39.87 23.99
C PHE D 244 -18.40 -38.41 24.07
N LEU D 245 -19.18 -37.51 23.48
CA LEU D 245 -18.86 -36.09 23.59
C LEU D 245 -18.93 -35.62 25.03
N THR D 246 -19.96 -36.04 25.76
CA THR D 246 -20.08 -35.64 27.16
C THR D 246 -18.92 -36.20 27.99
N TYR D 247 -18.47 -37.42 27.69
CA TYR D 247 -17.34 -37.99 28.42
C TYR D 247 -16.07 -37.21 28.15
N ILE D 248 -15.81 -36.88 26.88
CA ILE D 248 -14.61 -36.10 26.56
C ILE D 248 -14.67 -34.74 27.22
N GLU D 249 -15.85 -34.12 27.23
CA GLU D 249 -16.00 -32.85 27.92
C GLU D 249 -15.70 -32.99 29.40
N GLY D 250 -16.19 -34.06 30.03
CA GLY D 250 -15.88 -34.29 31.43
C GLY D 250 -14.40 -34.43 31.69
N VAL D 251 -13.70 -35.17 30.83
CA VAL D 251 -12.25 -35.32 30.98
C VAL D 251 -11.56 -33.97 30.90
N CYS D 252 -11.91 -33.17 29.89
CA CYS D 252 -11.29 -31.87 29.73
C CYS D 252 -11.60 -30.96 30.91
N VAL D 253 -12.81 -31.05 31.45
CA VAL D 253 -13.16 -30.26 32.63
C VAL D 253 -12.36 -30.69 33.84
N VAL D 254 -12.15 -32.00 34.02
CA VAL D 254 -11.33 -32.46 35.12
C VAL D 254 -9.92 -31.89 35.01
N TRP D 255 -9.35 -31.92 33.80
CA TRP D 255 -7.98 -31.43 33.63
C TRP D 255 -7.90 -29.93 33.88
N PHE D 256 -8.85 -29.17 33.33
CA PHE D 256 -8.84 -27.73 33.51
C PHE D 256 -9.08 -27.35 34.96
N THR D 257 -9.94 -28.08 35.68
CA THR D 257 -10.13 -27.79 37.10
C THR D 257 -8.88 -28.11 37.90
N PHE D 258 -8.15 -29.17 37.53
CA PHE D 258 -6.89 -29.45 38.20
C PHE D 258 -5.89 -28.32 37.98
N GLU D 259 -5.75 -27.86 36.73
CA GLU D 259 -4.87 -26.74 36.45
C GLU D 259 -5.29 -25.49 37.22
N PHE D 260 -6.59 -25.20 37.23
CA PHE D 260 -7.08 -24.00 37.89
C PHE D 260 -6.86 -24.06 39.40
N LEU D 261 -7.04 -25.24 40.00
CA LEU D 261 -6.79 -25.38 41.43
C LEU D 261 -5.31 -25.25 41.75
N MET D 262 -4.44 -25.88 40.94
CA MET D 262 -3.01 -25.73 41.14
C MET D 262 -2.57 -24.28 41.01
N ARG D 263 -3.22 -23.52 40.11
CA ARG D 263 -2.86 -22.12 39.94
C ARG D 263 -3.49 -21.23 41.00
N VAL D 264 -4.57 -21.69 41.64
CA VAL D 264 -5.13 -20.97 42.77
C VAL D 264 -4.29 -21.18 44.03
N ILE D 265 -3.65 -22.35 44.14
CA ILE D 265 -2.76 -22.64 45.28
C ILE D 265 -1.84 -21.46 45.56
N PHE D 266 -1.21 -20.93 44.51
CA PHE D 266 -0.30 -19.79 44.62
C PHE D 266 -0.88 -18.66 43.78
N CYS D 267 -1.34 -17.60 44.44
CA CYS D 267 -1.98 -16.47 43.77
C CYS D 267 -1.50 -15.16 44.39
N PRO D 268 -0.26 -14.76 44.11
CA PRO D 268 0.22 -13.47 44.61
C PRO D 268 -0.53 -12.32 43.96
N ASN D 269 -0.76 -11.27 44.73
CA ASN D 269 -1.48 -10.08 44.28
C ASN D 269 -2.84 -10.47 43.71
N LYS D 270 -3.62 -11.17 44.55
CA LYS D 270 -4.88 -11.78 44.13
C LYS D 270 -5.83 -10.79 43.47
N VAL D 271 -5.68 -9.49 43.74
CA VAL D 271 -6.50 -8.49 43.07
C VAL D 271 -6.20 -8.47 41.58
N GLU D 272 -4.92 -8.46 41.22
CA GLU D 272 -4.57 -8.50 39.81
C GLU D 272 -4.81 -9.87 39.20
N PHE D 273 -4.73 -10.93 40.01
CA PHE D 273 -5.09 -12.26 39.52
C PHE D 273 -6.56 -12.32 39.13
N ILE D 274 -7.42 -11.69 39.91
CA ILE D 274 -8.84 -11.65 39.53
C ILE D 274 -9.04 -10.66 38.38
N LYS D 275 -8.24 -9.59 38.34
CA LYS D 275 -8.35 -8.65 37.23
C LYS D 275 -7.76 -9.22 35.94
N ASN D 276 -6.94 -10.27 36.04
CA ASN D 276 -6.34 -10.93 34.89
C ASN D 276 -7.46 -11.53 34.05
N SER D 277 -7.64 -11.02 32.82
CA SER D 277 -8.73 -11.48 31.98
C SER D 277 -8.65 -12.95 31.64
N LEU D 278 -7.44 -13.51 31.55
CA LEU D 278 -7.30 -14.92 31.18
C LEU D 278 -7.92 -15.82 32.23
N ASN D 279 -7.61 -15.59 33.51
CA ASN D 279 -8.23 -16.38 34.56
C ASN D 279 -9.73 -16.18 34.61
N ILE D 280 -10.20 -14.96 34.31
CA ILE D 280 -11.64 -14.72 34.22
C ILE D 280 -12.26 -15.64 33.17
N ILE D 281 -11.64 -15.68 31.99
CA ILE D 281 -12.15 -16.53 30.91
C ILE D 281 -12.12 -17.98 31.33
N ASP D 282 -11.05 -18.41 32.00
CA ASP D 282 -10.95 -19.79 32.46
C ASP D 282 -12.09 -20.14 33.42
N PHE D 283 -12.34 -19.27 34.38
CA PHE D 283 -13.39 -19.57 35.36
C PHE D 283 -14.77 -19.55 34.72
N VAL D 284 -15.04 -18.58 33.85
CA VAL D 284 -16.33 -18.52 33.17
C VAL D 284 -16.52 -19.75 32.29
N ALA D 285 -15.43 -20.24 31.67
CA ALA D 285 -15.53 -21.41 30.82
C ALA D 285 -15.74 -22.68 31.62
N ILE D 286 -15.18 -22.74 32.84
CA ILE D 286 -15.31 -23.93 33.66
C ILE D 286 -16.59 -23.90 34.49
N LEU D 287 -17.29 -22.78 34.54
CA LEU D 287 -18.53 -22.70 35.33
C LEU D 287 -19.65 -23.61 34.79
N PRO D 288 -19.93 -23.68 33.48
CA PRO D 288 -21.13 -24.42 33.05
C PRO D 288 -21.10 -25.89 33.40
N PHE D 289 -19.97 -26.56 33.21
CA PHE D 289 -19.92 -28.00 33.52
C PHE D 289 -20.12 -28.21 35.01
N TYR D 290 -19.39 -27.46 35.84
CA TYR D 290 -19.50 -27.60 37.28
C TYR D 290 -20.93 -27.31 37.73
N LEU D 291 -21.68 -26.52 36.97
CA LEU D 291 -23.06 -26.22 37.34
C LEU D 291 -24.01 -27.37 37.11
N GLU D 292 -23.53 -28.51 36.60
CA GLU D 292 -24.38 -29.68 36.43
C GLU D 292 -24.91 -30.16 37.78
N VAL D 293 -24.04 -30.20 38.79
CA VAL D 293 -24.48 -30.58 40.13
C VAL D 293 -25.38 -29.50 40.72
N GLY D 294 -25.02 -28.22 40.50
CA GLY D 294 -25.79 -27.14 41.11
C GLY D 294 -27.22 -27.04 40.60
N LEU D 295 -27.42 -27.27 39.30
CA LEU D 295 -28.76 -27.18 38.73
C LEU D 295 -29.67 -28.27 39.31
N SER D 300 -37.04 -25.91 39.16
CA SER D 300 -36.91 -26.39 37.79
C SER D 300 -37.20 -25.27 36.79
N LYS D 301 -38.00 -24.30 37.21
CA LYS D 301 -38.37 -23.20 36.32
C LYS D 301 -37.17 -22.30 36.05
N ALA D 302 -36.47 -21.89 37.11
CA ALA D 302 -35.22 -21.15 36.93
C ALA D 302 -34.17 -22.00 36.22
N ALA D 303 -34.22 -23.32 36.38
CA ALA D 303 -33.22 -24.18 35.76
C ALA D 303 -33.22 -24.06 34.24
N LYS D 304 -34.39 -23.84 33.63
CA LYS D 304 -34.44 -23.71 32.19
C LYS D 304 -33.77 -22.43 31.71
N ASP D 305 -34.02 -21.31 32.41
CA ASP D 305 -33.36 -20.06 32.07
C ASP D 305 -31.85 -20.15 32.29
N VAL D 306 -31.43 -20.83 33.37
CA VAL D 306 -29.99 -20.90 33.62
C VAL D 306 -29.31 -21.81 32.61
N LEU D 307 -29.99 -22.86 32.15
CA LEU D 307 -29.44 -23.66 31.05
C LEU D 307 -29.38 -22.86 29.76
N GLY D 308 -30.40 -22.06 29.49
CA GLY D 308 -30.39 -21.23 28.29
C GLY D 308 -29.24 -20.25 28.28
N PHE D 309 -28.98 -19.60 29.42
CA PHE D 309 -27.79 -18.74 29.52
C PHE D 309 -26.51 -19.56 29.63
N LEU D 310 -26.59 -20.83 30.02
CA LEU D 310 -25.40 -21.66 30.14
C LEU D 310 -24.88 -22.03 28.76
N ARG D 311 -25.77 -22.25 27.81
CA ARG D 311 -25.34 -22.41 26.42
C ARG D 311 -24.56 -21.18 25.95
N VAL D 312 -25.06 -19.99 26.27
CA VAL D 312 -24.40 -18.76 25.87
C VAL D 312 -23.06 -18.61 26.60
N VAL D 313 -22.96 -19.10 27.83
CA VAL D 313 -21.68 -19.08 28.52
C VAL D 313 -20.71 -20.05 27.86
N ARG D 314 -21.17 -21.27 27.58
CA ARG D 314 -20.36 -22.27 26.87
C ARG D 314 -19.83 -21.70 25.57
N PHE D 315 -20.59 -20.79 24.94
CA PHE D 315 -20.14 -20.11 23.73
C PHE D 315 -18.73 -19.54 23.87
N VAL D 316 -18.33 -19.16 25.08
CA VAL D 316 -16.99 -18.63 25.31
C VAL D 316 -15.91 -19.71 25.30
N ARG D 317 -16.29 -20.99 25.34
CA ARG D 317 -15.28 -22.05 25.45
C ARG D 317 -14.24 -22.01 24.33
N ILE D 318 -14.55 -21.35 23.21
CA ILE D 318 -13.52 -21.19 22.18
C ILE D 318 -12.50 -20.13 22.57
N LEU D 319 -12.81 -19.28 23.55
CA LEU D 319 -11.88 -18.23 23.95
C LEU D 319 -10.70 -18.75 24.75
N ARG D 320 -10.67 -20.04 25.08
CA ARG D 320 -9.51 -20.56 25.79
C ARG D 320 -8.28 -20.65 24.91
N ILE D 321 -8.42 -20.41 23.60
CA ILE D 321 -7.28 -20.47 22.70
C ILE D 321 -6.36 -19.28 22.91
N PHE D 322 -6.86 -18.19 23.47
CA PHE D 322 -6.01 -17.04 23.73
C PHE D 322 -5.02 -17.35 24.84
N LYS D 323 -5.36 -18.28 25.72
CA LYS D 323 -4.42 -18.70 26.75
C LYS D 323 -3.13 -19.21 26.12
N LEU D 324 -3.24 -19.98 25.04
CA LEU D 324 -2.06 -20.46 24.34
C LEU D 324 -1.44 -19.36 23.50
N THR D 325 -2.26 -18.65 22.72
CA THR D 325 -1.69 -17.69 21.78
C THR D 325 -1.16 -16.42 22.43
N ARG D 326 -1.31 -16.23 23.74
CA ARG D 326 -0.76 -15.02 24.36
C ARG D 326 0.75 -14.96 24.28
N HIS D 327 1.44 -16.12 24.31
CA HIS D 327 2.88 -16.15 24.25
C HIS D 327 3.44 -15.87 22.86
N PHE D 328 2.59 -15.72 21.86
CA PHE D 328 3.04 -15.38 20.52
C PHE D 328 3.40 -13.90 20.48
N VAL D 329 4.29 -13.54 19.56
CA VAL D 329 4.75 -12.16 19.45
C VAL D 329 3.81 -11.33 18.57
N GLY D 330 3.49 -11.83 17.38
CA GLY D 330 2.61 -11.09 16.49
C GLY D 330 1.29 -10.71 17.14
N LEU D 331 0.78 -11.55 18.04
CA LEU D 331 -0.48 -11.21 18.70
C LEU D 331 -0.31 -10.09 19.70
N ARG D 332 0.79 -10.07 20.46
CA ARG D 332 1.02 -8.93 21.34
C ARG D 332 1.21 -7.65 20.53
N VAL D 333 1.92 -7.74 19.41
CA VAL D 333 2.07 -6.57 18.55
C VAL D 333 0.72 -6.09 18.05
N LEU D 334 -0.17 -7.03 17.70
CA LEU D 334 -1.50 -6.65 17.23
C LEU D 334 -2.30 -6.01 18.35
N GLY D 335 -2.19 -6.52 19.56
CA GLY D 335 -2.88 -5.89 20.67
C GLY D 335 -2.40 -4.47 20.91
N HIS D 336 -1.09 -4.26 20.85
CA HIS D 336 -0.54 -2.91 21.00
C HIS D 336 -1.00 -2.00 19.87
N THR D 337 -1.03 -2.51 18.64
CA THR D 337 -1.50 -1.73 17.51
C THR D 337 -2.96 -1.30 17.70
N LEU D 338 -3.83 -2.25 18.05
CA LEU D 338 -5.22 -1.92 18.30
C LEU D 338 -5.33 -0.85 19.38
N ARG D 339 -4.73 -1.11 20.53
CA ARG D 339 -4.79 -0.15 21.64
C ARG D 339 -4.19 1.20 21.28
N ALA D 340 -3.34 1.28 20.27
CA ALA D 340 -2.68 2.52 19.88
C ALA D 340 -3.30 3.17 18.65
N SER D 341 -4.31 2.57 18.05
CA SER D 341 -4.95 3.10 16.85
C SER D 341 -6.45 3.23 17.07
N THR D 342 -6.85 3.67 18.26
CA THR D 342 -8.27 3.85 18.55
C THR D 342 -8.87 4.94 17.67
N ASN D 343 -8.14 6.05 17.48
CA ASN D 343 -8.67 7.15 16.69
C ASN D 343 -8.99 6.72 15.27
N GLU D 344 -8.10 5.96 14.64
CA GLU D 344 -8.36 5.52 13.28
C GLU D 344 -9.50 4.51 13.22
N PHE D 345 -9.69 3.73 14.26
CA PHE D 345 -10.83 2.82 14.29
C PHE D 345 -12.14 3.59 14.37
N LEU D 346 -12.19 4.61 15.23
CA LEU D 346 -13.37 5.45 15.30
C LEU D 346 -13.60 6.15 13.97
N LEU D 347 -12.53 6.59 13.31
CA LEU D 347 -12.65 7.22 12.00
C LEU D 347 -13.25 6.25 10.98
N LEU D 348 -12.75 5.01 10.97
CA LEU D 348 -13.27 4.02 10.03
C LEU D 348 -14.74 3.72 10.30
N ILE D 349 -15.13 3.62 11.57
CA ILE D 349 -16.52 3.32 11.89
C ILE D 349 -17.42 4.48 11.49
N ILE D 350 -16.99 5.71 11.71
CA ILE D 350 -17.79 6.86 11.29
C ILE D 350 -17.92 6.91 9.78
N PHE D 351 -16.83 6.71 9.05
CA PHE D 351 -16.90 6.70 7.60
C PHE D 351 -17.87 5.64 7.11
N LEU D 352 -17.77 4.43 7.65
CA LEU D 352 -18.64 3.34 7.23
C LEU D 352 -20.09 3.62 7.58
N ALA D 353 -20.35 4.21 8.75
CA ALA D 353 -21.73 4.49 9.13
C ALA D 353 -22.35 5.53 8.21
N LEU D 354 -21.63 6.62 7.94
CA LEU D 354 -22.15 7.63 7.02
C LEU D 354 -22.38 7.05 5.64
N GLY D 355 -21.40 6.31 5.11
CA GLY D 355 -21.57 5.72 3.80
C GLY D 355 -22.76 4.80 3.74
N VAL D 356 -22.89 3.92 4.74
CA VAL D 356 -23.99 2.96 4.78
C VAL D 356 -25.32 3.66 4.82
N LEU D 357 -25.48 4.64 5.71
CA LEU D 357 -26.75 5.35 5.81
C LEU D 357 -27.10 6.04 4.49
N ILE D 358 -26.16 6.82 3.95
CA ILE D 358 -26.45 7.59 2.75
C ILE D 358 -26.78 6.68 1.59
N PHE D 359 -25.98 5.64 1.38
CA PHE D 359 -26.20 4.78 0.22
C PHE D 359 -27.43 3.90 0.40
N ALA D 360 -27.77 3.52 1.62
CA ALA D 360 -29.01 2.79 1.83
C ALA D 360 -30.21 3.65 1.44
N THR D 361 -30.24 4.89 1.90
CA THR D 361 -31.32 5.79 1.51
C THR D 361 -31.36 5.99 0.00
N MET D 362 -30.20 6.23 -0.61
CA MET D 362 -30.15 6.50 -2.04
C MET D 362 -30.64 5.29 -2.84
N ILE D 363 -30.22 4.08 -2.48
CA ILE D 363 -30.62 2.92 -3.27
C ILE D 363 -32.10 2.61 -3.05
N TYR D 364 -32.60 2.78 -1.82
CA TYR D 364 -34.02 2.56 -1.58
C TYR D 364 -34.87 3.49 -2.42
N TYR D 365 -34.47 4.76 -2.55
CA TYR D 365 -35.25 5.68 -3.35
C TYR D 365 -35.03 5.48 -4.85
N ALA D 366 -33.81 5.13 -5.27
CA ALA D 366 -33.54 4.89 -6.67
C ALA D 366 -34.35 3.72 -7.20
N GLU D 367 -34.43 2.64 -6.43
CA GLU D 367 -35.10 1.43 -6.88
C GLU D 367 -36.62 1.58 -6.96
N ARG D 368 -37.19 2.64 -6.40
CA ARG D 368 -38.62 2.88 -6.49
C ARG D 368 -39.02 3.68 -7.71
N ILE D 369 -38.07 4.25 -8.44
CA ILE D 369 -38.40 5.04 -9.63
C ILE D 369 -39.09 4.15 -10.66
N GLY D 370 -38.52 2.99 -10.94
CA GLY D 370 -39.06 2.04 -11.88
C GLY D 370 -40.09 1.08 -11.33
N ALA D 371 -40.64 1.33 -10.14
CA ALA D 371 -41.65 0.44 -9.59
C ALA D 371 -42.88 0.37 -10.49
N GLN D 372 -43.38 -0.84 -10.69
CA GLN D 372 -44.57 -1.03 -11.50
C GLN D 372 -45.79 -0.45 -10.78
N PRO D 373 -46.65 0.29 -11.47
CA PRO D 373 -47.82 0.88 -10.78
C PRO D 373 -48.88 -0.15 -10.40
N ASN D 374 -48.86 -1.33 -11.02
CA ASN D 374 -49.89 -2.33 -10.73
C ASN D 374 -49.89 -2.78 -9.26
N ASP D 375 -48.73 -3.19 -8.76
CA ASP D 375 -48.67 -3.78 -7.43
C ASP D 375 -49.10 -2.79 -6.34
N PRO D 376 -49.92 -3.23 -5.38
CA PRO D 376 -50.33 -2.32 -4.30
C PRO D 376 -49.16 -1.83 -3.47
N SER D 377 -48.22 -2.72 -3.16
CA SER D 377 -47.04 -2.34 -2.39
C SER D 377 -46.13 -1.44 -3.22
N ALA D 378 -45.38 -0.59 -2.52
CA ALA D 378 -44.46 0.31 -3.21
C ALA D 378 -43.37 -0.45 -3.96
N SER D 379 -42.84 -1.51 -3.37
CA SER D 379 -41.76 -2.27 -3.98
C SER D 379 -42.06 -3.76 -3.87
N GLU D 380 -42.20 -4.41 -5.01
CA GLU D 380 -42.44 -5.85 -5.11
C GLU D 380 -41.33 -6.57 -5.87
N HIS D 381 -40.74 -5.92 -6.86
CA HIS D 381 -39.74 -6.50 -7.73
C HIS D 381 -38.31 -6.23 -7.29
N THR D 382 -38.12 -5.46 -6.22
CA THR D 382 -36.80 -5.07 -5.74
C THR D 382 -36.52 -5.71 -4.39
N HIS D 383 -35.25 -6.04 -4.16
CA HIS D 383 -34.84 -6.51 -2.84
C HIS D 383 -34.87 -5.39 -1.81
N PHE D 384 -34.85 -4.13 -2.26
CA PHE D 384 -34.76 -2.98 -1.38
C PHE D 384 -36.15 -2.49 -0.99
N LYS D 385 -36.80 -3.30 -0.18
CA LYS D 385 -38.14 -3.00 0.29
C LYS D 385 -38.16 -1.95 1.39
N ASN D 386 -37.01 -1.67 2.01
CA ASN D 386 -36.92 -0.65 3.04
C ASN D 386 -35.45 -0.23 3.13
N ILE D 387 -35.15 0.64 4.10
CA ILE D 387 -33.81 1.21 4.20
C ILE D 387 -32.84 0.28 4.95
N PRO D 388 -33.20 -0.32 6.09
CA PRO D 388 -32.25 -1.22 6.76
C PRO D 388 -31.67 -2.33 5.89
N ILE D 389 -32.51 -2.96 5.08
CA ILE D 389 -32.01 -3.84 4.03
C ILE D 389 -30.96 -3.11 3.21
N GLY D 390 -31.17 -1.82 2.99
CA GLY D 390 -30.15 -1.01 2.35
C GLY D 390 -28.86 -0.98 3.13
N PHE D 391 -28.95 -0.94 4.46
CA PHE D 391 -27.73 -0.97 5.28
C PHE D 391 -26.92 -2.23 5.00
N TRP D 392 -27.60 -3.37 5.00
CA TRP D 392 -26.91 -4.64 4.74
C TRP D 392 -26.27 -4.64 3.35
N TRP D 393 -27.03 -4.28 2.32
CA TRP D 393 -26.49 -4.25 0.98
C TRP D 393 -25.32 -3.29 0.88
N ALA D 394 -25.41 -2.13 1.51
CA ALA D 394 -24.37 -1.12 1.43
C ALA D 394 -23.08 -1.60 2.07
N VAL D 395 -23.16 -2.32 3.18
CA VAL D 395 -21.94 -2.88 3.77
C VAL D 395 -21.32 -3.89 2.84
N VAL D 396 -22.13 -4.86 2.39
CA VAL D 396 -21.65 -5.92 1.52
C VAL D 396 -21.06 -5.38 0.23
N THR D 397 -21.56 -4.25 -0.24
CA THR D 397 -21.10 -3.66 -1.50
C THR D 397 -19.91 -2.74 -1.32
N MET D 398 -19.83 -2.01 -0.21
CA MET D 398 -18.70 -1.12 0.01
C MET D 398 -17.44 -1.90 0.36
N THR D 399 -17.56 -3.01 1.07
CA THR D 399 -16.37 -3.81 1.35
C THR D 399 -15.95 -4.67 0.16
N THR D 400 -16.51 -4.41 -1.04
CA THR D 400 -16.30 -5.22 -2.24
C THR D 400 -16.55 -6.70 -1.99
N LEU D 401 -17.38 -7.01 -1.01
CA LEU D 401 -17.73 -8.40 -0.76
C LEU D 401 -18.67 -8.91 -1.83
N GLY D 402 -19.85 -8.31 -1.93
CA GLY D 402 -20.75 -8.64 -3.01
C GLY D 402 -21.23 -10.06 -2.99
N TYR D 403 -22.07 -10.40 -2.02
CA TYR D 403 -22.64 -11.75 -1.99
C TYR D 403 -23.50 -12.00 -3.21
N GLY D 404 -24.37 -11.05 -3.54
CA GLY D 404 -25.33 -11.27 -4.59
C GLY D 404 -26.70 -11.68 -4.12
N ASP D 405 -26.94 -11.68 -2.81
CA ASP D 405 -28.28 -11.95 -2.32
C ASP D 405 -29.24 -10.84 -2.70
N MET D 406 -28.75 -9.59 -2.72
CA MET D 406 -29.53 -8.45 -3.16
C MET D 406 -28.62 -7.54 -3.97
N TYR D 407 -29.12 -7.08 -5.11
CA TYR D 407 -28.37 -6.25 -6.04
C TYR D 407 -29.37 -5.35 -6.76
N PRO D 408 -28.94 -4.19 -7.24
CA PRO D 408 -29.87 -3.32 -7.96
C PRO D 408 -30.33 -3.93 -9.27
N GLN D 409 -31.58 -3.63 -9.64
CA GLN D 409 -32.19 -4.12 -10.86
C GLN D 409 -32.86 -3.02 -11.67
N THR D 410 -32.45 -1.77 -11.48
CA THR D 410 -33.00 -0.64 -12.21
C THR D 410 -31.85 0.28 -12.57
N TRP D 411 -31.91 0.91 -13.74
CA TRP D 411 -30.80 1.74 -14.20
C TRP D 411 -30.38 2.76 -13.15
N SER D 412 -31.35 3.39 -12.48
CA SER D 412 -31.04 4.25 -11.35
C SER D 412 -30.38 3.48 -10.22
N GLY D 413 -30.90 2.29 -9.92
CA GLY D 413 -30.28 1.46 -8.91
C GLY D 413 -28.87 1.08 -9.26
N MET D 414 -28.62 0.82 -10.54
CA MET D 414 -27.27 0.45 -10.97
C MET D 414 -26.31 1.63 -10.86
N LEU D 415 -26.76 2.84 -11.20
CA LEU D 415 -25.93 4.01 -10.98
C LEU D 415 -25.56 4.15 -9.50
N VAL D 416 -26.56 4.09 -8.62
CA VAL D 416 -26.28 4.18 -7.18
C VAL D 416 -25.35 3.07 -6.73
N GLY D 417 -25.50 1.87 -7.31
CA GLY D 417 -24.65 0.76 -6.93
C GLY D 417 -23.20 0.98 -7.31
N ALA D 418 -22.95 1.50 -8.51
CA ALA D 418 -21.59 1.81 -8.92
C ALA D 418 -20.97 2.87 -8.01
N LEU D 419 -21.76 3.88 -7.67
CA LEU D 419 -21.27 4.90 -6.74
C LEU D 419 -20.93 4.29 -5.40
N CYS D 420 -21.77 3.38 -4.91
CA CYS D 420 -21.52 2.73 -3.63
C CYS D 420 -20.23 1.92 -3.66
N ALA D 421 -19.99 1.17 -4.73
CA ALA D 421 -18.78 0.37 -4.80
C ALA D 421 -17.54 1.25 -4.77
N LEU D 422 -17.52 2.32 -5.59
CA LEU D 422 -16.35 3.18 -5.63
C LEU D 422 -16.14 3.92 -4.31
N ALA D 423 -17.20 4.51 -3.75
CA ALA D 423 -17.08 5.21 -2.49
C ALA D 423 -16.66 4.27 -1.37
N GLY D 424 -17.08 3.02 -1.43
CA GLY D 424 -16.65 2.07 -0.42
C GLY D 424 -15.18 1.77 -0.51
N VAL D 425 -14.69 1.50 -1.72
CA VAL D 425 -13.26 1.31 -1.91
C VAL D 425 -12.48 2.49 -1.35
N LEU D 426 -12.94 3.71 -1.65
CA LEU D 426 -12.18 4.89 -1.23
C LEU D 426 -12.22 5.09 0.29
N THR D 427 -13.41 5.12 0.89
CA THR D 427 -13.49 5.37 2.32
C THR D 427 -13.09 4.18 3.16
N ILE D 428 -12.82 3.03 2.55
CA ILE D 428 -12.17 1.95 3.28
C ILE D 428 -10.66 2.06 3.16
N ALA D 429 -10.16 2.49 2.00
CA ALA D 429 -8.73 2.66 1.82
C ALA D 429 -8.21 3.96 2.40
N MET D 430 -9.06 4.80 2.99
CA MET D 430 -8.52 6.00 3.64
C MET D 430 -7.80 5.68 4.95
N PRO D 431 -8.47 5.13 6.02
CA PRO D 431 -7.79 4.97 7.32
C PRO D 431 -7.04 3.66 7.50
N VAL D 432 -7.43 2.63 6.75
CA VAL D 432 -6.79 1.33 6.88
C VAL D 432 -5.30 1.42 6.61
N PRO D 433 -4.80 2.19 5.64
CA PRO D 433 -3.34 2.31 5.50
C PRO D 433 -2.66 2.92 6.71
N VAL D 434 -3.30 3.88 7.39
CA VAL D 434 -2.74 4.39 8.63
C VAL D 434 -2.58 3.27 9.65
N ILE D 435 -3.64 2.48 9.83
CA ILE D 435 -3.58 1.37 10.79
C ILE D 435 -2.49 0.38 10.40
N VAL D 436 -2.38 0.09 9.11
CA VAL D 436 -1.40 -0.87 8.61
C VAL D 436 0.02 -0.36 8.86
N ASN D 437 0.25 0.94 8.67
CA ASN D 437 1.57 1.48 8.94
C ASN D 437 1.91 1.40 10.42
N ASN D 438 0.93 1.66 11.29
CA ASN D 438 1.16 1.48 12.71
C ASN D 438 1.60 0.06 13.02
N PHE D 439 0.88 -0.93 12.50
CA PHE D 439 1.25 -2.31 12.77
C PHE D 439 2.64 -2.62 12.22
N GLY D 440 2.97 -2.09 11.04
CA GLY D 440 4.27 -2.36 10.48
C GLY D 440 5.40 -1.82 11.33
N MET D 441 5.24 -0.60 11.84
CA MET D 441 6.27 -0.03 12.71
C MET D 441 6.42 -0.83 13.99
N TYR D 442 5.29 -1.19 14.62
CA TYR D 442 5.37 -1.93 15.87
C TYR D 442 5.96 -3.31 15.66
N TYR D 443 5.61 -3.96 14.56
CA TYR D 443 6.12 -5.30 14.29
C TYR D 443 7.60 -5.28 14.00
N SER D 444 8.07 -4.31 13.20
CA SER D 444 9.50 -4.22 12.95
C SER D 444 10.27 -3.96 14.23
N LEU D 445 9.75 -3.07 15.09
CA LEU D 445 10.47 -2.79 16.33
C LEU D 445 10.49 -3.99 17.25
N ALA D 446 9.37 -4.72 17.36
CA ALA D 446 9.33 -5.88 18.24
C ALA D 446 10.24 -6.99 17.73
N MET D 447 10.24 -7.23 16.42
CA MET D 447 11.13 -8.24 15.86
C MET D 447 12.59 -7.85 16.03
N ALA D 448 12.91 -6.57 15.89
CA ALA D 448 14.27 -6.12 16.16
C ALA D 448 14.68 -6.38 17.59
N LYS D 449 13.87 -5.89 18.55
CA LYS D 449 14.18 -6.09 19.96
C LYS D 449 14.23 -7.56 20.34
N GLN D 450 13.54 -8.43 19.61
CA GLN D 450 13.65 -9.85 19.88
C GLN D 450 14.94 -10.43 19.30
N LYS D 451 15.28 -10.03 18.07
CA LYS D 451 16.44 -10.59 17.39
C LYS D 451 17.74 -10.19 18.06
N LEU D 452 17.92 -8.90 18.31
CA LEU D 452 19.13 -8.35 18.90
C LEU D 452 19.55 -9.18 20.12
N PRO D 453 20.77 -9.72 20.13
CA PRO D 453 21.23 -10.49 21.29
C PRO D 453 21.41 -9.60 22.51
N LYS D 454 21.21 -10.21 23.68
CA LYS D 454 21.36 -9.47 24.93
C LYS D 454 22.72 -8.81 25.01
N LYS D 455 22.73 -7.50 25.25
CA LYS D 455 23.96 -6.73 25.30
C LYS D 455 24.63 -6.85 26.66
N LYS D 456 25.93 -6.54 26.68
CA LYS D 456 26.73 -6.52 27.90
C LYS D 456 27.21 -5.12 28.26
N LYS D 457 26.66 -4.09 27.64
CA LYS D 457 26.99 -2.69 27.92
C LYS D 457 28.50 -2.44 27.87
N LYS D 458 29.06 -2.63 26.68
CA LYS D 458 30.50 -2.47 26.48
C LYS D 458 31.01 -1.11 26.94
N HIS D 459 30.20 -0.07 26.79
CA HIS D 459 30.60 1.29 27.14
C HIS D 459 30.54 1.46 28.66
N ILE D 460 31.69 1.47 29.30
CA ILE D 460 31.78 1.75 30.73
C ILE D 460 31.79 3.27 30.93
N PRO D 461 30.68 3.87 31.35
CA PRO D 461 30.61 5.33 31.40
C PRO D 461 31.61 5.92 32.40
N ARG D 462 32.17 7.05 32.03
CA ARG D 462 33.12 7.75 32.88
C ARG D 462 32.41 8.34 34.09
N PRO D 463 33.09 8.46 35.23
CA PRO D 463 32.49 9.08 36.43
C PRO D 463 32.25 10.58 36.24
N PCF E . -20.34 -23.70 -19.17
P PCF E . -18.38 -24.08 -23.62
O11 PCF E . -17.16 -25.16 -23.92
O12 PCF E . -19.72 -24.77 -23.73
O13 PCF E . -18.20 -23.49 -22.08
O14 PCF E . -18.33 -22.92 -24.59
C11 PCF E . -19.35 -23.12 -21.37
C12 PCF E . -19.11 -23.30 -19.88
C13 PCF E . -21.04 -22.50 -18.74
C14 PCF E . -21.23 -24.50 -20.03
C15 PCF E . -20.00 -24.48 -18.00
C1 PCF E . -16.13 -24.83 -24.84
C2 PCF E . -14.87 -25.58 -24.46
C3 PCF E . -13.96 -25.80 -25.68
O31 PCF E . -14.24 -24.89 -26.74
O32 PCF E . -13.03 -24.10 -28.48
C31 PCF E . -13.08 -24.29 -27.31
C32 PCF E . -11.89 -23.85 -26.43
C33 PCF E . -11.04 -22.84 -27.21
C34 PCF E . -9.73 -22.52 -26.44
C35 PCF E . -10.06 -21.92 -25.06
C36 PCF E . -8.83 -21.13 -24.54
C37 PCF E . -8.53 -21.47 -23.06
C38 PCF E . -7.18 -20.83 -22.67
C39 PCF E . -6.90 -20.99 -21.17
C40 PCF E . -5.39 -20.81 -20.91
C41 PCF E . -5.12 -20.47 -19.44
C42 PCF E . -3.81 -21.11 -18.97
C43 PCF E . -3.84 -21.33 -17.46
O21 PCF E . -14.16 -24.86 -23.48
O22 PCF E . -15.15 -26.02 -21.80
C21 PCF E . -14.61 -25.02 -22.15
C22 PCF E . -14.43 -23.86 -21.14
C23 PCF E . -13.05 -23.19 -21.39
C24 PCF E . -12.60 -22.49 -20.10
C25 PCF E . -11.65 -21.33 -20.48
C26 PCF E . -11.73 -20.28 -19.35
C27 PCF E . -10.48 -19.38 -19.43
C28 PCF E . -10.39 -18.57 -18.11
C29 PCF E . -9.26 -17.54 -18.22
C30 PCF E . -7.92 -18.18 -17.82
C47 PCF E . -6.82 -17.16 -18.15
C48 PCF E . -5.88 -16.98 -16.96
C49 PCF E . -4.57 -16.33 -17.44
C50 PCF E . -4.18 -15.16 -16.52
N PCF F . -19.09 26.91 6.40
P PCF F . -17.84 23.30 7.88
O11 PCF F . -18.78 21.95 7.68
O12 PCF F . -17.50 23.88 6.53
O13 PCF F . -18.60 24.40 8.86
O14 PCF F . -16.57 22.88 8.55
C11 PCF F . -19.45 25.43 8.39
C12 PCF F . -18.63 26.56 7.74
C13 PCF F . -20.08 27.98 6.50
C14 PCF F . -17.96 27.38 5.59
C15 PCF F . -19.73 25.80 5.71
C1 PCF F . -18.15 20.82 7.11
C2 PCF F . -19.16 19.75 6.71
C3 PCF F . -19.64 19.93 5.26
O31 PCF F . -20.64 18.95 4.98
O32 PCF F . -21.19 19.99 3.05
C31 PCF F . -21.19 18.98 3.68
C32 PCF F . -21.78 17.69 3.07
C33 PCF F . -22.10 17.89 1.57
C34 PCF F . -23.09 16.81 1.09
C35 PCF F . -22.52 15.42 1.40
C36 PCF F . -22.88 14.39 0.31
C37 PCF F . -24.18 13.64 0.68
C38 PCF F . -25.31 14.04 -0.28
O21 PCF F . -18.61 18.47 6.91
O22 PCF F . -16.67 18.67 5.72
C21 PCF F . -17.61 18.00 6.01
C22 PCF F . -17.72 16.58 5.38
C23 PCF F . -17.06 16.58 3.99
C24 PCF F . -17.44 15.32 3.18
C25 PCF F . -18.50 14.46 3.93
C26 PCF F . -18.92 13.28 3.02
ZN ZN G . 17.86 17.60 -6.88
K K H . -13.06 -8.19 -3.34
K K I . -16.02 -10.08 -4.11
K K J . -18.24 -11.52 -4.68
N PCF K . -34.58 -10.82 5.30
P PCF K . -35.73 -9.95 9.96
O11 PCF K . -36.32 -8.47 10.42
O12 PCF K . -36.87 -10.81 9.44
O13 PCF K . -34.63 -9.72 8.75
O14 PCF K . -35.06 -10.64 11.11
C11 PCF K . -34.48 -10.72 7.78
C12 PCF K . -34.04 -10.10 6.46
C13 PCF K . -33.66 -11.88 4.92
C14 PCF K . -35.89 -11.40 5.60
C15 PCF K . -34.72 -9.92 4.19
C1 PCF K . -35.98 -7.95 11.69
C2 PCF K . -36.04 -6.42 11.62
C3 PCF K . -36.31 -5.82 13.01
O31 PCF K . -35.99 -6.70 14.08
O32 PCF K . -35.47 -6.41 16.26
C31 PCF K . -35.26 -6.11 15.13
C32 PCF K . -34.12 -5.09 14.83
C33 PCF K . -33.20 -4.99 16.07
C34 PCF K . -32.18 -3.85 15.90
C35 PCF K . -31.30 -4.10 14.66
C36 PCF K . -29.99 -3.28 14.78
C37 PCF K . -29.66 -2.54 13.48
C38 PCF K . -28.47 -1.59 13.72
C39 PCF K . -27.97 -0.94 12.41
C40 PCF K . -27.17 0.32 12.76
C41 PCF K . -26.27 0.74 11.58
C42 PCF K . -26.18 2.26 11.47
C43 PCF K . -25.86 2.67 10.04
O21 PCF K . -34.81 -5.93 11.14
O22 PCF K . -35.58 -5.87 9.01
C21 PCF K . -34.65 -5.96 9.73
C22 PCF K . -33.22 -6.10 9.13
C23 PCF K . -32.23 -5.28 9.99
C24 PCF K . -31.00 -4.92 9.11
C25 PCF K . -29.79 -4.73 10.05
C26 PCF K . -28.52 -5.03 9.22
C27 PCF K . -27.31 -4.36 9.92
C28 PCF K . -26.12 -4.38 8.93
C29 PCF K . -24.86 -3.90 9.65
C30 PCF K . -24.76 -2.37 9.62
C47 PCF K . -23.61 -1.96 10.53
C48 PCF K . -22.68 -0.97 9.81
C49 PCF K . -21.80 -0.25 10.86
C50 PCF K . -20.33 -0.25 10.41
N PCF L . 18.38 -27.31 -6.53
P PCF L . 16.25 -24.25 -8.23
O11 PCF L . 14.67 -24.48 -8.67
O12 PCF L . 16.40 -24.51 -6.75
O13 PCF L . 17.26 -25.19 -9.15
O14 PCF L . 16.60 -22.80 -8.49
C11 PCF L . 17.67 -26.49 -8.79
C12 PCF L . 18.72 -26.44 -7.67
C13 PCF L . 18.97 -28.62 -6.74
C14 PCF L . 18.92 -26.72 -5.30
C15 PCF L . 16.95 -27.50 -6.38
C1 PCF L . 13.73 -23.54 -8.17
C2 PCF L . 12.28 -24.01 -8.40
C3 PCF L . 11.76 -24.82 -7.21
O31 PCF L . 10.46 -25.29 -7.52
O32 PCF L . 10.47 -26.67 -5.73
C31 PCF L . 9.82 -26.07 -6.52
C32 PCF L . 8.27 -26.13 -6.46
C33 PCF L . 7.81 -26.82 -5.15
C34 PCF L . 6.35 -27.29 -5.30
C35 PCF L . 5.47 -26.08 -5.70
C36 PCF L . 4.07 -26.17 -5.04
C37 PCF L . 3.09 -26.85 -6.00
C38 PCF L . 2.67 -28.23 -5.44
O21 PCF L . 11.45 -22.90 -8.67
O22 PCF L . 11.93 -21.59 -6.85
C21 PCF L . 11.12 -22.02 -7.60
C22 PCF L . 9.63 -21.61 -7.38
C23 PCF L . 9.39 -21.36 -5.88
C24 PCF L . 7.87 -21.27 -5.55
C25 PCF L . 7.01 -21.63 -6.79
C26 PCF L . 5.52 -21.65 -6.37
ZN ZN M . 19.33 5.86 16.30
ZN ZN N . 25.92 2.28 -0.48
N PCF O . -22.40 -28.90 2.16
P PCF O . -19.77 -32.73 3.62
O11 PCF O . -19.53 -33.04 5.23
O12 PCF O . -21.09 -33.32 3.18
O13 PCF O . -19.80 -31.09 3.38
O14 PCF O . -18.64 -33.32 2.78
C11 PCF O . -20.59 -30.58 2.34
C12 PCF O . -21.07 -29.18 2.71
C13 PCF O . -22.26 -28.33 0.83
C14 PCF O . -23.22 -30.11 2.09
C15 PCF O . -23.08 -27.94 3.00
C1 PCF O . -18.29 -33.58 5.66
C2 PCF O . -18.05 -33.14 7.11
C3 PCF O . -17.14 -34.14 7.83
O31 PCF O . -16.37 -34.95 6.95
O32 PCF O . -14.44 -36.10 7.15
C31 PCF O . -15.00 -35.08 7.29
C32 PCF O . -14.21 -33.85 7.85
C33 PCF O . -12.71 -34.12 7.67
C34 PCF O . -11.87 -33.03 8.39
C35 PCF O . -12.18 -31.65 7.78
C36 PCF O . -11.03 -30.68 8.10
C37 PCF O . -11.55 -29.31 8.62
C38 PCF O . -10.35 -28.48 9.10
C39 PCF O . -10.79 -27.05 9.47
C40 PCF O . -9.72 -26.42 10.40
C41 PCF O . -9.83 -24.89 10.41
C42 PCF O . -9.51 -24.33 11.80
C43 PCF O . -10.20 -22.98 12.01
O21 PCF O . -17.43 -31.87 7.12
O22 PCF O . -19.44 -30.83 7.33
C21 PCF O . -18.31 -30.77 6.97
C22 PCF O . -17.78 -29.46 6.30
C23 PCF O . -16.33 -29.22 6.78
C24 PCF O . -16.02 -27.72 6.64
C25 PCF O . -14.49 -27.55 6.44
C26 PCF O . -14.26 -26.23 5.67
C27 PCF O . -12.81 -25.77 5.92
C28 PCF O . -12.69 -24.31 5.44
C29 PCF O . -11.21 -23.88 5.48
C30 PCF O . -10.84 -23.37 6.88
C47 PCF O . -9.32 -23.18 6.90
C48 PCF O . -8.97 -21.79 7.48
C49 PCF O . -7.49 -21.79 7.90
C50 PCF O . -6.80 -20.52 7.36
N PCF P . 2.07 8.95 -32.27
P PCF P . 0.09 9.65 -28.75
O11 PCF P . -1.35 8.89 -28.44
O12 PCF P . 1.16 8.61 -28.97
O13 PCF P . -0.06 10.70 -30.03
O14 PCF P . 0.47 10.45 -27.52
C11 PCF P . 0.19 10.34 -31.37
C12 PCF P . 1.70 10.23 -31.63
C13 PCF P . 2.04 9.12 -33.71
C14 PCF P . 3.41 8.58 -31.85
C15 PCF P . 1.15 7.87 -31.93
C1 PCF P . -1.45 8.19 -27.21
C2 PCF P . -2.69 7.30 -27.15
C3 PCF P . -2.40 5.89 -27.68
O31 PCF P . -3.61 5.14 -27.67
O32 PCF P . -2.65 3.49 -28.88
C31 PCF P . -3.52 3.81 -28.13
C32 PCF P . -4.55 2.76 -27.65
C33 PCF P . -4.10 1.33 -28.07
C34 PCF P . -5.31 0.37 -28.01
C35 PCF P . -5.92 0.42 -26.59
C36 PCF P . -6.45 -0.96 -26.16
C37 PCF P . -7.94 -1.10 -26.50
C38 PCF P . -8.13 -2.15 -27.62
O21 PCF P . -3.21 7.27 -25.84
O22 PCF P . -1.33 6.64 -24.69
C21 PCF P . -2.50 6.53 -24.85
C22 PCF P . -3.29 5.52 -23.94
C23 PCF P . -2.35 4.37 -23.54
C24 PCF P . -3.13 3.18 -22.92
C25 PCF P . -4.66 3.43 -23.01
C26 PCF P . -5.41 2.16 -22.49
ZN ZN Q . 11.26 21.16 10.05
N PCF R . -32.40 -5.67 -16.19
P PCF R . -34.23 -1.32 -17.43
O11 PCF R . -33.85 -0.61 -18.89
O12 PCF R . -35.38 -2.29 -17.63
O13 PCF R . -32.91 -2.15 -16.88
O14 PCF R . -34.62 -0.27 -16.42
C11 PCF R . -33.12 -3.30 -16.09
C12 PCF R . -31.96 -4.26 -16.29
C13 PCF R . -32.31 -6.10 -14.82
C14 PCF R . -33.77 -5.82 -16.68
C15 PCF R . -31.53 -6.50 -16.99
C1 PCF R . -33.72 0.79 -18.97
C2 PCF R . -32.74 1.13 -20.10
C3 PCF R . -33.02 2.53 -20.67
O31 PCF R . -33.75 3.35 -19.77
O32 PCF R . -33.96 5.60 -19.53
C31 PCF R . -33.23 4.67 -19.64
C32 PCF R . -31.69 4.91 -19.58
C33 PCF R . -31.43 6.31 -18.97
C34 PCF R . -29.94 6.67 -19.09
C35 PCF R . -29.07 5.64 -18.35
C36 PCF R . -27.70 6.27 -18.02
C37 PCF R . -26.54 5.32 -18.37
C38 PCF R . -25.19 6.08 -18.21
C39 PCF R . -23.99 5.13 -18.39
C40 PCF R . -22.74 5.96 -18.73
C41 PCF R . -21.46 5.18 -18.44
C42 PCF R . -20.38 5.51 -19.46
C43 PCF R . -19.39 4.34 -19.59
O21 PCF R . -31.42 1.08 -19.62
O22 PCF R . -31.17 -1.08 -20.29
C21 PCF R . -30.84 -0.22 -19.55
C22 PCF R . -29.75 -0.50 -18.48
C23 PCF R . -28.84 0.74 -18.34
C24 PCF R . -27.48 0.30 -17.78
C25 PCF R . -26.85 1.49 -17.03
C26 PCF R . -25.89 0.92 -15.97
C27 PCF R . -24.88 2.02 -15.57
C28 PCF R . -23.73 1.35 -14.78
C29 PCF R . -22.82 2.44 -14.20
C30 PCF R . -21.75 2.84 -15.25
C47 PCF R . -21.01 4.06 -14.69
C48 PCF R . -19.49 3.86 -14.79
C49 PCF R . -18.80 5.22 -14.65
C50 PCF R . -17.64 5.13 -13.64
N PCF S . -2.74 -9.45 32.00
P PCF S . -1.65 -10.69 28.26
O11 PCF S . -2.72 -11.52 27.30
O12 PCF S . -2.23 -9.34 28.62
O13 PCF S . -1.24 -11.59 29.59
O14 PCF S . -0.38 -10.47 27.45
C11 PCF S . -1.92 -11.51 30.83
C12 PCF S . -1.56 -10.22 31.57
C13 PCF S . -3.12 -9.87 33.34
C14 PCF S . -2.42 -8.03 32.02
C15 PCF S . -3.89 -9.68 31.15
C1 PCF S . -2.92 -11.01 26.00
C2 PCF S . -4.14 -11.67 25.32
C3 PCF S . -5.43 -10.89 25.58
O31 PCF S . -6.51 -11.59 25.00
O32 PCF S . -8.01 -10.28 26.08
C31 PCF S . -7.79 -11.00 25.16
C32 PCF S . -8.91 -11.30 24.13
C33 PCF S . -10.12 -10.37 24.35
C34 PCF S . -11.37 -10.97 23.67
C35 PCF S . -11.06 -11.19 22.18
C36 PCF S . -12.29 -10.92 21.29
C37 PCF S . -13.08 -12.22 21.05
C38 PCF S . -14.44 -12.16 21.77
O21 PCF S . -3.90 -11.80 23.93
O22 PCF S . -3.35 -9.64 23.40
C21 PCF S . -3.93 -10.63 23.11
C22 PCF S . -4.76 -10.66 21.79
C23 PCF S . -5.28 -9.22 21.50
C24 PCF S . -6.37 -9.24 20.41
C25 PCF S . -6.76 -10.68 20.01
C26 PCF S . -7.94 -10.63 19.00
K K T . -21.18 -13.33 -5.44
#